data_7TDT
#
_entry.id   7TDT
#
_cell.length_a   1.00
_cell.length_b   1.00
_cell.length_c   1.00
_cell.angle_alpha   90.00
_cell.angle_beta   90.00
_cell.angle_gamma   90.00
#
_symmetry.space_group_name_H-M   'P 1'
#
_entity_poly.entity_id   1
_entity_poly.type   'polypeptide(L)'
_entity_poly.pdbx_seq_one_letter_code
;GGGASEFVDMACWPQLRLLLWKNLTFRRRQTCQLLLEVAWPLFIFLILISVRLSYPPYEQHECHFPNKAMPSAGTLPWVQ
GIICNANNPCFRYPTPGEAPGVVGNFNKSIVARLFSDARRLLLYSQKDTSMKDMRKVLRTLQQIKKSSSNLKLQDFLVDN
ETFSGFLYHNLSLPKSTVDKMLRADVILHKVFLQGYQLHLTSLCNGSKSEEMIQLGDQEVSELCGLPREKLAAAERVLRS
NMDILKPILRTLNSTSPFPSKELAEATKTLLHSLGTLAQELFSMRSWSDMRQEVMFLTNVNSSSSSTQIYQAVSRIVCGH
PEGGGLKIKSLNWYEDNNYKALFGGNGTEEDAETFYDNSTTPYCNDLMKNLESSPLSRIIWKALKPLLVGKILYTPDTPA
TRQVMAEVNKTFQELAVFHDLEGMWEELSPKIWTFMENSQEMDLVRMLLDSRDNDHFWEQQLDGLDWTAQDIVAFLAKHP
EDVQSSNGSVYTWREAFNETNQAIRTISRFMECVNLNKLEPIATEVWLINKSMELLDERKFWAGIVFTGITPGSIELPHH
VKYKIRMDIDNVERTNKIKDGYWDPGPRADPFEDMRYVWGGFAYLQDVVEQAIIRVLTGTEKKTGVYMQQMPYPCYVDDI
FLRVMSRSMPLFMTLAWIYSVAVIIKGIVYEKEARLKETMRIMGLDNSILWFSWFISSLIPLLVSAGLLVVILKLGNLLP
YSDPSVVFVFLSVFAVVTILQCFLISTLFSRANLAAACGGIIYFTLYLPYVLCVAWQDYVGFTLKIFASLLSPVAFGFGC
EYFALFEEQGIGVQWDNLFESPVEEDGFNLTTSVSMMLFDTFLYGVMTWYIEAVFPGQYGIPRPWYFPCTKSYWFGEESD
EKSHPGSNQKRISEICMEEEPTHLKLGVSIQNLVKVYRDGMKVAVDGLALNFYEGQITSFLGHNGAGKTTTMSILTGLFP
PTSGTAYILGKDIRSEMSTIRQNLGVCPQHNVLFDMLTVEEHIWFYARLKGLSEKHVKAEMEQMALDVGLPSSKLKSKTS
QLSGGMQRKLSVALAFVGGSKVVILDEPTAGVDPYSRRGIWELLLKYRQGRTIILSTHHMDEADVLGDRIAIISHGKLCC
VGSSLFLKNQLGTGYYLTLVKKDVESSLSSCRNSSSTVSYLKKEDSVSQSSSDAGLGSDHESDTLTIDVSAISNLIRKHV
SEARLVEDIGHELTYVLPYEAAKEGAFVELFHEIDDRLSDLGISSYGISETTLEEIFLKVAEESGVDAETSDGTLPARRN
RRAFGDKQSCLRPFTEDDAADPNDSDIDPESRETDLLSGMDGKGSYQVKGWKLTQQQFVALLWKRLLIARRSRKGFFAQI
VLPAVFVCIALVFSLIVPPFGKYPSLELQPWMYNEQYTFVSNDAPEDTGTLELLNALTKDPGFGTRCMEGNPIPDTPCQA
GEEEWTTAPVPQTIMDLFQNGNWTMQNPSPACQCSSDKIKKMLPVCPPGAGGLPPPQRKQNTADILQDLTGRNISDYLVK
TYVQIIAKSLKNKIWVNEFRYGGFSLGVSNTQALPPSQEVNDAIKQMKKHLKLAKDSSADRFLNSLGRFMTGLDTKNNVK
VWFNNKGWHAISSFLNVINNAILRANLQKGENPSHYGITAFNHPLNLTKQQLSEVALMTTSVDVLVSICVIFAMSFVPAS
FVVFLIQERVSKAKHLQFISGVKPVIYWLSNFVWDMCNYVVPATLVIIIFICFQQKSYVSSTNLPVLALLLLLYGWSITP
LMYPASFVFKIPSTAYVVLTSVNLFIGINGSVATFVLELFTDNKLNNINDILKSVFLIFPHFCLGRGLIDMVKNQAMADA
LERFGENRFVSPLSWDLVGRNLFAMAVEGVVFFLITVLIQYRFFIRPRPVNAKLSPLNDEDEDVRRERQRILDGGGQNDI
LEIKELTKIYRRKRKPAVDRICVGIPPGECFGLLGVNGAGKSSTFKMLTGDTTVTRGDAFLNKNSILSNIHEVHQNMGYC
PQFDAITELLTGREHVEFFALLRGVPEKEVGKVGEWAIRKLGLVKYGEKYAGNYSGGNKRKLSTAMALIGGPPVVFLDEP
TTGMDPKARRFLWNCALSVVKEGRSVVLTSHSMEECEALCTRMAIMVNGRFRCLGSVQHLKNRFGDGYTIVVRIAGSNPD
LKPVQDFFGLAFPGSVLKEKHRNMLQYQLPSSLSSLARIFSILSQSKKRLHIEDYSVSQTTLDQVFVNFAKDQSDDDHLK
DLSLHKNQTVVDVAVLTSFLQDEKVKESYV
;
_entity_poly.pdbx_strand_id   A
#
# COMPACT_ATOMS: atom_id res chain seq x y z
N CYS A 12 46.60 -13.06 -2.47
CA CYS A 12 47.62 -12.31 -3.19
C CYS A 12 47.01 -11.03 -3.76
N TRP A 13 47.57 -9.88 -3.40
CA TRP A 13 46.94 -8.61 -3.73
C TRP A 13 46.80 -8.38 -5.22
N PRO A 14 47.82 -8.61 -6.05
CA PRO A 14 47.68 -8.28 -7.49
C PRO A 14 46.53 -8.98 -8.17
N GLN A 15 46.26 -10.26 -7.85
CA GLN A 15 45.16 -10.95 -8.52
C GLN A 15 43.81 -10.39 -8.08
N LEU A 16 43.67 -10.04 -6.81
CA LEU A 16 42.44 -9.38 -6.37
C LEU A 16 42.27 -8.03 -7.07
N ARG A 17 43.36 -7.28 -7.25
CA ARG A 17 43.29 -6.02 -7.97
C ARG A 17 42.85 -6.23 -9.41
N LEU A 18 43.38 -7.27 -10.06
CA LEU A 18 42.98 -7.57 -11.43
C LEU A 18 41.51 -7.98 -11.50
N LEU A 19 41.04 -8.74 -10.52
CA LEU A 19 39.62 -9.10 -10.48
C LEU A 19 38.76 -7.86 -10.32
N LEU A 20 39.16 -6.93 -9.45
CA LEU A 20 38.45 -5.67 -9.30
C LEU A 20 38.44 -4.89 -10.61
N TRP A 21 39.58 -4.87 -11.30
CA TRP A 21 39.66 -4.17 -12.59
C TRP A 21 38.68 -4.75 -13.59
N LYS A 22 38.64 -6.09 -13.70
CA LYS A 22 37.72 -6.70 -14.66
C LYS A 22 36.26 -6.47 -14.27
N ASN A 23 35.96 -6.51 -12.97
CA ASN A 23 34.59 -6.25 -12.53
C ASN A 23 34.16 -4.84 -12.89
N LEU A 24 35.02 -3.85 -12.63
CA LEU A 24 34.68 -2.47 -12.96
C LEU A 24 34.62 -2.25 -14.47
N THR A 25 35.45 -2.96 -15.25
CA THR A 25 35.32 -2.89 -16.69
C THR A 25 33.97 -3.42 -17.14
N PHE A 26 33.51 -4.52 -16.54
CA PHE A 26 32.17 -5.00 -16.82
C PHE A 26 31.12 -3.96 -16.47
N ARG A 27 31.27 -3.31 -15.31
CA ARG A 27 30.30 -2.31 -14.88
C ARG A 27 30.27 -1.10 -15.80
N ARG A 28 31.41 -0.73 -16.38
CA ARG A 28 31.51 0.52 -17.13
C ARG A 28 31.28 0.35 -18.62
N ARG A 29 31.97 -0.61 -19.25
CA ARG A 29 32.01 -0.65 -20.71
C ARG A 29 30.64 -0.80 -21.34
N GLN A 30 29.75 -1.60 -20.73
CA GLN A 30 28.42 -1.76 -21.30
C GLN A 30 27.69 -0.42 -21.40
N THR A 31 27.97 0.51 -20.49
CA THR A 31 27.48 1.88 -20.54
C THR A 31 25.94 1.98 -20.53
N CYS A 32 25.25 0.88 -20.26
CA CYS A 32 23.79 0.87 -20.21
C CYS A 32 23.26 0.55 -18.82
N GLN A 33 23.72 -0.54 -18.21
CA GLN A 33 23.24 -0.90 -16.88
C GLN A 33 23.66 0.12 -15.83
N LEU A 34 24.89 0.66 -15.96
CA LEU A 34 25.42 1.56 -14.93
C LEU A 34 24.63 2.85 -14.86
N LEU A 35 24.25 3.41 -16.01
CA LEU A 35 23.50 4.65 -16.02
C LEU A 35 22.16 4.47 -15.31
N LEU A 36 21.45 3.39 -15.62
CA LEU A 36 20.20 3.10 -14.92
C LEU A 36 20.44 2.87 -13.44
N GLU A 37 21.54 2.21 -13.09
CA GLU A 37 21.85 1.98 -11.68
C GLU A 37 22.01 3.29 -10.94
N VAL A 38 22.75 4.25 -11.52
CA VAL A 38 22.96 5.52 -10.83
C VAL A 38 21.66 6.31 -10.77
N ALA A 39 20.87 6.27 -11.86
CA ALA A 39 19.67 7.10 -11.93
C ALA A 39 18.50 6.56 -11.12
N TRP A 40 18.43 5.26 -10.89
CA TRP A 40 17.26 4.69 -10.21
C TRP A 40 17.12 5.23 -8.79
N PRO A 41 18.16 5.19 -7.93
CA PRO A 41 18.02 5.86 -6.64
C PRO A 41 17.69 7.33 -6.77
N LEU A 42 18.28 8.00 -7.76
CA LEU A 42 17.97 9.40 -8.00
C LEU A 42 16.51 9.57 -8.39
N PHE A 43 15.99 8.67 -9.24
CA PHE A 43 14.59 8.76 -9.64
C PHE A 43 13.66 8.59 -8.45
N ILE A 44 13.92 7.58 -7.61
CA ILE A 44 13.04 7.37 -6.46
C ILE A 44 13.15 8.53 -5.48
N PHE A 45 14.34 9.12 -5.33
CA PHE A 45 14.46 10.30 -4.48
C PHE A 45 13.69 11.47 -5.04
N LEU A 46 13.71 11.68 -6.36
CA LEU A 46 12.92 12.75 -6.94
C LEU A 46 11.43 12.53 -6.68
N ILE A 47 10.96 11.29 -6.84
CA ILE A 47 9.55 11.00 -6.56
C ILE A 47 9.23 11.29 -5.09
N LEU A 48 10.10 10.86 -4.19
CA LEU A 48 9.85 11.06 -2.77
C LEU A 48 9.85 12.54 -2.41
N ILE A 49 10.74 13.32 -3.01
CA ILE A 49 10.78 14.76 -2.75
C ILE A 49 9.53 15.43 -3.30
N SER A 50 9.05 14.98 -4.46
CA SER A 50 7.79 15.48 -4.98
C SER A 50 6.65 15.20 -4.01
N VAL A 51 6.62 13.98 -3.46
CA VAL A 51 5.58 13.65 -2.48
C VAL A 51 5.71 14.53 -1.25
N ARG A 52 6.94 14.75 -0.78
CA ARG A 52 7.16 15.58 0.40
C ARG A 52 6.65 17.00 0.17
N LEU A 53 7.09 17.64 -0.92
CA LEU A 53 6.64 18.98 -1.21
C LEU A 53 5.15 19.04 -1.50
N SER A 54 4.53 17.91 -1.85
CA SER A 54 3.08 17.83 -1.95
C SER A 54 2.40 17.66 -0.61
N TYR A 55 3.16 17.37 0.46
CA TYR A 55 2.61 17.17 1.80
C TYR A 55 3.42 18.00 2.79
N PRO A 56 3.24 19.32 2.78
CA PRO A 56 4.02 20.16 3.70
C PRO A 56 3.62 19.91 5.15
N PRO A 57 4.52 20.14 6.10
CA PRO A 57 4.15 19.97 7.51
C PRO A 57 3.08 20.97 7.92
N TYR A 58 2.24 20.58 8.87
CA TYR A 58 1.18 21.46 9.35
C TYR A 58 1.36 21.62 10.86
N GLU A 59 1.65 22.85 11.28
CA GLU A 59 1.93 23.16 12.68
C GLU A 59 0.75 23.89 13.29
N GLN A 60 0.27 23.41 14.44
CA GLN A 60 -0.84 24.02 15.15
C GLN A 60 -0.49 24.14 16.62
N HIS A 61 -0.98 25.20 17.25
CA HIS A 61 -0.74 25.46 18.65
C HIS A 61 -1.62 24.55 19.53
N GLU A 62 -1.26 24.49 20.80
CA GLU A 62 -2.11 23.80 21.78
C GLU A 62 -3.45 24.51 21.86
N CYS A 63 -4.53 23.74 22.01
CA CYS A 63 -5.85 24.36 22.11
C CYS A 63 -6.68 23.73 23.21
N HIS A 64 -7.33 24.59 23.97
CA HIS A 64 -8.34 24.23 24.95
C HIS A 64 -9.72 24.36 24.32
N PHE A 65 -10.65 23.55 24.80
CA PHE A 65 -11.97 23.48 24.21
C PHE A 65 -13.01 24.06 25.17
N PRO A 66 -13.96 24.86 24.69
CA PRO A 66 -14.97 25.40 25.60
C PRO A 66 -15.84 24.30 26.18
N ASN A 67 -16.30 24.51 27.41
CA ASN A 67 -17.08 23.50 28.10
C ASN A 67 -18.43 23.30 27.44
N LYS A 68 -18.81 22.05 27.25
CA LYS A 68 -20.13 21.67 26.73
C LYS A 68 -21.03 21.29 27.89
N ALA A 69 -22.27 21.76 27.86
CA ALA A 69 -23.23 21.53 28.91
C ALA A 69 -24.21 20.44 28.50
N MET A 70 -24.35 19.42 29.33
CA MET A 70 -25.35 18.38 29.14
C MET A 70 -26.71 18.85 29.65
N PRO A 71 -27.78 18.13 29.31
CA PRO A 71 -29.10 18.49 29.84
C PRO A 71 -29.16 18.52 31.37
N SER A 72 -28.33 17.73 32.06
CA SER A 72 -28.34 17.78 33.52
C SER A 72 -28.08 19.19 34.03
N ALA A 73 -27.27 19.96 33.30
CA ALA A 73 -27.03 21.35 33.65
C ALA A 73 -28.24 22.21 33.27
N GLY A 74 -28.10 23.52 33.40
CA GLY A 74 -29.19 24.41 33.04
C GLY A 74 -29.55 24.28 31.57
N THR A 75 -30.86 24.42 31.28
CA THR A 75 -31.31 24.33 29.90
C THR A 75 -30.75 25.47 29.06
N LEU A 76 -30.65 26.68 29.63
CA LEU A 76 -30.06 27.78 28.90
C LEU A 76 -28.59 27.52 28.56
N PRO A 77 -27.74 27.08 29.50
CA PRO A 77 -26.40 26.63 29.09
C PRO A 77 -26.43 25.53 28.05
N TRP A 78 -27.39 24.62 28.09
CA TRP A 78 -27.45 23.54 27.10
C TRP A 78 -27.70 24.10 25.70
N VAL A 79 -28.69 24.97 25.56
CA VAL A 79 -28.96 25.57 24.26
C VAL A 79 -27.76 26.38 23.79
N GLN A 80 -27.18 27.17 24.70
CA GLN A 80 -25.99 27.95 24.35
C GLN A 80 -24.88 27.06 23.83
N GLY A 81 -24.65 25.93 24.50
CA GLY A 81 -23.60 25.03 24.07
C GLY A 81 -23.87 24.43 22.70
N ILE A 82 -25.11 24.02 22.45
CA ILE A 82 -25.40 23.42 21.15
C ILE A 82 -25.27 24.46 20.03
N ILE A 83 -25.58 25.72 20.32
CA ILE A 83 -25.52 26.74 19.26
C ILE A 83 -24.14 27.38 19.16
N CYS A 84 -23.52 27.73 20.29
CA CYS A 84 -22.33 28.57 20.24
C CYS A 84 -21.08 27.76 19.92
N ASN A 85 -20.70 26.84 20.80
CA ASN A 85 -19.48 26.05 20.60
C ASN A 85 -19.80 24.71 19.96
N ALA A 86 -20.31 24.78 18.73
CA ALA A 86 -20.60 23.60 17.93
C ALA A 86 -19.45 23.23 17.00
N ASN A 87 -18.32 23.96 17.07
CA ASN A 87 -17.20 23.72 16.17
C ASN A 87 -15.92 23.29 16.88
N ASN A 88 -15.91 23.27 18.21
CA ASN A 88 -14.68 22.97 18.96
C ASN A 88 -13.58 23.91 18.46
N PRO A 89 -13.66 25.20 18.78
CA PRO A 89 -12.87 26.20 18.03
C PRO A 89 -11.36 26.09 18.21
N CYS A 90 -10.87 25.50 19.30
CA CYS A 90 -9.46 25.67 19.69
C CYS A 90 -9.10 27.13 19.97
N PHE A 91 -9.67 27.62 21.07
CA PHE A 91 -9.09 28.76 21.76
C PHE A 91 -7.77 28.34 22.38
N ARG A 92 -6.77 29.22 22.32
CA ARG A 92 -5.43 28.86 22.78
C ARG A 92 -5.37 28.83 24.30
N TYR A 93 -5.64 29.96 24.95
CA TYR A 93 -5.51 30.04 26.40
C TYR A 93 -6.59 29.20 27.09
N PRO A 94 -6.35 28.75 28.31
CA PRO A 94 -7.39 28.01 29.04
C PRO A 94 -8.62 28.87 29.26
N THR A 95 -9.77 28.35 28.83
CA THR A 95 -11.02 29.08 28.99
C THR A 95 -11.42 29.11 30.46
N PRO A 96 -12.32 30.04 30.83
CA PRO A 96 -12.73 30.12 32.24
C PRO A 96 -13.31 28.81 32.75
N GLY A 97 -13.96 28.02 31.90
CA GLY A 97 -14.49 26.74 32.33
C GLY A 97 -13.42 25.72 32.66
N GLU A 98 -12.22 25.86 32.07
CA GLU A 98 -11.13 24.95 32.38
C GLU A 98 -10.56 25.15 33.78
N ALA A 99 -10.92 26.24 34.46
CA ALA A 99 -10.40 26.49 35.79
C ALA A 99 -10.89 25.43 36.77
N PRO A 100 -10.07 25.07 37.76
CA PRO A 100 -10.51 24.05 38.72
C PRO A 100 -11.72 24.45 39.54
N GLY A 101 -11.99 25.75 39.67
CA GLY A 101 -13.09 26.21 40.49
C GLY A 101 -14.43 26.09 39.81
N VAL A 102 -15.26 27.12 39.94
CA VAL A 102 -16.60 27.10 39.34
C VAL A 102 -16.47 27.03 37.83
N VAL A 103 -17.25 26.15 37.21
CA VAL A 103 -17.24 25.99 35.76
C VAL A 103 -18.19 27.02 35.15
N GLY A 104 -18.05 27.25 33.85
CA GLY A 104 -18.91 28.17 33.13
C GLY A 104 -18.13 28.99 32.12
N ASN A 105 -18.75 29.24 30.97
CA ASN A 105 -18.15 30.06 29.92
C ASN A 105 -19.08 31.21 29.54
N PHE A 106 -20.38 30.97 29.64
CA PHE A 106 -21.38 31.97 29.24
C PHE A 106 -21.82 32.78 30.45
N ASN A 107 -20.91 33.65 30.89
CA ASN A 107 -21.19 34.54 32.02
C ASN A 107 -21.66 35.91 31.57
N LYS A 108 -21.04 36.47 30.53
CA LYS A 108 -21.40 37.77 29.99
C LYS A 108 -22.40 37.67 28.83
N SER A 109 -22.90 36.47 28.54
CA SER A 109 -23.81 36.30 27.42
C SER A 109 -25.07 37.14 27.62
N ILE A 110 -25.56 37.73 26.53
CA ILE A 110 -26.68 38.66 26.62
C ILE A 110 -27.95 37.93 27.04
N VAL A 111 -28.14 36.69 26.57
CA VAL A 111 -29.33 35.94 26.93
C VAL A 111 -29.35 35.64 28.43
N ALA A 112 -28.20 35.26 28.98
CA ALA A 112 -28.12 35.01 30.42
C ALA A 112 -28.40 36.29 31.20
N ARG A 113 -27.88 37.41 30.73
CA ARG A 113 -28.17 38.69 31.39
C ARG A 113 -29.66 39.00 31.35
N LEU A 114 -30.31 38.77 30.20
CA LEU A 114 -31.75 38.98 30.10
C LEU A 114 -32.49 38.12 31.11
N PHE A 115 -32.16 36.83 31.18
CA PHE A 115 -32.88 35.94 32.08
C PHE A 115 -32.67 36.32 33.54
N SER A 116 -31.43 36.63 33.91
CA SER A 116 -31.16 37.03 35.29
C SER A 116 -31.87 38.32 35.65
N ASP A 117 -31.83 39.31 34.74
CA ASP A 117 -32.51 40.57 34.99
C ASP A 117 -34.01 40.36 35.14
N ALA A 118 -34.60 39.54 34.26
CA ALA A 118 -36.03 39.27 34.34
C ALA A 118 -36.39 38.62 35.67
N ARG A 119 -35.60 37.61 36.08
CA ARG A 119 -35.89 36.93 37.33
C ARG A 119 -35.80 37.87 38.52
N ARG A 120 -34.70 38.64 38.59
CA ARG A 120 -34.53 39.54 39.74
C ARG A 120 -35.60 40.63 39.76
N LEU A 121 -35.94 41.17 38.59
CA LEU A 121 -36.96 42.21 38.53
C LEU A 121 -38.33 41.66 38.93
N LEU A 122 -38.66 40.44 38.49
CA LEU A 122 -39.92 39.83 38.90
C LEU A 122 -39.95 39.59 40.40
N LEU A 123 -38.83 39.14 40.98
CA LEU A 123 -38.78 38.93 42.41
C LEU A 123 -38.93 40.24 43.18
N TYR A 124 -38.28 41.30 42.70
CA TYR A 124 -38.27 42.56 43.43
C TYR A 124 -39.59 43.30 43.29
N SER A 125 -40.24 43.21 42.12
CA SER A 125 -41.45 43.98 41.87
C SER A 125 -42.55 43.64 42.86
N GLN A 126 -42.73 42.35 43.15
CA GLN A 126 -43.73 41.92 44.10
C GLN A 126 -43.26 42.00 45.55
N LYS A 127 -42.01 42.39 45.78
CA LYS A 127 -41.47 42.53 47.13
C LYS A 127 -40.81 43.89 47.34
N ASP A 128 -41.15 44.88 46.51
CA ASP A 128 -40.62 46.22 46.64
C ASP A 128 -41.49 47.13 47.51
N THR A 129 -42.56 46.59 48.10
CA THR A 129 -43.47 47.37 48.93
C THR A 129 -44.04 48.56 48.15
N SER A 130 -44.38 48.32 46.89
CA SER A 130 -44.98 49.34 46.03
C SER A 130 -46.46 49.12 45.78
N MET A 131 -46.84 47.94 45.28
CA MET A 131 -48.23 47.69 44.92
C MET A 131 -49.17 48.08 46.07
N LYS A 132 -48.87 47.61 47.27
CA LYS A 132 -49.64 48.03 48.44
C LYS A 132 -49.59 49.55 48.60
N ASP A 133 -48.45 50.16 48.24
CA ASP A 133 -48.29 51.59 48.45
C ASP A 133 -49.25 52.39 47.57
N MET A 134 -49.28 52.10 46.26
CA MET A 134 -50.23 52.82 45.42
C MET A 134 -51.67 52.40 45.71
N ARG A 135 -51.91 51.16 46.15
CA ARG A 135 -53.26 50.79 46.53
C ARG A 135 -53.75 51.63 47.70
N LYS A 136 -52.90 51.80 48.72
CA LYS A 136 -53.26 52.63 49.86
C LYS A 136 -53.40 54.09 49.46
N VAL A 137 -52.55 54.57 48.56
CA VAL A 137 -52.66 55.96 48.10
C VAL A 137 -53.98 56.19 47.39
N LEU A 138 -54.37 55.25 46.52
CA LEU A 138 -55.65 55.37 45.83
C LEU A 138 -56.82 55.29 46.81
N ARG A 139 -56.72 54.41 47.80
CA ARG A 139 -57.78 54.32 48.80
C ARG A 139 -57.91 55.61 49.59
N THR A 140 -56.78 56.24 49.94
CA THR A 140 -56.83 57.53 50.62
C THR A 140 -57.42 58.59 49.70
N LEU A 141 -57.07 58.57 48.42
CA LEU A 141 -57.63 59.55 47.48
C LEU A 141 -59.13 59.41 47.38
N GLN A 142 -59.63 58.17 47.32
CA GLN A 142 -61.07 57.94 47.24
C GLN A 142 -61.75 58.01 48.60
N GLN A 143 -61.00 58.17 49.68
CA GLN A 143 -61.55 58.33 51.03
C GLN A 143 -61.38 59.72 51.58
N ILE A 144 -60.17 60.29 51.49
CA ILE A 144 -59.93 61.62 52.05
C ILE A 144 -60.52 62.70 51.15
N LYS A 145 -60.01 62.80 49.92
CA LYS A 145 -60.55 63.73 48.94
C LYS A 145 -61.64 63.12 48.07
N LYS A 146 -61.88 61.82 48.19
CA LYS A 146 -62.94 61.15 47.45
C LYS A 146 -62.78 61.40 45.95
N SER A 147 -63.89 61.62 45.24
CA SER A 147 -63.85 61.81 43.78
C SER A 147 -63.30 63.21 43.50
N SER A 148 -61.97 63.30 43.43
CA SER A 148 -61.28 64.54 43.13
C SER A 148 -60.54 64.33 41.81
N SER A 149 -61.22 64.60 40.71
CA SER A 149 -60.70 64.38 39.37
C SER A 149 -60.48 65.72 38.68
N ASN A 150 -59.25 65.97 38.24
CA ASN A 150 -58.89 67.24 37.60
C ASN A 150 -58.49 66.94 36.15
N LEU A 151 -59.49 66.93 35.27
CA LEU A 151 -59.27 66.86 33.83
C LEU A 151 -59.34 68.26 33.23
N LYS A 152 -58.87 68.37 31.99
CA LYS A 152 -58.62 69.69 31.40
C LYS A 152 -59.86 70.57 31.45
N LEU A 153 -61.05 69.98 31.42
CA LEU A 153 -62.29 70.73 31.50
C LEU A 153 -63.24 70.19 32.57
N GLN A 154 -62.75 69.37 33.50
CA GLN A 154 -63.61 68.79 34.54
C GLN A 154 -62.84 68.82 35.86
N ASP A 155 -63.09 69.86 36.66
CA ASP A 155 -62.45 69.98 37.98
C ASP A 155 -63.47 69.59 39.05
N PHE A 156 -63.62 68.28 39.24
CA PHE A 156 -64.45 67.75 40.31
C PHE A 156 -63.62 67.70 41.58
N LEU A 157 -64.01 68.46 42.60
CA LEU A 157 -63.24 68.59 43.82
C LEU A 157 -64.15 68.34 45.01
N VAL A 158 -63.74 67.41 45.88
CA VAL A 158 -64.50 67.06 47.07
C VAL A 158 -63.52 67.15 48.25
N ASP A 159 -63.49 68.31 48.91
CA ASP A 159 -62.61 68.52 50.05
C ASP A 159 -63.39 69.16 51.20
N ASN A 160 -62.66 69.58 52.24
CA ASN A 160 -63.27 70.27 53.37
C ASN A 160 -63.37 71.77 53.16
N GLU A 161 -63.38 72.23 51.91
CA GLU A 161 -63.48 73.65 51.58
C GLU A 161 -62.29 74.43 52.12
N THR A 162 -61.12 73.79 52.19
CA THR A 162 -59.92 74.46 52.68
C THR A 162 -59.37 75.41 51.64
N PHE A 163 -58.91 74.87 50.52
CA PHE A 163 -58.45 75.68 49.38
C PHE A 163 -59.52 75.67 48.29
N SER A 164 -60.60 76.42 48.56
CA SER A 164 -61.72 76.56 47.63
C SER A 164 -62.15 75.19 47.11
N GLY A 165 -62.58 74.34 48.04
CA GLY A 165 -63.00 73.00 47.70
C GLY A 165 -64.38 72.95 47.06
N PHE A 166 -64.50 73.47 45.86
CA PHE A 166 -65.77 73.56 45.14
C PHE A 166 -65.64 72.92 43.77
N LEU A 167 -66.80 72.63 43.16
CA LEU A 167 -66.87 71.95 41.88
C LEU A 167 -66.97 72.95 40.75
N TYR A 168 -66.32 72.63 39.63
CA TYR A 168 -66.39 73.43 38.42
C TYR A 168 -66.83 72.53 37.27
N HIS A 169 -67.78 73.02 36.47
CA HIS A 169 -68.35 72.26 35.37
C HIS A 169 -68.14 73.01 34.06
N ASN A 170 -68.12 72.25 32.96
CA ASN A 170 -67.93 72.79 31.62
C ASN A 170 -69.23 72.61 30.85
N LEU A 171 -70.10 73.62 30.91
CA LEU A 171 -71.39 73.63 30.24
C LEU A 171 -71.41 74.79 29.25
N SER A 172 -72.59 75.04 28.66
CA SER A 172 -72.75 76.16 27.73
C SER A 172 -72.26 77.46 28.37
N LEU A 173 -72.62 77.69 29.63
CA LEU A 173 -72.11 78.82 30.38
C LEU A 173 -71.07 78.37 31.39
N PRO A 174 -70.01 79.16 31.63
CA PRO A 174 -68.99 78.74 32.60
C PRO A 174 -69.56 78.74 34.02
N LYS A 175 -69.52 77.58 34.66
CA LYS A 175 -70.03 77.41 36.01
C LYS A 175 -68.87 77.43 37.00
N SER A 176 -68.93 78.34 37.96
CA SER A 176 -67.92 78.46 39.01
C SER A 176 -68.65 78.73 40.32
N THR A 177 -68.89 77.67 41.10
CA THR A 177 -69.65 77.80 42.34
C THR A 177 -68.76 78.28 43.47
N VAL A 178 -68.07 79.40 43.26
CA VAL A 178 -67.22 80.00 44.29
C VAL A 178 -67.64 81.45 44.49
N ASP A 179 -67.69 82.21 43.40
CA ASP A 179 -68.03 83.63 43.45
C ASP A 179 -68.72 83.99 42.13
N LYS A 180 -68.83 85.29 41.87
CA LYS A 180 -69.50 85.75 40.66
C LYS A 180 -68.86 85.15 39.42
N MET A 181 -69.65 84.40 38.65
CA MET A 181 -69.12 83.77 37.44
C MET A 181 -68.68 84.82 36.42
N LEU A 182 -69.48 85.87 36.24
CA LEU A 182 -69.25 86.94 35.27
C LEU A 182 -69.39 86.47 33.82
N ARG A 183 -69.73 85.20 33.60
CA ARG A 183 -69.90 84.66 32.26
C ARG A 183 -68.69 84.96 31.38
N SER A 207 -67.49 83.19 20.78
CA SER A 207 -68.54 83.86 21.54
C SER A 207 -68.06 84.19 22.94
N LYS A 208 -66.79 84.58 23.05
CA LYS A 208 -66.13 85.02 24.28
C LYS A 208 -66.29 84.02 25.42
N SER A 209 -66.69 82.79 25.13
CA SER A 209 -66.79 81.73 26.13
C SER A 209 -66.08 80.46 25.70
N GLU A 210 -66.13 80.11 24.42
CA GLU A 210 -65.49 78.89 23.95
C GLU A 210 -63.98 79.07 23.84
N GLU A 211 -63.51 80.30 23.64
CA GLU A 211 -62.06 80.53 23.52
C GLU A 211 -61.35 80.15 24.81
N MET A 212 -61.86 80.60 25.94
CA MET A 212 -61.24 80.25 27.22
C MET A 212 -61.40 78.77 27.53
N ILE A 213 -62.51 78.17 27.13
CA ILE A 213 -62.69 76.73 27.33
C ILE A 213 -61.60 75.97 26.57
N GLN A 214 -61.36 76.35 25.32
CA GLN A 214 -60.31 75.70 24.53
C GLN A 214 -58.94 75.96 25.13
N LEU A 215 -58.69 77.19 25.60
CA LEU A 215 -57.41 77.51 26.20
C LEU A 215 -57.16 76.66 27.44
N GLY A 216 -58.16 76.52 28.30
CA GLY A 216 -58.01 75.66 29.46
C GLY A 216 -57.83 74.21 29.07
N ASP A 217 -58.50 73.77 28.00
CA ASP A 217 -58.30 72.41 27.51
C ASP A 217 -56.87 72.21 27.02
N GLN A 218 -56.24 73.26 26.50
CA GLN A 218 -54.91 73.16 25.91
C GLN A 218 -53.81 73.52 26.91
N GLU A 219 -53.86 74.73 27.46
CA GLU A 219 -52.77 75.27 28.26
C GLU A 219 -53.04 75.03 29.75
N VAL A 220 -52.70 73.84 30.21
CA VAL A 220 -52.70 73.49 31.63
C VAL A 220 -51.41 72.74 31.92
N SER A 221 -50.64 73.25 32.88
CA SER A 221 -49.35 72.66 33.21
C SER A 221 -49.08 72.88 34.69
N GLU A 222 -47.82 72.68 35.09
CA GLU A 222 -47.47 72.76 36.52
C GLU A 222 -47.64 74.17 37.05
N LEU A 223 -47.09 75.16 36.35
CA LEU A 223 -47.10 76.54 36.83
C LEU A 223 -47.40 77.52 35.70
N CYS A 224 -48.21 77.12 34.73
CA CYS A 224 -48.58 77.97 33.60
C CYS A 224 -49.89 78.71 33.83
N GLY A 225 -50.47 78.62 35.02
CA GLY A 225 -51.74 79.28 35.26
C GLY A 225 -51.64 80.79 35.12
N LEU A 226 -50.66 81.41 35.78
CA LEU A 226 -50.51 82.85 35.67
C LEU A 226 -50.24 83.28 34.25
N PRO A 227 -49.29 82.69 33.51
CA PRO A 227 -49.16 83.02 32.09
C PRO A 227 -50.43 82.77 31.30
N ARG A 228 -51.19 81.72 31.63
CA ARG A 228 -52.42 81.43 30.90
C ARG A 228 -53.42 82.57 31.05
N GLU A 229 -53.71 82.96 32.30
CA GLU A 229 -54.70 84.01 32.54
C GLU A 229 -54.15 85.42 32.31
N LYS A 230 -52.85 85.56 32.07
CA LYS A 230 -52.28 86.87 31.74
C LYS A 230 -52.20 87.12 30.24
N LEU A 231 -52.30 86.07 29.42
CA LEU A 231 -52.20 86.19 27.97
C LEU A 231 -53.26 85.33 27.30
N ALA A 232 -54.47 85.31 27.86
CA ALA A 232 -55.57 84.51 27.30
C ALA A 232 -56.31 85.31 26.24
N ALA A 233 -55.66 85.42 25.08
CA ALA A 233 -56.25 86.11 23.92
C ALA A 233 -56.53 87.56 24.33
N ALA A 234 -57.66 88.15 23.92
CA ALA A 234 -57.96 89.54 24.19
C ALA A 234 -59.25 89.73 24.98
N GLU A 235 -59.74 88.67 25.63
CA GLU A 235 -60.95 88.74 26.45
C GLU A 235 -60.62 88.83 27.93
N ARG A 236 -59.53 89.51 28.27
CA ARG A 236 -59.08 89.62 29.66
C ARG A 236 -59.86 90.74 30.36
N VAL A 237 -59.38 91.12 31.55
CA VAL A 237 -59.92 92.24 32.31
C VAL A 237 -61.28 91.88 32.90
N LEU A 238 -62.27 91.66 32.03
CA LEU A 238 -63.63 91.42 32.52
C LEU A 238 -63.70 90.17 33.39
N ARG A 239 -63.03 89.10 32.97
CA ARG A 239 -63.08 87.82 33.68
C ARG A 239 -61.73 87.34 34.16
N SER A 240 -60.64 88.03 33.81
CA SER A 240 -59.31 87.55 34.18
C SER A 240 -59.14 87.49 35.69
N ASN A 241 -59.77 88.40 36.44
CA ASN A 241 -59.55 88.48 37.88
C ASN A 241 -59.92 87.17 38.57
N MET A 242 -61.10 86.64 38.28
CA MET A 242 -61.58 85.48 39.01
C MET A 242 -60.72 84.25 38.71
N ASP A 243 -60.49 83.97 37.43
CA ASP A 243 -59.75 82.79 37.02
C ASP A 243 -58.24 82.94 37.22
N ILE A 244 -57.76 84.14 37.56
CA ILE A 244 -56.36 84.30 37.92
C ILE A 244 -56.17 84.38 39.44
N LEU A 245 -57.22 84.64 40.20
CA LEU A 245 -57.16 84.56 41.65
C LEU A 245 -57.44 83.17 42.19
N LYS A 246 -58.34 82.42 41.55
CA LYS A 246 -58.58 81.05 42.02
C LYS A 246 -57.34 80.18 41.94
N PRO A 247 -56.56 80.19 40.85
CA PRO A 247 -55.32 79.40 40.83
C PRO A 247 -54.36 79.75 41.97
N ILE A 248 -54.33 81.02 42.39
CA ILE A 248 -53.43 81.39 43.49
C ILE A 248 -53.80 80.62 44.74
N LEU A 249 -55.09 80.53 45.05
CA LEU A 249 -55.55 79.76 46.21
C LEU A 249 -55.32 78.26 46.00
N ARG A 250 -55.57 77.77 44.79
CA ARG A 250 -55.42 76.34 44.53
C ARG A 250 -53.97 75.88 44.49
N THR A 251 -53.02 76.80 44.34
CA THR A 251 -51.58 76.50 44.29
C THR A 251 -51.26 75.36 43.33
N LEU A 252 -52.12 75.14 42.33
CA LEU A 252 -51.88 74.15 41.28
C LEU A 252 -51.37 72.82 41.85
N ASN A 253 -51.84 72.47 43.05
CA ASN A 253 -51.46 71.21 43.68
C ASN A 253 -49.95 71.06 43.78
N SER A 254 -49.26 72.17 44.04
CA SER A 254 -47.81 72.11 44.21
C SER A 254 -47.44 71.68 45.62
N THR A 255 -47.83 72.47 46.62
CA THR A 255 -47.67 72.10 48.02
C THR A 255 -48.98 71.72 48.68
N SER A 256 -50.08 71.74 47.93
CA SER A 256 -51.38 71.34 48.48
C SER A 256 -51.37 69.95 49.09
N PRO A 257 -50.71 68.94 48.51
CA PRO A 257 -50.80 67.58 49.07
C PRO A 257 -50.11 67.47 50.42
N PHE A 258 -50.57 68.24 51.40
CA PHE A 258 -50.11 68.12 52.78
C PHE A 258 -51.29 68.28 53.72
N PRO A 259 -52.41 67.59 53.50
CA PRO A 259 -53.54 67.75 54.43
C PRO A 259 -53.31 67.05 55.75
N SER A 260 -52.75 65.84 55.74
CA SER A 260 -52.49 65.08 56.94
C SER A 260 -51.08 64.51 56.87
N LYS A 261 -50.47 64.33 58.04
CA LYS A 261 -49.09 63.84 58.10
C LYS A 261 -48.97 62.42 57.55
N GLU A 262 -49.94 61.56 57.87
CA GLU A 262 -49.86 60.18 57.39
C GLU A 262 -49.97 60.12 55.86
N LEU A 263 -50.82 60.97 55.27
CA LEU A 263 -50.91 61.01 53.82
C LEU A 263 -49.62 61.50 53.19
N ALA A 264 -48.98 62.51 53.80
CA ALA A 264 -47.69 62.97 53.30
C ALA A 264 -46.64 61.87 53.39
N GLU A 265 -46.64 61.10 54.49
CA GLU A 265 -45.71 59.99 54.62
C GLU A 265 -45.99 58.94 53.55
N ALA A 266 -47.26 58.65 53.28
CA ALA A 266 -47.60 57.70 52.23
C ALA A 266 -47.10 58.17 50.87
N THR A 267 -47.28 59.47 50.57
CA THR A 267 -46.77 60.01 49.31
C THR A 267 -45.25 59.89 49.24
N LYS A 268 -44.56 60.19 50.34
CA LYS A 268 -43.11 60.12 50.33
C LYS A 268 -42.62 58.70 50.13
N THR A 269 -43.25 57.72 50.78
CA THR A 269 -42.83 56.34 50.62
C THR A 269 -43.14 55.82 49.21
N LEU A 270 -44.26 56.25 48.63
CA LEU A 270 -44.53 55.91 47.24
C LEU A 270 -43.47 56.50 46.32
N LEU A 271 -43.09 57.76 46.57
CA LEU A 271 -42.01 58.37 45.80
C LEU A 271 -40.75 57.54 45.89
N HIS A 272 -40.36 57.17 47.10
CA HIS A 272 -39.14 56.38 47.27
C HIS A 272 -39.23 55.03 46.57
N SER A 273 -40.37 54.35 46.71
CA SER A 273 -40.52 53.02 46.12
C SER A 273 -40.46 53.10 44.60
N LEU A 274 -41.15 54.07 44.00
CA LEU A 274 -41.14 54.17 42.55
C LEU A 274 -39.79 54.64 42.04
N GLY A 275 -39.08 55.48 42.81
CA GLY A 275 -37.72 55.83 42.44
C GLY A 275 -36.80 54.63 42.43
N THR A 276 -36.90 53.78 43.45
CA THR A 276 -36.09 52.56 43.48
C THR A 276 -36.46 51.63 42.33
N LEU A 277 -37.75 51.53 42.02
CA LEU A 277 -38.18 50.71 40.89
C LEU A 277 -37.59 51.22 39.59
N ALA A 278 -37.60 52.54 39.39
CA ALA A 278 -36.99 53.11 38.20
C ALA A 278 -35.49 52.85 38.17
N GLN A 279 -34.83 52.97 39.33
CA GLN A 279 -33.41 52.66 39.41
C GLN A 279 -33.14 51.24 38.93
N GLU A 280 -33.94 50.27 39.40
CA GLU A 280 -33.73 48.88 39.00
C GLU A 280 -33.99 48.68 37.51
N LEU A 281 -35.12 49.19 37.02
CA LEU A 281 -35.46 49.01 35.61
C LEU A 281 -34.53 49.76 34.67
N PHE A 282 -33.75 50.72 35.19
CA PHE A 282 -32.69 51.31 34.37
C PHE A 282 -31.38 50.54 34.50
N SER A 283 -31.10 50.00 35.69
CA SER A 283 -29.87 49.24 35.89
C SER A 283 -29.88 47.96 35.06
N MET A 284 -31.05 47.34 34.89
CA MET A 284 -31.11 46.14 34.07
C MET A 284 -30.59 46.43 32.66
N ARG A 285 -31.08 47.49 32.03
CA ARG A 285 -30.53 48.07 30.81
C ARG A 285 -30.37 47.06 29.68
N SER A 286 -31.02 45.90 29.76
CA SER A 286 -30.88 44.88 28.74
C SER A 286 -31.99 44.89 27.70
N TRP A 287 -33.16 45.43 28.04
CA TRP A 287 -34.24 45.53 27.06
C TRP A 287 -33.84 46.45 25.91
N SER A 288 -33.13 47.54 26.22
CA SER A 288 -32.66 48.43 25.16
C SER A 288 -31.73 47.68 24.21
N ASP A 289 -30.80 46.89 24.75
CA ASP A 289 -29.91 46.11 23.89
C ASP A 289 -30.70 45.10 23.06
N MET A 290 -31.64 44.39 23.68
CA MET A 290 -32.45 43.43 22.95
C MET A 290 -33.14 44.10 21.76
N ARG A 291 -33.78 45.24 22.02
CA ARG A 291 -34.39 46.00 20.93
C ARG A 291 -33.33 46.41 19.90
N GLN A 292 -32.11 46.70 20.35
CA GLN A 292 -31.06 47.12 19.43
C GLN A 292 -30.75 46.04 18.42
N GLU A 293 -30.47 44.81 18.89
CA GLU A 293 -30.22 43.75 17.91
C GLU A 293 -31.48 43.38 17.12
N VAL A 294 -32.66 43.51 17.73
CA VAL A 294 -33.89 43.20 16.99
C VAL A 294 -34.03 44.13 15.79
N MET A 295 -33.78 45.42 16.00
CA MET A 295 -33.84 46.37 14.88
C MET A 295 -32.64 46.20 13.95
N PHE A 296 -31.51 45.74 14.49
CA PHE A 296 -30.35 45.48 13.65
C PHE A 296 -30.64 44.39 12.62
N LEU A 297 -31.39 43.36 13.03
CA LEU A 297 -31.75 42.31 12.09
C LEU A 297 -32.55 42.87 10.93
N THR A 298 -33.48 43.78 11.20
CA THR A 298 -34.31 44.43 10.17
C THR A 298 -34.01 45.92 10.07
N ASN A 299 -32.72 46.28 10.17
CA ASN A 299 -32.35 47.68 10.13
C ASN A 299 -32.71 48.33 8.80
N VAL A 300 -32.45 47.64 7.69
CA VAL A 300 -32.73 48.14 6.36
C VAL A 300 -33.40 47.05 5.53
N ASN A 301 -34.03 47.46 4.44
CA ASN A 301 -34.71 46.52 3.56
C ASN A 301 -33.73 45.46 3.05
N SER A 302 -32.70 45.90 2.33
CA SER A 302 -31.69 44.98 1.81
C SER A 302 -30.58 44.77 2.84
N SER A 303 -30.98 44.19 3.98
CA SER A 303 -30.04 43.94 5.06
C SER A 303 -28.98 42.94 4.61
N SER A 304 -27.75 43.17 5.08
CA SER A 304 -26.63 42.30 4.75
C SER A 304 -26.55 41.17 5.77
N SER A 305 -26.68 39.93 5.31
CA SER A 305 -26.64 38.75 6.16
C SER A 305 -25.38 37.91 5.94
N SER A 306 -24.33 38.51 5.38
CA SER A 306 -23.10 37.76 5.14
C SER A 306 -22.37 37.47 6.44
N THR A 307 -21.99 38.52 7.17
CA THR A 307 -21.29 38.37 8.44
C THR A 307 -21.90 39.18 9.58
N GLN A 308 -22.63 40.25 9.29
CA GLN A 308 -23.23 41.05 10.36
C GLN A 308 -24.25 40.23 11.14
N ILE A 309 -25.07 39.45 10.43
CA ILE A 309 -26.11 38.67 11.10
C ILE A 309 -25.47 37.65 12.05
N TYR A 310 -24.42 36.97 11.59
CA TYR A 310 -23.76 35.98 12.43
C TYR A 310 -23.11 36.64 13.64
N GLN A 311 -22.48 37.80 13.45
CA GLN A 311 -21.87 38.51 14.56
C GLN A 311 -22.92 38.90 15.60
N ALA A 312 -24.05 39.44 15.13
CA ALA A 312 -25.11 39.83 16.06
C ALA A 312 -25.67 38.62 16.80
N VAL A 313 -25.86 37.50 16.09
CA VAL A 313 -26.35 36.29 16.73
C VAL A 313 -25.39 35.84 17.82
N SER A 314 -24.10 35.73 17.47
CA SER A 314 -23.10 35.30 18.44
C SER A 314 -23.08 36.24 19.64
N ARG A 315 -23.20 37.55 19.41
CA ARG A 315 -23.23 38.50 20.51
C ARG A 315 -24.42 38.26 21.42
N ILE A 316 -25.60 38.01 20.84
CA ILE A 316 -26.80 37.88 21.67
C ILE A 316 -26.75 36.58 22.47
N VAL A 317 -26.29 35.48 21.86
CA VAL A 317 -26.34 34.21 22.59
C VAL A 317 -25.09 33.98 23.44
N CYS A 318 -23.92 34.39 22.97
CA CYS A 318 -22.67 34.14 23.68
C CYS A 318 -21.77 35.37 23.53
N GLY A 319 -20.50 35.22 23.91
CA GLY A 319 -19.57 36.33 23.86
C GLY A 319 -19.02 36.58 22.48
N HIS A 320 -18.24 37.65 22.38
CA HIS A 320 -17.66 38.04 21.09
C HIS A 320 -16.72 36.97 20.54
N PRO A 321 -15.79 36.41 21.33
CA PRO A 321 -14.87 35.39 20.78
C PRO A 321 -15.60 34.17 20.24
N ASP A 357 -38.51 18.16 0.08
CA ASP A 357 -38.83 17.48 1.33
C ASP A 357 -40.31 17.60 1.66
N ASN A 358 -40.75 16.90 2.71
CA ASN A 358 -42.14 16.96 3.12
C ASN A 358 -42.51 18.37 3.56
N SER A 359 -43.74 18.77 3.26
CA SER A 359 -44.23 20.11 3.55
C SER A 359 -45.32 20.02 4.62
N THR A 360 -44.98 20.47 5.83
CA THR A 360 -45.96 20.61 6.90
C THR A 360 -46.47 22.04 7.01
N THR A 361 -45.58 23.02 6.97
CA THR A 361 -45.94 24.43 6.90
C THR A 361 -44.95 25.14 5.97
N PRO A 362 -45.42 25.75 4.88
CA PRO A 362 -44.47 26.34 3.92
C PRO A 362 -43.57 27.39 4.55
N TYR A 363 -44.08 28.16 5.52
CA TYR A 363 -43.24 29.15 6.20
C TYR A 363 -42.04 28.49 6.85
N CYS A 364 -42.28 27.44 7.64
CA CYS A 364 -41.18 26.73 8.28
C CYS A 364 -40.27 26.09 7.23
N ASN A 365 -40.85 25.57 6.15
CA ASN A 365 -40.05 24.96 5.10
C ASN A 365 -39.04 25.95 4.55
N ASP A 366 -39.49 27.14 4.15
CA ASP A 366 -38.57 28.11 3.58
C ASP A 366 -37.63 28.68 4.65
N LEU A 367 -38.09 28.79 5.90
CA LEU A 367 -37.19 29.23 6.97
C LEU A 367 -36.02 28.27 7.14
N MET A 368 -36.29 26.96 7.21
CA MET A 368 -35.19 26.03 7.38
C MET A 368 -34.36 25.92 6.11
N LYS A 369 -34.96 26.08 4.93
CA LYS A 369 -34.16 26.12 3.71
C LYS A 369 -33.19 27.29 3.71
N ASN A 370 -33.66 28.46 4.14
CA ASN A 370 -32.76 29.61 4.27
C ASN A 370 -31.68 29.35 5.31
N LEU A 371 -32.06 28.75 6.44
CA LEU A 371 -31.09 28.48 7.50
C LEU A 371 -29.98 27.55 7.02
N GLU A 372 -30.36 26.47 6.31
CA GLU A 372 -29.36 25.52 5.86
C GLU A 372 -28.56 26.05 4.68
N SER A 373 -29.16 26.91 3.86
CA SER A 373 -28.46 27.44 2.70
C SER A 373 -27.47 28.55 3.05
N SER A 374 -27.60 29.15 4.23
CA SER A 374 -26.73 30.25 4.60
C SER A 374 -25.29 29.76 4.82
N PRO A 375 -24.29 30.56 4.47
CA PRO A 375 -22.90 30.13 4.66
C PRO A 375 -22.55 30.01 6.14
N LEU A 376 -21.59 29.13 6.43
CA LEU A 376 -21.04 28.97 7.77
C LEU A 376 -22.12 28.59 8.79
N SER A 377 -23.15 27.86 8.35
CA SER A 377 -24.20 27.42 9.26
C SER A 377 -24.67 26.00 9.01
N ARG A 378 -24.06 25.26 8.07
CA ARG A 378 -24.51 23.90 7.80
C ARG A 378 -24.30 23.00 9.01
N ILE A 379 -23.15 23.12 9.68
CA ILE A 379 -22.87 22.25 10.82
C ILE A 379 -23.85 22.52 11.95
N ILE A 380 -24.08 23.80 12.26
CA ILE A 380 -25.03 24.13 13.32
C ILE A 380 -26.44 23.75 12.91
N TRP A 381 -26.76 23.87 11.62
CA TRP A 381 -28.07 23.47 11.13
C TRP A 381 -28.31 21.98 11.37
N LYS A 382 -27.33 21.15 11.02
CA LYS A 382 -27.48 19.71 11.21
C LYS A 382 -27.35 19.30 12.67
N ALA A 383 -26.73 20.12 13.50
CA ALA A 383 -26.74 19.87 14.94
C ALA A 383 -28.08 20.21 15.56
N LEU A 384 -28.73 21.28 15.10
CA LEU A 384 -30.02 21.69 15.64
C LEU A 384 -31.17 20.83 15.15
N LYS A 385 -31.14 20.41 13.88
CA LYS A 385 -32.29 19.71 13.32
C LYS A 385 -32.67 18.47 14.12
N PRO A 386 -31.72 17.62 14.54
CA PRO A 386 -32.11 16.46 15.37
C PRO A 386 -32.68 16.84 16.73
N LEU A 387 -32.57 18.10 17.15
CA LEU A 387 -33.06 18.53 18.45
C LEU A 387 -34.44 19.17 18.40
N LEU A 388 -34.82 19.78 17.29
CA LEU A 388 -36.09 20.48 17.17
C LEU A 388 -37.14 19.71 16.39
N VAL A 389 -36.74 18.72 15.60
CA VAL A 389 -37.68 17.78 14.99
C VAL A 389 -37.23 16.36 15.31
N GLY A 390 -36.53 16.20 16.44
CA GLY A 390 -36.07 14.90 16.86
C GLY A 390 -37.17 14.07 17.48
N LYS A 391 -37.01 12.75 17.38
CA LYS A 391 -38.02 11.79 17.78
C LYS A 391 -37.36 10.71 18.62
N ILE A 392 -38.05 10.27 19.67
CA ILE A 392 -37.53 9.25 20.59
C ILE A 392 -38.46 8.05 20.55
N LEU A 393 -37.87 6.85 20.45
CA LEU A 393 -38.60 5.59 20.52
C LEU A 393 -38.39 4.94 21.88
N TYR A 394 -39.18 3.90 22.16
CA TYR A 394 -39.21 3.33 23.49
C TYR A 394 -39.78 1.92 23.48
N THR A 395 -38.97 0.93 23.86
CA THR A 395 -39.36 -0.48 23.81
C THR A 395 -40.25 -0.88 24.97
N PRO A 396 -39.86 -0.65 26.22
CA PRO A 396 -40.61 -1.19 27.35
C PRO A 396 -41.97 -0.52 27.51
N ASP A 397 -42.85 -1.20 28.27
CA ASP A 397 -44.20 -0.70 28.48
C ASP A 397 -44.70 -0.89 29.92
N THR A 398 -43.85 -1.29 30.84
CA THR A 398 -44.30 -1.47 32.21
C THR A 398 -44.59 -0.11 32.86
N PRO A 399 -45.47 -0.06 33.85
CA PRO A 399 -45.81 1.25 34.45
C PRO A 399 -44.61 1.98 35.04
N ALA A 400 -43.64 1.26 35.61
CA ALA A 400 -42.49 1.93 36.21
C ALA A 400 -41.60 2.56 35.15
N THR A 401 -41.27 1.79 34.11
CA THR A 401 -40.46 2.35 33.03
C THR A 401 -41.24 3.41 32.25
N ARG A 402 -42.57 3.27 32.19
CA ARG A 402 -43.39 4.35 31.63
C ARG A 402 -43.26 5.61 32.47
N GLN A 403 -43.23 5.47 33.79
CA GLN A 403 -43.01 6.63 34.66
C GLN A 403 -41.64 7.24 34.40
N VAL A 404 -40.63 6.41 34.19
CA VAL A 404 -39.29 6.91 33.88
C VAL A 404 -39.31 7.71 32.58
N MET A 405 -39.98 7.17 31.56
CA MET A 405 -40.06 7.88 30.28
C MET A 405 -40.85 9.18 30.42
N ALA A 406 -41.90 9.18 31.25
CA ALA A 406 -42.64 10.41 31.50
C ALA A 406 -41.77 11.43 32.24
N GLU A 407 -40.89 10.96 33.12
CA GLU A 407 -39.94 11.87 33.76
C GLU A 407 -39.01 12.49 32.72
N VAL A 408 -38.54 11.68 31.77
CA VAL A 408 -37.73 12.23 30.67
C VAL A 408 -38.53 13.28 29.91
N ASN A 409 -39.79 12.97 29.62
CA ASN A 409 -40.63 13.89 28.85
C ASN A 409 -40.82 15.20 29.59
N LYS A 410 -41.09 15.13 30.91
CA LYS A 410 -41.26 16.36 31.68
C LYS A 410 -39.96 17.14 31.77
N THR A 411 -38.83 16.46 31.87
CA THR A 411 -37.55 17.16 31.86
C THR A 411 -37.34 17.92 30.56
N PHE A 412 -37.68 17.30 29.44
CA PHE A 412 -37.55 17.98 28.15
C PHE A 412 -38.54 19.14 28.03
N GLN A 413 -39.77 18.94 28.52
CA GLN A 413 -40.84 19.93 28.32
C GLN A 413 -40.61 21.21 29.10
N GLU A 414 -39.64 21.26 30.02
CA GLU A 414 -39.37 22.50 30.73
C GLU A 414 -39.03 23.63 29.75
N LEU A 415 -38.44 23.29 28.60
CA LEU A 415 -38.18 24.28 27.57
C LEU A 415 -39.46 24.70 26.85
N ALA A 416 -40.53 23.90 26.93
CA ALA A 416 -41.78 24.20 26.26
C ALA A 416 -42.60 25.19 27.10
N VAL A 417 -42.13 26.44 27.09
CA VAL A 417 -42.76 27.53 27.82
C VAL A 417 -43.18 28.67 26.92
N PHE A 418 -43.04 28.53 25.60
CA PHE A 418 -43.31 29.63 24.68
C PHE A 418 -44.76 29.65 24.22
N HIS A 419 -45.32 28.51 23.85
CA HIS A 419 -46.72 28.47 23.42
C HIS A 419 -47.62 29.05 24.49
N ASP A 420 -47.40 28.66 25.75
CA ASP A 420 -48.12 29.27 26.85
C ASP A 420 -47.81 30.75 26.96
N LEU A 421 -46.56 31.14 26.72
CA LEU A 421 -46.20 32.56 26.73
C LEU A 421 -46.95 33.30 25.62
N GLU A 422 -47.05 32.70 24.45
CA GLU A 422 -47.79 33.34 23.35
C GLU A 422 -49.26 33.51 23.72
N GLY A 423 -49.87 32.46 24.28
CA GLY A 423 -51.26 32.57 24.68
C GLY A 423 -51.47 33.63 25.74
N MET A 424 -50.56 33.71 26.72
CA MET A 424 -50.68 34.72 27.76
C MET A 424 -50.48 36.12 27.22
N TRP A 425 -49.56 36.30 26.26
CA TRP A 425 -49.44 37.61 25.64
C TRP A 425 -50.73 38.00 24.93
N GLU A 426 -51.32 37.06 24.20
CA GLU A 426 -52.59 37.35 23.53
C GLU A 426 -53.68 37.70 24.55
N GLU A 427 -53.73 36.96 25.66
CA GLU A 427 -54.76 37.20 26.66
C GLU A 427 -54.57 38.56 27.36
N LEU A 428 -53.32 38.92 27.65
CA LEU A 428 -53.04 40.07 28.50
C LEU A 428 -52.83 41.37 27.73
N SER A 429 -52.61 41.31 26.42
CA SER A 429 -52.44 42.55 25.66
C SER A 429 -53.62 43.48 25.82
N PRO A 430 -54.87 43.04 25.68
CA PRO A 430 -55.99 43.96 25.95
C PRO A 430 -55.99 44.53 27.34
N LYS A 431 -55.63 43.73 28.36
CA LYS A 431 -55.62 44.23 29.72
C LYS A 431 -54.56 45.30 29.91
N ILE A 432 -53.36 45.06 29.38
CA ILE A 432 -52.29 46.06 29.51
C ILE A 432 -52.66 47.32 28.75
N TRP A 433 -53.26 47.17 27.56
CA TRP A 433 -53.67 48.34 26.80
C TRP A 433 -54.71 49.16 27.57
N THR A 434 -55.70 48.49 28.16
CA THR A 434 -56.71 49.20 28.93
C THR A 434 -56.10 49.88 30.15
N PHE A 435 -55.18 49.19 30.83
CA PHE A 435 -54.53 49.78 31.99
C PHE A 435 -53.75 51.04 31.61
N MET A 436 -53.05 50.99 30.47
CA MET A 436 -52.24 52.12 30.05
C MET A 436 -53.10 53.29 29.57
N GLU A 437 -54.14 53.00 28.79
CA GLU A 437 -54.89 54.06 28.13
C GLU A 437 -55.54 54.99 29.16
N ASN A 438 -56.14 54.43 30.21
CA ASN A 438 -56.81 55.23 31.23
C ASN A 438 -56.82 54.46 32.53
N SER A 439 -56.38 55.11 33.61
CA SER A 439 -56.37 54.50 34.93
C SER A 439 -56.03 55.59 35.95
N GLN A 440 -56.59 55.43 37.16
CA GLN A 440 -56.33 56.41 38.21
C GLN A 440 -54.84 56.47 38.56
N GLU A 441 -54.21 55.30 38.68
CA GLU A 441 -52.77 55.28 38.95
C GLU A 441 -51.99 55.86 37.78
N MET A 442 -52.48 55.70 36.55
CA MET A 442 -51.80 56.28 35.40
C MET A 442 -51.80 57.81 35.49
N ASP A 443 -52.93 58.40 35.87
CA ASP A 443 -52.98 59.85 36.07
C ASP A 443 -52.12 60.26 37.26
N LEU A 444 -52.09 59.42 38.30
CA LEU A 444 -51.25 59.72 39.47
C LEU A 444 -49.78 59.82 39.06
N VAL A 445 -49.31 58.87 38.26
CA VAL A 445 -47.92 58.92 37.80
C VAL A 445 -47.72 60.06 36.82
N ARG A 446 -48.75 60.38 36.02
CA ARG A 446 -48.67 61.55 35.14
C ARG A 446 -48.35 62.80 35.95
N MET A 447 -49.13 63.04 37.01
CA MET A 447 -48.97 64.26 37.80
C MET A 447 -47.81 64.17 38.80
N LEU A 448 -47.29 62.98 39.07
CA LEU A 448 -46.20 62.85 40.03
C LEU A 448 -44.88 63.33 39.44
N LEU A 449 -44.66 63.09 38.15
CA LEU A 449 -43.42 63.45 37.47
C LEU A 449 -43.47 64.86 36.89
N ASP A 450 -44.36 65.71 37.37
CA ASP A 450 -44.50 67.08 36.87
C ASP A 450 -44.73 68.01 38.07
N SER A 451 -43.66 68.61 38.55
CA SER A 451 -43.72 69.56 39.68
C SER A 451 -42.39 70.29 39.73
N ARG A 452 -42.18 71.05 40.81
CA ARG A 452 -40.91 71.74 41.05
C ARG A 452 -40.11 71.14 42.18
N ASP A 453 -40.76 70.58 43.20
CA ASP A 453 -40.07 69.99 44.34
C ASP A 453 -39.90 68.48 44.16
N ASN A 454 -40.97 67.77 43.80
CA ASN A 454 -40.85 66.33 43.62
C ASN A 454 -39.99 65.99 42.41
N ASP A 455 -39.84 66.91 41.46
CA ASP A 455 -38.96 66.67 40.33
C ASP A 455 -37.50 66.59 40.77
N HIS A 456 -37.10 67.44 41.72
CA HIS A 456 -35.75 67.36 42.26
C HIS A 456 -35.53 66.04 42.98
N PHE A 457 -36.54 65.58 43.73
CA PHE A 457 -36.45 64.27 44.37
C PHE A 457 -36.31 63.17 43.33
N TRP A 458 -37.06 63.26 42.23
CA TRP A 458 -36.90 62.28 41.15
C TRP A 458 -35.50 62.30 40.59
N GLU A 459 -34.96 63.49 40.35
CA GLU A 459 -33.62 63.61 39.76
C GLU A 459 -32.57 63.01 40.68
N GLN A 460 -32.67 63.29 41.98
CA GLN A 460 -31.65 62.79 42.92
C GLN A 460 -31.82 61.28 43.16
N GLN A 461 -33.05 60.78 43.14
CA GLN A 461 -33.28 59.35 43.33
C GLN A 461 -32.79 58.55 42.13
N LEU A 462 -33.18 58.97 40.93
CA LEU A 462 -32.83 58.20 39.74
C LEU A 462 -31.33 58.11 39.56
N ASP A 463 -30.63 59.23 39.75
CA ASP A 463 -29.17 59.26 39.66
C ASP A 463 -28.51 58.92 40.99
N GLY A 464 -29.19 58.21 41.87
CA GLY A 464 -28.67 57.92 43.19
C GLY A 464 -27.59 56.86 43.21
N LEU A 465 -27.93 55.63 42.84
CA LEU A 465 -26.99 54.52 43.00
C LEU A 465 -25.73 54.74 42.17
N ASP A 466 -25.85 54.70 40.84
CA ASP A 466 -24.72 55.00 39.96
C ASP A 466 -25.01 56.19 39.06
N TRP A 467 -26.04 56.10 38.22
CA TRP A 467 -26.41 57.18 37.31
C TRP A 467 -27.62 56.72 36.50
N THR A 468 -28.33 57.69 35.95
CA THR A 468 -29.45 57.41 35.04
C THR A 468 -29.51 58.51 34.00
N ALA A 469 -29.37 58.15 32.73
CA ALA A 469 -29.35 59.10 31.63
C ALA A 469 -30.71 59.24 30.94
N GLN A 470 -31.74 58.56 31.44
CA GLN A 470 -33.08 58.60 30.86
C GLN A 470 -34.07 59.31 31.79
N ASP A 471 -33.56 60.20 32.65
CA ASP A 471 -34.44 60.90 33.56
C ASP A 471 -35.41 61.81 32.82
N ILE A 472 -34.90 62.64 31.91
CA ILE A 472 -35.75 63.57 31.19
C ILE A 472 -36.74 62.82 30.31
N VAL A 473 -36.28 61.75 29.66
CA VAL A 473 -37.16 60.97 28.79
C VAL A 473 -38.32 60.38 29.61
N ALA A 474 -38.01 59.84 30.78
CA ALA A 474 -39.07 59.31 31.65
C ALA A 474 -40.01 60.42 32.08
N PHE A 475 -39.46 61.60 32.40
CA PHE A 475 -40.31 62.71 32.84
C PHE A 475 -41.28 63.14 31.74
N LEU A 476 -40.82 63.15 30.50
CA LEU A 476 -41.60 63.63 29.36
C LEU A 476 -41.93 62.50 28.39
N ALA A 477 -42.30 61.35 28.93
CA ALA A 477 -42.66 60.21 28.10
C ALA A 477 -44.06 60.39 27.50
N LYS A 478 -44.35 59.61 26.47
CA LYS A 478 -45.64 59.66 25.81
C LYS A 478 -46.74 59.23 26.77
N HIS A 479 -47.91 59.84 26.61
CA HIS A 479 -49.10 59.51 27.38
C HIS A 479 -50.28 59.34 26.42
N PRO A 480 -51.30 58.58 26.82
CA PRO A 480 -52.45 58.37 25.93
C PRO A 480 -53.20 59.64 25.56
N GLU A 481 -52.92 60.76 26.22
CA GLU A 481 -53.69 61.98 25.97
C GLU A 481 -53.57 62.42 24.52
N ASP A 482 -52.35 62.43 23.98
CA ASP A 482 -52.12 62.85 22.60
C ASP A 482 -50.64 62.65 22.28
N VAL A 483 -50.29 62.88 21.02
CA VAL A 483 -48.91 62.81 20.55
C VAL A 483 -48.32 64.20 20.63
N GLN A 484 -47.20 64.33 21.35
CA GLN A 484 -46.60 65.65 21.57
C GLN A 484 -45.76 66.07 20.37
N SER A 485 -44.70 65.32 20.06
CA SER A 485 -43.84 65.66 18.94
C SER A 485 -43.07 64.43 18.52
N SER A 486 -42.57 64.46 17.28
CA SER A 486 -41.77 63.37 16.75
C SER A 486 -40.58 63.85 15.92
N ASN A 487 -40.35 65.16 15.81
CA ASN A 487 -39.24 65.64 14.99
C ASN A 487 -37.90 65.22 15.56
N GLY A 488 -37.73 65.32 16.88
CA GLY A 488 -36.47 64.96 17.50
C GLY A 488 -36.20 63.47 17.44
N SER A 489 -37.04 62.68 18.09
CA SER A 489 -36.90 61.23 18.09
C SER A 489 -38.27 60.60 18.28
N VAL A 490 -38.38 59.35 17.86
CA VAL A 490 -39.62 58.57 17.99
C VAL A 490 -39.27 57.33 18.78
N TYR A 491 -39.40 57.41 20.10
CA TYR A 491 -39.17 56.26 20.99
C TYR A 491 -40.11 56.42 22.18
N THR A 492 -41.27 55.78 22.10
CA THR A 492 -42.30 55.87 23.11
C THR A 492 -42.77 54.48 23.49
N TRP A 493 -43.58 54.42 24.54
CA TRP A 493 -44.11 53.14 25.00
C TRP A 493 -44.96 52.47 23.93
N ARG A 494 -45.56 53.25 23.02
CA ARG A 494 -46.28 52.66 21.90
C ARG A 494 -45.33 51.87 21.00
N GLU A 495 -44.15 52.44 20.73
CA GLU A 495 -43.15 51.72 19.94
C GLU A 495 -42.71 50.46 20.63
N ALA A 496 -42.49 50.53 21.95
CA ALA A 496 -42.12 49.33 22.70
C ALA A 496 -43.22 48.28 22.62
N PHE A 497 -44.48 48.69 22.73
CA PHE A 497 -45.58 47.74 22.68
C PHE A 497 -45.64 47.06 21.31
N ASN A 498 -45.55 47.83 20.23
CA ASN A 498 -45.61 47.22 18.91
C ASN A 498 -44.40 46.31 18.66
N GLU A 499 -43.21 46.74 19.12
CA GLU A 499 -42.03 45.92 18.93
C GLU A 499 -42.13 44.61 19.69
N THR A 500 -42.61 44.64 20.93
CA THR A 500 -42.75 43.40 21.68
C THR A 500 -43.84 42.51 21.10
N ASN A 501 -44.92 43.11 20.57
CA ASN A 501 -45.93 42.30 19.90
C ASN A 501 -45.34 41.60 18.68
N GLN A 502 -44.55 42.33 17.88
CA GLN A 502 -43.91 41.72 16.72
C GLN A 502 -42.95 40.62 17.14
N ALA A 503 -42.17 40.85 18.20
CA ALA A 503 -41.24 39.83 18.66
C ALA A 503 -41.97 38.59 19.15
N ILE A 504 -43.09 38.79 19.85
CA ILE A 504 -43.86 37.65 20.35
C ILE A 504 -44.45 36.85 19.19
N ARG A 505 -44.95 37.55 18.16
CA ARG A 505 -45.46 36.86 16.98
C ARG A 505 -44.36 36.08 16.29
N THR A 506 -43.17 36.69 16.16
CA THR A 506 -42.05 35.99 15.54
C THR A 506 -41.66 34.76 16.34
N ILE A 507 -41.67 34.87 17.67
CA ILE A 507 -41.35 33.72 18.51
C ILE A 507 -42.37 32.60 18.31
N SER A 508 -43.66 32.96 18.24
CA SER A 508 -44.69 31.95 17.99
C SER A 508 -44.43 31.25 16.66
N ARG A 509 -44.19 32.03 15.61
CA ARG A 509 -44.04 31.44 14.28
C ARG A 509 -42.79 30.57 14.21
N PHE A 510 -41.72 30.97 14.89
CA PHE A 510 -40.50 30.18 14.90
C PHE A 510 -40.68 28.89 15.69
N MET A 511 -41.34 28.97 16.85
CA MET A 511 -41.44 27.81 17.73
C MET A 511 -42.45 26.80 17.23
N GLU A 512 -43.57 27.24 16.64
CA GLU A 512 -44.59 26.30 16.22
C GLU A 512 -44.07 25.29 15.21
N CYS A 513 -42.98 25.61 14.52
CA CYS A 513 -42.33 24.64 13.64
C CYS A 513 -41.62 23.54 14.41
N VAL A 514 -41.47 23.70 15.73
CA VAL A 514 -40.78 22.73 16.58
C VAL A 514 -41.81 21.85 17.26
N ASN A 515 -41.66 20.54 17.09
CA ASN A 515 -42.57 19.59 17.73
C ASN A 515 -42.23 19.47 19.21
N LEU A 516 -43.27 19.52 20.06
CA LEU A 516 -43.06 19.49 21.50
C LEU A 516 -42.91 18.06 22.02
N ASN A 517 -43.92 17.22 21.78
CA ASN A 517 -43.95 15.89 22.37
C ASN A 517 -43.29 14.87 21.45
N LYS A 518 -42.50 13.98 22.05
CA LYS A 518 -41.82 12.89 21.35
C LYS A 518 -41.97 11.60 22.14
N LEU A 519 -43.20 11.30 22.57
CA LEU A 519 -43.50 10.18 23.47
C LEU A 519 -44.30 9.12 22.74
N GLU A 520 -43.73 7.91 22.61
CA GLU A 520 -44.41 6.77 22.02
C GLU A 520 -43.86 5.45 22.56
N PRO A 521 -44.53 4.81 23.50
CA PRO A 521 -44.08 3.50 23.98
C PRO A 521 -44.69 2.35 23.20
N ILE A 522 -43.84 1.39 22.83
CA ILE A 522 -44.25 0.23 22.03
C ILE A 522 -43.47 -0.98 22.50
N ALA A 523 -44.19 -2.08 22.79
CA ALA A 523 -43.58 -3.21 23.49
C ALA A 523 -42.49 -3.88 22.67
N THR A 524 -42.80 -4.27 21.44
CA THR A 524 -41.94 -5.18 20.69
C THR A 524 -40.82 -4.44 19.99
N GLU A 525 -39.63 -5.05 19.95
CA GLU A 525 -38.47 -4.43 19.33
C GLU A 525 -38.59 -4.38 17.81
N VAL A 526 -39.24 -5.37 17.21
CA VAL A 526 -39.41 -5.37 15.75
C VAL A 526 -40.26 -4.18 15.33
N TRP A 527 -41.32 -3.89 16.08
CA TRP A 527 -42.10 -2.69 15.80
C TRP A 527 -41.26 -1.44 16.00
N LEU A 528 -40.37 -1.44 16.99
CA LEU A 528 -39.47 -0.30 17.16
C LEU A 528 -38.61 -0.09 15.92
N ILE A 529 -38.08 -1.18 15.37
CA ILE A 529 -37.23 -1.06 14.19
C ILE A 529 -38.03 -0.59 12.99
N ASN A 530 -39.24 -1.13 12.79
CA ASN A 530 -40.03 -0.72 11.63
C ASN A 530 -40.46 0.74 11.75
N LYS A 531 -40.81 1.18 12.97
CA LYS A 531 -41.16 2.58 13.15
C LYS A 531 -39.94 3.48 12.96
N SER A 532 -38.75 3.01 13.37
CA SER A 532 -37.54 3.77 13.12
C SER A 532 -37.29 3.91 11.63
N MET A 533 -37.54 2.84 10.86
CA MET A 533 -37.46 2.95 9.41
C MET A 533 -38.45 3.99 8.88
N GLU A 534 -39.70 3.90 9.32
CA GLU A 534 -40.74 4.81 8.84
C GLU A 534 -40.46 6.25 9.26
N LEU A 535 -39.62 6.44 10.28
CA LEU A 535 -39.26 7.79 10.70
C LEU A 535 -38.03 8.30 9.94
N LEU A 536 -37.00 7.45 9.80
CA LEU A 536 -35.81 7.86 9.08
C LEU A 536 -36.13 8.19 7.63
N ASP A 537 -36.93 7.35 6.97
CA ASP A 537 -37.31 7.68 5.59
C ASP A 537 -38.19 8.91 5.52
N GLU A 538 -38.75 9.36 6.64
CA GLU A 538 -39.51 10.59 6.73
C GLU A 538 -38.66 11.79 7.13
N ARG A 539 -37.36 11.59 7.36
CA ARG A 539 -36.45 12.66 7.74
C ARG A 539 -36.81 13.27 9.09
N LYS A 540 -37.34 12.45 10.00
CA LYS A 540 -37.76 12.91 11.34
C LYS A 540 -37.43 11.82 12.35
N PHE A 541 -36.25 11.90 12.96
CA PHE A 541 -35.86 10.89 13.95
C PHE A 541 -34.63 11.38 14.72
N TRP A 542 -34.60 11.06 16.01
CA TRP A 542 -33.48 11.40 16.89
C TRP A 542 -32.81 10.17 17.48
N ALA A 543 -33.57 9.28 18.12
CA ALA A 543 -32.99 8.10 18.76
C ALA A 543 -34.06 7.19 19.33
N GLY A 544 -33.64 6.09 19.93
CA GLY A 544 -34.57 5.21 20.64
C GLY A 544 -33.84 4.46 21.72
N ILE A 545 -34.57 4.08 22.76
CA ILE A 545 -34.00 3.45 23.95
C ILE A 545 -34.73 2.14 24.22
N VAL A 546 -33.96 1.11 24.59
CA VAL A 546 -34.53 -0.19 24.93
C VAL A 546 -33.95 -0.63 26.28
N PHE A 547 -34.83 -1.08 27.16
CA PHE A 547 -34.46 -1.59 28.48
C PHE A 547 -34.60 -3.12 28.48
N THR A 548 -34.39 -3.72 29.66
CA THR A 548 -34.65 -5.14 29.88
C THR A 548 -35.31 -5.26 31.24
N GLY A 549 -36.65 -5.20 31.25
CA GLY A 549 -37.44 -5.21 32.46
C GLY A 549 -38.02 -6.57 32.77
N ILE A 550 -39.15 -6.55 33.48
CA ILE A 550 -39.85 -7.77 33.89
C ILE A 550 -41.34 -7.59 33.61
N THR A 551 -42.14 -8.56 34.05
CA THR A 551 -43.59 -8.51 33.86
C THR A 551 -44.12 -7.16 34.33
N PRO A 552 -45.27 -6.71 33.81
CA PRO A 552 -45.78 -5.38 34.17
C PRO A 552 -45.83 -5.15 35.67
N GLY A 553 -45.05 -4.17 36.14
CA GLY A 553 -45.02 -3.82 37.55
C GLY A 553 -44.54 -2.40 37.77
N SER A 554 -45.30 -1.63 38.54
CA SER A 554 -44.96 -0.23 38.78
C SER A 554 -43.97 -0.04 39.92
N ILE A 555 -43.67 -1.09 40.68
CA ILE A 555 -42.74 -1.04 41.79
C ILE A 555 -41.76 -2.20 41.66
N GLU A 556 -40.69 -2.13 42.44
CA GLU A 556 -39.63 -3.14 42.41
C GLU A 556 -38.90 -3.14 41.09
N LEU A 557 -38.72 -1.97 40.49
CA LEU A 557 -37.95 -1.86 39.27
C LEU A 557 -36.53 -2.36 39.52
N PRO A 558 -35.92 -3.06 38.57
CA PRO A 558 -34.60 -3.66 38.84
C PRO A 558 -33.60 -2.61 39.31
N HIS A 559 -32.79 -2.98 40.30
CA HIS A 559 -31.80 -2.07 40.86
C HIS A 559 -30.53 -2.00 40.02
N HIS A 560 -30.39 -2.86 39.01
CA HIS A 560 -29.27 -2.84 38.07
C HIS A 560 -29.87 -2.95 36.67
N VAL A 561 -30.20 -1.81 36.07
CA VAL A 561 -30.84 -1.75 34.77
C VAL A 561 -29.81 -1.46 33.70
N LYS A 562 -29.80 -2.29 32.65
CA LYS A 562 -28.99 -2.08 31.47
C LYS A 562 -29.85 -1.70 30.29
N TYR A 563 -29.36 -0.78 29.46
CA TYR A 563 -30.14 -0.27 28.35
C TYR A 563 -29.26 -0.07 27.12
N LYS A 564 -29.91 -0.08 25.96
CA LYS A 564 -29.23 0.09 24.69
C LYS A 564 -29.91 1.23 23.92
N ILE A 565 -29.11 1.90 23.08
CA ILE A 565 -29.54 3.06 22.32
C ILE A 565 -29.46 2.71 20.83
N ARG A 566 -30.54 2.95 20.11
CA ARG A 566 -30.61 2.72 18.68
C ARG A 566 -30.77 4.05 17.96
N MET A 567 -29.85 4.36 17.05
CA MET A 567 -29.92 5.61 16.32
C MET A 567 -29.05 5.51 15.07
N ASP A 568 -29.25 6.45 14.16
CA ASP A 568 -28.64 6.36 12.83
C ASP A 568 -27.13 6.31 12.93
N ILE A 569 -26.52 5.52 12.03
CA ILE A 569 -25.06 5.41 12.00
C ILE A 569 -24.43 6.73 11.59
N ASP A 570 -25.07 7.47 10.69
CA ASP A 570 -24.49 8.70 10.17
C ASP A 570 -24.29 9.77 11.23
N ASN A 571 -24.93 9.65 12.39
CA ASN A 571 -24.84 10.66 13.44
C ASN A 571 -24.22 10.12 14.72
N VAL A 572 -23.62 8.93 14.69
CA VAL A 572 -23.03 8.31 15.87
C VAL A 572 -21.61 7.86 15.53
N GLU A 573 -20.78 7.79 16.58
CA GLU A 573 -19.45 7.22 16.42
C GLU A 573 -19.56 5.71 16.15
N ARG A 574 -18.79 5.23 15.19
CA ARG A 574 -18.85 3.83 14.81
C ARG A 574 -18.50 2.95 16.01
N THR A 575 -19.33 1.93 16.24
CA THR A 575 -19.16 1.04 17.38
C THR A 575 -18.30 -0.17 17.06
N ASN A 576 -17.83 -0.32 15.81
CA ASN A 576 -17.02 -1.47 15.46
C ASN A 576 -15.65 -1.41 16.12
N LYS A 577 -15.05 -0.24 16.18
CA LYS A 577 -13.70 -0.06 16.72
C LYS A 577 -13.74 0.75 18.02
N ILE A 578 -12.90 0.35 18.97
CA ILE A 578 -12.80 1.05 20.24
C ILE A 578 -11.74 2.15 20.22
N LYS A 579 -10.85 2.15 19.22
CA LYS A 579 -9.80 3.14 19.12
C LYS A 579 -9.73 3.62 17.67
N ASP A 580 -8.71 4.43 17.36
CA ASP A 580 -8.52 4.94 16.01
C ASP A 580 -7.65 4.03 15.15
N GLY A 581 -7.24 2.88 15.67
CA GLY A 581 -6.39 1.98 14.91
C GLY A 581 -4.94 2.41 14.93
N TYR A 582 -4.43 2.84 13.78
CA TYR A 582 -3.07 3.36 13.67
C TYR A 582 -3.05 4.76 14.27
N TRP A 583 -2.59 4.86 15.51
CA TRP A 583 -2.65 6.11 16.24
C TRP A 583 -1.78 7.17 15.60
N ASP A 584 -2.28 8.39 15.55
CA ASP A 584 -1.51 9.54 15.07
C ASP A 584 -1.69 10.70 16.04
N PRO A 585 -0.63 11.46 16.31
CA PRO A 585 -0.76 12.60 17.22
C PRO A 585 -1.77 13.62 16.71
N GLY A 586 -2.50 14.23 17.65
CA GLY A 586 -3.48 15.24 17.32
C GLY A 586 -4.60 15.31 18.32
N PRO A 587 -5.34 16.43 18.34
CA PRO A 587 -6.46 16.53 19.28
C PRO A 587 -7.67 15.74 18.86
N ARG A 588 -7.94 15.65 17.54
CA ARG A 588 -9.06 14.89 17.02
C ARG A 588 -10.38 15.38 17.61
N ALA A 589 -10.71 16.64 17.31
CA ALA A 589 -11.91 17.29 17.80
C ALA A 589 -12.70 17.90 16.64
N ASP A 590 -12.87 17.12 15.58
CA ASP A 590 -13.65 17.57 14.42
C ASP A 590 -15.11 17.19 14.60
N PRO A 591 -16.03 18.16 14.69
CA PRO A 591 -17.44 17.79 14.92
C PRO A 591 -18.19 17.40 13.66
N PHE A 592 -17.68 17.76 12.47
CA PHE A 592 -18.41 17.44 11.24
C PHE A 592 -18.54 15.94 11.04
N GLU A 593 -17.46 15.19 11.26
CA GLU A 593 -17.47 13.75 11.04
C GLU A 593 -16.80 12.93 12.13
N ASP A 594 -16.05 13.55 13.05
CA ASP A 594 -15.28 12.80 14.04
C ASP A 594 -15.97 12.76 15.41
N MET A 595 -16.39 13.92 15.93
CA MET A 595 -17.08 14.00 17.21
C MET A 595 -18.57 13.92 16.93
N ARG A 596 -19.09 12.69 16.82
CA ARG A 596 -20.49 12.46 16.51
C ARG A 596 -21.36 12.28 17.74
N TYR A 597 -20.78 12.34 18.94
CA TYR A 597 -21.55 12.18 20.17
C TYR A 597 -22.16 13.49 20.67
N VAL A 598 -21.84 14.62 20.03
CA VAL A 598 -22.31 15.92 20.51
C VAL A 598 -23.41 16.43 19.59
N TRP A 599 -23.15 16.49 18.28
CA TRP A 599 -24.15 16.97 17.34
C TRP A 599 -25.18 15.91 16.99
N GLY A 600 -24.88 14.63 17.24
CA GLY A 600 -25.85 13.58 17.05
C GLY A 600 -26.86 13.44 18.18
N GLY A 601 -26.61 14.07 19.32
CA GLY A 601 -27.52 14.04 20.44
C GLY A 601 -27.42 12.81 21.32
N PHE A 602 -26.53 11.87 21.00
CA PHE A 602 -26.43 10.64 21.79
C PHE A 602 -26.07 10.96 23.24
N ALA A 603 -25.12 11.89 23.45
CA ALA A 603 -24.75 12.26 24.81
C ALA A 603 -25.95 12.85 25.56
N TYR A 604 -26.74 13.68 24.88
CA TYR A 604 -27.92 14.25 25.53
C TYR A 604 -28.94 13.17 25.89
N LEU A 605 -29.14 12.21 24.98
CA LEU A 605 -30.03 11.10 25.29
C LEU A 605 -29.55 10.34 26.52
N GLN A 606 -28.26 10.04 26.57
CA GLN A 606 -27.71 9.32 27.72
C GLN A 606 -27.91 10.13 29.00
N ASP A 607 -27.63 11.43 28.95
CA ASP A 607 -27.78 12.25 30.14
C ASP A 607 -29.22 12.25 30.63
N VAL A 608 -30.18 12.44 29.71
CA VAL A 608 -31.57 12.53 30.13
C VAL A 608 -32.06 11.20 30.67
N VAL A 609 -31.68 10.09 30.03
CA VAL A 609 -32.16 8.78 30.50
C VAL A 609 -31.58 8.47 31.88
N GLU A 610 -30.28 8.72 32.08
CA GLU A 610 -29.70 8.48 33.39
C GLU A 610 -30.32 9.39 34.46
N GLN A 611 -30.57 10.66 34.12
CA GLN A 611 -31.18 11.57 35.09
C GLN A 611 -32.58 11.09 35.47
N ALA A 612 -33.37 10.67 34.49
CA ALA A 612 -34.70 10.15 34.80
C ALA A 612 -34.61 8.89 35.64
N ILE A 613 -33.66 8.00 35.32
CA ILE A 613 -33.53 6.77 36.07
C ILE A 613 -33.18 7.05 37.53
N ILE A 614 -32.21 7.94 37.76
CA ILE A 614 -31.83 8.25 39.13
C ILE A 614 -32.98 8.92 39.87
N ARG A 615 -33.68 9.85 39.20
CA ARG A 615 -34.78 10.54 39.86
C ARG A 615 -35.89 9.56 40.24
N VAL A 616 -36.22 8.62 39.36
CA VAL A 616 -37.28 7.66 39.68
C VAL A 616 -36.84 6.71 40.78
N LEU A 617 -35.59 6.23 40.73
CA LEU A 617 -35.12 5.29 41.72
C LEU A 617 -35.01 5.93 43.10
N THR A 618 -34.18 6.96 43.23
CA THR A 618 -33.98 7.60 44.52
C THR A 618 -35.14 8.50 44.92
N GLY A 619 -35.77 9.17 43.95
CA GLY A 619 -36.85 10.08 44.26
C GLY A 619 -36.41 11.45 44.73
N THR A 620 -35.11 11.75 44.68
CA THR A 620 -34.60 13.02 45.16
C THR A 620 -34.83 14.11 44.11
N GLU A 621 -34.29 15.29 44.34
CA GLU A 621 -34.43 16.41 43.43
C GLU A 621 -33.34 16.35 42.36
N LYS A 622 -33.19 17.43 41.58
CA LYS A 622 -32.18 17.45 40.52
C LYS A 622 -30.81 17.75 41.10
N LYS A 623 -30.63 18.96 41.64
CA LYS A 623 -29.44 19.36 42.38
C LYS A 623 -28.16 18.77 41.79
N THR A 624 -28.04 18.77 40.46
CA THR A 624 -26.87 18.20 39.82
C THR A 624 -26.74 18.74 38.40
N GLY A 625 -25.56 19.22 38.05
CA GLY A 625 -25.28 19.70 36.71
C GLY A 625 -24.03 19.06 36.13
N VAL A 626 -24.17 18.33 35.03
CA VAL A 626 -23.08 17.60 34.42
C VAL A 626 -22.61 18.38 33.19
N TYR A 627 -21.29 18.55 33.07
CA TYR A 627 -20.68 19.27 31.97
C TYR A 627 -19.63 18.38 31.31
N MET A 628 -19.16 18.80 30.14
CA MET A 628 -18.21 18.03 29.35
C MET A 628 -17.04 18.91 28.92
N GLN A 629 -15.83 18.40 29.13
CA GLN A 629 -14.61 19.05 28.67
C GLN A 629 -13.62 17.95 28.31
N GLN A 630 -12.63 18.31 27.49
CA GLN A 630 -11.58 17.37 27.10
C GLN A 630 -10.22 18.03 27.24
N MET A 631 -9.20 17.19 27.36
CA MET A 631 -7.87 17.68 27.66
C MET A 631 -7.38 18.59 26.53
N PRO A 632 -6.67 19.68 26.84
CA PRO A 632 -6.10 20.54 25.80
C PRO A 632 -4.82 19.94 25.25
N TYR A 633 -4.90 19.43 24.02
CA TYR A 633 -3.77 18.71 23.45
C TYR A 633 -2.64 19.70 23.13
N PRO A 634 -1.42 19.42 23.56
CA PRO A 634 -0.36 20.44 23.45
C PRO A 634 -0.02 20.79 22.02
N CYS A 635 0.72 21.89 21.87
CA CYS A 635 1.11 22.38 20.55
C CYS A 635 1.98 21.35 19.85
N TYR A 636 1.85 21.27 18.53
CA TYR A 636 2.53 20.20 17.80
C TYR A 636 2.55 20.54 16.32
N VAL A 637 3.52 19.96 15.61
CA VAL A 637 3.60 20.00 14.16
C VAL A 637 3.46 18.57 13.66
N ASP A 638 2.48 18.34 12.80
CA ASP A 638 2.20 17.00 12.29
C ASP A 638 2.73 16.87 10.86
N ASP A 639 3.32 15.69 10.60
CA ASP A 639 3.83 15.26 9.30
C ASP A 639 3.41 13.80 9.15
N ILE A 640 2.22 13.56 8.59
CA ILE A 640 1.84 12.19 8.28
C ILE A 640 2.81 11.60 7.28
N PHE A 641 3.36 12.44 6.40
CA PHE A 641 4.39 11.98 5.47
C PHE A 641 5.60 11.47 6.23
N LEU A 642 5.99 12.17 7.31
CA LEU A 642 7.14 11.73 8.10
C LEU A 642 6.87 10.38 8.74
N ARG A 643 5.66 10.17 9.23
CA ARG A 643 5.31 8.86 9.79
C ARG A 643 5.37 7.78 8.72
N VAL A 644 4.86 8.08 7.52
CA VAL A 644 4.94 7.10 6.44
C VAL A 644 6.39 6.77 6.11
N MET A 645 7.26 7.78 6.11
CA MET A 645 8.68 7.53 5.84
C MET A 645 9.28 6.65 6.94
N SER A 646 9.08 7.04 8.20
CA SER A 646 9.62 6.25 9.30
C SER A 646 9.08 4.83 9.29
N ARG A 647 7.92 4.60 8.67
CA ARG A 647 7.34 3.26 8.63
C ARG A 647 7.87 2.45 7.45
N SER A 648 8.06 3.08 6.28
CA SER A 648 8.29 2.30 5.06
C SER A 648 9.37 2.90 4.16
N MET A 649 10.38 3.57 4.74
CA MET A 649 11.53 3.94 3.93
C MET A 649 12.32 2.69 3.59
N PRO A 650 12.24 1.61 4.39
CA PRO A 650 12.84 0.36 3.93
C PRO A 650 12.36 -0.04 2.55
N LEU A 651 11.09 0.20 2.23
CA LEU A 651 10.57 -0.17 0.92
C LEU A 651 11.34 0.54 -0.19
N PHE A 652 11.55 1.85 -0.07
CA PHE A 652 12.23 2.58 -1.13
C PHE A 652 13.71 2.24 -1.20
N MET A 653 14.39 2.18 -0.05
CA MET A 653 15.81 1.88 -0.09
C MET A 653 16.05 0.46 -0.61
N THR A 654 15.19 -0.49 -0.22
CA THR A 654 15.32 -1.84 -0.72
C THR A 654 14.83 -1.97 -2.16
N LEU A 655 14.04 -1.01 -2.66
CA LEU A 655 13.79 -0.97 -4.10
C LEU A 655 15.07 -0.60 -4.86
N ALA A 656 15.76 0.44 -4.39
CA ALA A 656 17.06 0.77 -4.97
C ALA A 656 17.99 -0.45 -4.91
N TRP A 657 18.07 -1.08 -3.73
CA TRP A 657 18.98 -2.19 -3.55
C TRP A 657 18.51 -3.46 -4.25
N ILE A 658 17.21 -3.61 -4.51
CA ILE A 658 16.74 -4.77 -5.26
C ILE A 658 17.11 -4.63 -6.73
N TYR A 659 17.02 -3.40 -7.26
CA TYR A 659 17.53 -3.21 -8.62
C TYR A 659 19.04 -3.46 -8.67
N SER A 660 19.77 -2.97 -7.66
CA SER A 660 21.20 -3.20 -7.61
C SER A 660 21.54 -4.70 -7.56
N VAL A 661 20.84 -5.44 -6.69
CA VAL A 661 21.12 -6.86 -6.57
C VAL A 661 20.69 -7.61 -7.81
N ALA A 662 19.63 -7.15 -8.49
CA ALA A 662 19.28 -7.74 -9.78
C ALA A 662 20.42 -7.58 -10.77
N VAL A 663 21.02 -6.38 -10.82
CA VAL A 663 22.15 -6.17 -11.73
C VAL A 663 23.32 -7.08 -11.36
N ILE A 664 23.64 -7.17 -10.07
CA ILE A 664 24.77 -7.99 -9.65
C ILE A 664 24.50 -9.46 -9.95
N ILE A 665 23.26 -9.91 -9.73
CA ILE A 665 22.87 -11.28 -10.03
C ILE A 665 23.03 -11.55 -11.52
N LYS A 666 22.57 -10.61 -12.36
CA LYS A 666 22.77 -10.75 -13.80
C LYS A 666 24.24 -10.95 -14.11
N GLY A 667 25.10 -10.09 -13.56
CA GLY A 667 26.52 -10.19 -13.86
C GLY A 667 27.12 -11.53 -13.45
N ILE A 668 26.84 -11.95 -12.21
CA ILE A 668 27.45 -13.18 -11.70
C ILE A 668 26.92 -14.39 -12.45
N VAL A 669 25.62 -14.43 -12.72
CA VAL A 669 25.04 -15.57 -13.43
C VAL A 669 25.53 -15.61 -14.88
N TYR A 670 25.70 -14.44 -15.51
CA TYR A 670 26.30 -14.42 -16.84
C TYR A 670 27.71 -14.96 -16.82
N GLU A 671 28.49 -14.57 -15.81
CA GLU A 671 29.86 -15.09 -15.69
C GLU A 671 29.85 -16.60 -15.53
N LYS A 672 28.95 -17.12 -14.69
CA LYS A 672 28.88 -18.56 -14.49
C LYS A 672 28.44 -19.29 -15.76
N GLU A 673 27.44 -18.74 -16.46
CA GLU A 673 26.86 -19.45 -17.59
C GLU A 673 27.88 -19.67 -18.70
N ALA A 674 28.72 -18.68 -18.96
CA ALA A 674 29.77 -18.81 -19.97
C ALA A 674 30.87 -19.78 -19.56
N ARG A 675 30.74 -20.47 -18.43
CA ARG A 675 31.72 -21.42 -17.94
C ARG A 675 33.04 -20.77 -17.57
N LEU A 676 33.05 -19.44 -17.43
CA LEU A 676 34.28 -18.75 -17.04
C LEU A 676 34.72 -19.14 -15.63
N LYS A 677 33.78 -19.51 -14.77
CA LYS A 677 34.15 -19.98 -13.44
C LYS A 677 35.01 -21.23 -13.52
N GLU A 678 34.67 -22.15 -14.42
CA GLU A 678 35.49 -23.34 -14.60
C GLU A 678 36.89 -22.99 -15.08
N THR A 679 37.00 -22.04 -16.01
CA THR A 679 38.32 -21.63 -16.48
C THR A 679 39.13 -21.01 -15.34
N MET A 680 38.49 -20.16 -14.53
CA MET A 680 39.19 -19.54 -13.41
C MET A 680 39.65 -20.60 -12.41
N ARG A 681 38.81 -21.59 -12.13
CA ARG A 681 39.19 -22.67 -11.23
C ARG A 681 40.35 -23.47 -11.80
N ILE A 682 40.37 -23.66 -13.12
CA ILE A 682 41.42 -24.48 -13.74
C ILE A 682 42.79 -23.85 -13.51
N MET A 683 42.89 -22.53 -13.70
CA MET A 683 44.14 -21.80 -13.54
C MET A 683 44.07 -20.98 -12.26
N GLY A 684 44.85 -21.36 -11.26
CA GLY A 684 44.90 -20.67 -9.99
C GLY A 684 43.54 -20.24 -9.48
N LEU A 685 43.48 -19.05 -8.89
CA LEU A 685 42.23 -18.40 -8.52
C LEU A 685 41.35 -19.33 -7.67
N ASP A 686 41.84 -19.60 -6.47
CA ASP A 686 41.08 -20.39 -5.50
C ASP A 686 39.69 -19.79 -5.31
N ASN A 687 38.74 -20.61 -4.86
CA ASN A 687 37.35 -20.16 -4.76
C ASN A 687 37.21 -18.99 -3.79
N SER A 688 37.90 -19.05 -2.66
CA SER A 688 37.72 -18.03 -1.62
C SER A 688 38.13 -16.65 -2.12
N ILE A 689 39.26 -16.56 -2.81
CA ILE A 689 39.77 -15.25 -3.20
C ILE A 689 38.91 -14.62 -4.31
N LEU A 690 38.46 -15.43 -5.27
CA LEU A 690 37.56 -14.89 -6.29
C LEU A 690 36.21 -14.51 -5.68
N TRP A 691 35.74 -15.28 -4.71
CA TRP A 691 34.52 -14.91 -4.01
C TRP A 691 34.68 -13.59 -3.29
N PHE A 692 35.83 -13.37 -2.65
CA PHE A 692 36.09 -12.10 -1.98
C PHE A 692 36.19 -10.95 -2.98
N SER A 693 36.76 -11.22 -4.16
CA SER A 693 36.84 -10.20 -5.19
C SER A 693 35.44 -9.77 -5.63
N TRP A 694 34.58 -10.75 -5.90
CA TRP A 694 33.19 -10.42 -6.22
C TRP A 694 32.52 -9.68 -5.06
N PHE A 695 32.80 -10.12 -3.83
CA PHE A 695 32.31 -9.45 -2.64
C PHE A 695 32.60 -7.95 -2.70
N ILE A 696 33.88 -7.60 -2.82
CA ILE A 696 34.28 -6.20 -2.82
C ILE A 696 33.69 -5.46 -4.01
N SER A 697 33.72 -6.07 -5.19
CA SER A 697 33.23 -5.40 -6.38
C SER A 697 31.75 -5.06 -6.24
N SER A 698 30.96 -5.96 -5.65
CA SER A 698 29.55 -5.68 -5.42
C SER A 698 29.35 -4.67 -4.29
N LEU A 699 30.21 -4.70 -3.27
CA LEU A 699 30.07 -3.73 -2.18
C LEU A 699 30.26 -2.29 -2.68
N ILE A 700 31.30 -2.06 -3.49
CA ILE A 700 31.68 -0.70 -3.86
C ILE A 700 30.46 0.11 -4.28
N PRO A 701 29.76 -0.26 -5.36
CA PRO A 701 28.58 0.54 -5.76
C PRO A 701 27.51 0.56 -4.68
N LEU A 702 27.34 -0.53 -3.94
CA LEU A 702 26.32 -0.55 -2.90
C LEU A 702 26.67 0.41 -1.76
N LEU A 703 27.94 0.47 -1.38
CA LEU A 703 28.36 1.45 -0.38
C LEU A 703 28.23 2.88 -0.90
N VAL A 704 28.50 3.10 -2.19
CA VAL A 704 28.29 4.43 -2.75
C VAL A 704 26.81 4.81 -2.66
N SER A 705 25.92 3.86 -2.97
CA SER A 705 24.49 4.11 -2.87
C SER A 705 24.09 4.41 -1.43
N ALA A 706 24.64 3.66 -0.48
CA ALA A 706 24.34 3.92 0.93
C ALA A 706 24.81 5.31 1.34
N GLY A 707 26.02 5.69 0.91
CA GLY A 707 26.54 7.00 1.26
C GLY A 707 25.70 8.13 0.70
N LEU A 708 25.31 8.03 -0.58
CA LEU A 708 24.46 9.07 -1.14
C LEU A 708 23.09 9.07 -0.50
N LEU A 709 22.56 7.90 -0.11
CA LEU A 709 21.30 7.86 0.61
C LEU A 709 21.42 8.60 1.94
N VAL A 710 22.52 8.40 2.66
CA VAL A 710 22.73 9.11 3.91
C VAL A 710 22.81 10.60 3.67
N VAL A 711 23.54 11.01 2.63
CA VAL A 711 23.69 12.44 2.34
C VAL A 711 22.32 13.06 2.04
N ILE A 712 21.51 12.38 1.25
CA ILE A 712 20.22 12.95 0.86
C ILE A 712 19.26 12.98 2.05
N LEU A 713 19.26 11.94 2.89
CA LEU A 713 18.33 11.94 4.01
C LEU A 713 18.73 12.94 5.08
N LYS A 714 20.04 13.11 5.31
CA LYS A 714 20.48 14.07 6.31
C LYS A 714 20.10 15.50 5.92
N LEU A 715 20.27 15.85 4.65
CA LEU A 715 19.96 17.18 4.16
C LEU A 715 18.57 17.20 3.53
N GLY A 716 18.16 18.37 3.07
CA GLY A 716 16.86 18.53 2.44
C GLY A 716 15.69 18.55 3.40
N ASN A 717 15.95 18.58 4.70
CA ASN A 717 14.88 18.58 5.71
C ASN A 717 14.02 17.32 5.58
N LEU A 718 14.68 16.17 5.58
CA LEU A 718 14.00 14.87 5.49
C LEU A 718 14.12 14.07 6.78
N LEU A 719 15.33 13.81 7.25
CA LEU A 719 15.58 13.05 8.48
C LEU A 719 16.67 13.72 9.29
N PRO A 720 16.36 14.86 9.92
CA PRO A 720 17.37 15.52 10.76
C PRO A 720 17.69 14.71 12.01
N TYR A 721 18.55 15.25 12.88
CA TYR A 721 18.92 14.59 14.12
C TYR A 721 19.45 13.18 13.87
N SER A 722 20.28 13.05 12.83
CA SER A 722 20.82 11.76 12.42
C SER A 722 22.32 11.74 12.71
N ASP A 723 22.76 10.73 13.44
CA ASP A 723 24.19 10.54 13.69
C ASP A 723 24.80 9.79 12.53
N PRO A 724 25.76 10.38 11.79
CA PRO A 724 26.26 9.69 10.59
C PRO A 724 26.85 8.32 10.87
N SER A 725 27.54 8.13 11.99
CA SER A 725 28.25 6.89 12.24
C SER A 725 27.29 5.70 12.30
N VAL A 726 26.26 5.81 13.14
CA VAL A 726 25.36 4.67 13.36
C VAL A 726 24.60 4.34 12.08
N VAL A 727 24.07 5.36 11.40
CA VAL A 727 23.31 5.12 10.18
C VAL A 727 24.21 4.49 9.11
N PHE A 728 25.42 5.02 8.97
CA PHE A 728 26.33 4.50 7.95
C PHE A 728 26.72 3.06 8.24
N VAL A 729 27.00 2.73 9.49
CA VAL A 729 27.41 1.36 9.81
C VAL A 729 26.23 0.40 9.62
N PHE A 730 25.02 0.83 10.01
CA PHE A 730 23.85 0.00 9.78
C PHE A 730 23.64 -0.25 8.29
N LEU A 731 23.76 0.79 7.48
CA LEU A 731 23.60 0.64 6.04
C LEU A 731 24.68 -0.28 5.48
N SER A 732 25.92 -0.15 5.96
CA SER A 732 27.00 -1.00 5.47
C SER A 732 26.77 -2.47 5.81
N VAL A 733 26.32 -2.75 7.04
CA VAL A 733 26.09 -4.14 7.41
C VAL A 733 24.93 -4.71 6.61
N PHE A 734 23.87 -3.92 6.39
CA PHE A 734 22.77 -4.40 5.56
C PHE A 734 23.23 -4.62 4.12
N ALA A 735 24.15 -3.78 3.63
CA ALA A 735 24.71 -3.99 2.30
C ALA A 735 25.47 -5.30 2.22
N VAL A 736 26.27 -5.60 3.23
CA VAL A 736 26.99 -6.87 3.27
C VAL A 736 26.00 -8.02 3.26
N VAL A 737 24.96 -7.92 4.07
CA VAL A 737 24.00 -9.02 4.18
C VAL A 737 23.24 -9.23 2.87
N THR A 738 22.87 -8.13 2.20
CA THR A 738 22.15 -8.29 0.93
C THR A 738 23.06 -8.81 -0.17
N ILE A 739 24.35 -8.46 -0.15
CA ILE A 739 25.29 -9.07 -1.08
C ILE A 739 25.38 -10.57 -0.81
N LEU A 740 25.38 -10.96 0.46
CA LEU A 740 25.38 -12.38 0.79
C LEU A 740 24.11 -13.06 0.28
N GLN A 741 22.97 -12.40 0.42
CA GLN A 741 21.72 -12.95 -0.13
C GLN A 741 21.81 -13.11 -1.63
N CYS A 742 22.46 -12.15 -2.31
CA CYS A 742 22.73 -12.28 -3.73
C CYS A 742 23.52 -13.57 -4.01
N PHE A 743 24.56 -13.80 -3.22
CA PHE A 743 25.35 -15.02 -3.40
C PHE A 743 24.49 -16.26 -3.19
N LEU A 744 23.61 -16.24 -2.19
CA LEU A 744 22.71 -17.38 -1.97
C LEU A 744 21.82 -17.62 -3.19
N ILE A 745 21.13 -16.58 -3.65
CA ILE A 745 20.16 -16.78 -4.73
C ILE A 745 20.81 -17.00 -6.08
N SER A 746 22.12 -16.73 -6.19
CA SER A 746 22.86 -16.99 -7.42
C SER A 746 23.41 -18.41 -7.49
N THR A 747 23.22 -19.21 -6.45
CA THR A 747 23.85 -20.53 -6.37
C THR A 747 23.08 -21.61 -7.14
N LEU A 748 21.87 -21.32 -7.61
CA LEU A 748 21.03 -22.34 -8.22
C LEU A 748 20.37 -21.82 -9.50
N PHE A 749 21.06 -20.93 -10.22
CA PHE A 749 20.53 -20.37 -11.45
C PHE A 749 21.61 -20.37 -12.52
N SER A 750 21.18 -20.43 -13.77
CA SER A 750 22.08 -20.49 -14.91
C SER A 750 21.80 -19.44 -15.97
N ARG A 751 20.53 -19.10 -16.21
CA ARG A 751 20.17 -18.17 -17.27
C ARG A 751 20.24 -16.73 -16.75
N ALA A 752 20.99 -15.88 -17.46
CA ALA A 752 21.34 -14.56 -16.98
C ALA A 752 20.11 -13.67 -16.74
N ASN A 753 19.37 -13.35 -17.80
CA ASN A 753 18.23 -12.46 -17.66
C ASN A 753 17.16 -13.04 -16.75
N LEU A 754 16.86 -14.33 -16.94
CA LEU A 754 15.89 -15.00 -16.07
C LEU A 754 16.37 -15.00 -14.63
N ALA A 755 17.67 -15.24 -14.43
CA ALA A 755 18.20 -15.24 -13.06
C ALA A 755 18.06 -13.87 -12.42
N ALA A 756 18.35 -12.80 -13.17
CA ALA A 756 18.20 -11.46 -12.62
C ALA A 756 16.75 -11.17 -12.26
N ALA A 757 15.83 -11.49 -13.17
CA ALA A 757 14.42 -11.24 -12.91
C ALA A 757 13.94 -12.01 -11.69
N CYS A 758 14.28 -13.29 -11.61
CA CYS A 758 13.82 -14.11 -10.49
C CYS A 758 14.51 -13.71 -9.19
N GLY A 759 15.75 -13.24 -9.26
CA GLY A 759 16.39 -12.71 -8.06
C GLY A 759 15.67 -11.48 -7.54
N GLY A 760 15.30 -10.57 -8.45
CA GLY A 760 14.49 -9.44 -8.02
C GLY A 760 13.18 -9.87 -7.39
N ILE A 761 12.49 -10.80 -8.04
CA ILE A 761 11.20 -11.24 -7.53
C ILE A 761 11.36 -11.90 -6.16
N ILE A 762 12.37 -12.75 -5.99
CA ILE A 762 12.53 -13.47 -4.74
C ILE A 762 12.95 -12.54 -3.62
N TYR A 763 13.81 -11.55 -3.91
CA TYR A 763 14.15 -10.57 -2.89
C TYR A 763 12.92 -9.75 -2.49
N PHE A 764 12.08 -9.40 -3.47
CA PHE A 764 10.85 -8.68 -3.16
C PHE A 764 9.95 -9.52 -2.26
N THR A 765 9.83 -10.81 -2.57
CA THR A 765 9.04 -11.71 -1.74
C THR A 765 9.62 -11.81 -0.32
N LEU A 766 10.94 -11.88 -0.21
CA LEU A 766 11.58 -11.85 1.09
C LEU A 766 11.20 -10.59 1.86
N TYR A 767 11.12 -9.45 1.15
CA TYR A 767 10.78 -8.20 1.83
C TYR A 767 9.34 -8.20 2.32
N LEU A 768 8.39 -8.72 1.52
CA LEU A 768 6.98 -8.67 1.91
C LEU A 768 6.71 -9.00 3.38
N PRO A 769 7.03 -10.20 3.85
CA PRO A 769 6.52 -10.63 5.17
C PRO A 769 6.87 -9.69 6.32
N TYR A 770 7.74 -8.70 6.11
CA TYR A 770 8.03 -7.74 7.18
C TYR A 770 6.77 -6.99 7.59
N VAL A 771 5.92 -6.63 6.62
CA VAL A 771 4.72 -5.86 6.93
C VAL A 771 3.80 -6.65 7.84
N LEU A 772 3.57 -7.93 7.50
CA LEU A 772 2.68 -8.74 8.33
C LEU A 772 3.31 -9.04 9.68
N CYS A 773 4.64 -9.23 9.72
CA CYS A 773 5.30 -9.48 11.00
C CYS A 773 5.16 -8.29 11.93
N VAL A 774 5.37 -7.08 11.41
CA VAL A 774 5.27 -5.89 12.25
C VAL A 774 3.81 -5.62 12.64
N ALA A 775 2.88 -5.82 11.71
CA ALA A 775 1.49 -5.52 11.99
C ALA A 775 0.93 -6.47 13.03
N TRP A 776 1.10 -7.78 12.84
CA TRP A 776 0.54 -8.74 13.78
C TRP A 776 1.28 -8.69 15.11
N GLN A 777 2.62 -8.73 15.07
CA GLN A 777 3.46 -8.67 16.26
C GLN A 777 2.87 -9.48 17.41
N ASP A 778 2.53 -10.73 17.09
CA ASP A 778 1.92 -11.64 18.05
C ASP A 778 2.99 -12.57 18.64
N TYR A 779 2.87 -12.85 19.94
CA TYR A 779 3.84 -13.70 20.63
C TYR A 779 5.26 -13.18 20.45
N VAL A 780 5.43 -11.87 20.65
CA VAL A 780 6.74 -11.26 20.49
C VAL A 780 7.70 -11.83 21.53
N GLY A 781 8.89 -12.21 21.08
CA GLY A 781 9.89 -12.79 21.94
C GLY A 781 10.99 -13.47 21.16
N PHE A 782 11.34 -14.70 21.54
CA PHE A 782 12.33 -15.46 20.78
C PHE A 782 11.85 -15.72 19.36
N THR A 783 10.55 -15.69 19.12
CA THR A 783 10.01 -15.90 17.78
C THR A 783 10.58 -14.87 16.81
N LEU A 784 10.63 -13.60 17.23
CA LEU A 784 11.13 -12.55 16.35
C LEU A 784 12.57 -12.82 15.93
N LYS A 785 13.43 -13.18 16.89
CA LYS A 785 14.83 -13.41 16.56
C LYS A 785 15.01 -14.65 15.70
N ILE A 786 14.30 -15.74 16.00
CA ILE A 786 14.46 -16.94 15.20
C ILE A 786 13.95 -16.71 13.78
N PHE A 787 12.89 -15.91 13.62
CA PHE A 787 12.38 -15.62 12.28
C PHE A 787 13.33 -14.69 11.52
N ALA A 788 13.89 -13.70 12.21
CA ALA A 788 14.86 -12.81 11.57
C ALA A 788 16.13 -13.56 11.19
N SER A 789 16.45 -14.64 11.91
CA SER A 789 17.59 -15.46 11.53
C SER A 789 17.40 -16.11 10.16
N LEU A 790 16.16 -16.14 9.67
CA LEU A 790 15.85 -16.65 8.34
C LEU A 790 15.49 -15.54 7.36
N LEU A 791 15.61 -14.28 7.76
CA LEU A 791 15.19 -13.17 6.91
C LEU A 791 15.95 -11.92 7.33
N SER A 792 16.65 -11.28 6.38
CA SER A 792 17.42 -10.07 6.63
C SER A 792 16.53 -8.82 6.64
N PRO A 793 15.68 -8.60 5.63
CA PRO A 793 14.89 -7.36 5.61
C PRO A 793 14.03 -7.15 6.84
N VAL A 794 13.54 -8.22 7.48
CA VAL A 794 12.76 -8.04 8.70
C VAL A 794 13.62 -7.43 9.80
N ALA A 795 14.84 -7.94 9.95
CA ALA A 795 15.77 -7.37 10.93
C ALA A 795 16.11 -5.93 10.59
N PHE A 796 16.32 -5.65 9.30
CA PHE A 796 16.61 -4.27 8.91
C PHE A 796 15.43 -3.36 9.23
N GLY A 797 14.21 -3.83 9.00
CA GLY A 797 13.04 -3.02 9.33
C GLY A 797 12.91 -2.78 10.82
N PHE A 798 13.21 -3.80 11.62
CA PHE A 798 13.22 -3.61 13.08
C PHE A 798 14.23 -2.55 13.47
N GLY A 799 15.43 -2.61 12.89
CA GLY A 799 16.44 -1.60 13.18
C GLY A 799 16.00 -0.21 12.73
N CYS A 800 15.34 -0.12 11.58
CA CYS A 800 14.86 1.17 11.10
C CYS A 800 13.80 1.74 12.03
N GLU A 801 12.88 0.89 12.51
CA GLU A 801 11.87 1.37 13.45
C GLU A 801 12.53 1.83 14.76
N TYR A 802 13.54 1.11 15.23
CA TYR A 802 14.24 1.54 16.44
C TYR A 802 14.95 2.88 16.21
N PHE A 803 15.55 3.06 15.03
CA PHE A 803 16.18 4.34 14.72
C PHE A 803 15.16 5.47 14.67
N ALA A 804 13.99 5.20 14.08
CA ALA A 804 12.93 6.20 14.07
C ALA A 804 12.48 6.55 15.48
N LEU A 805 12.40 5.53 16.35
CA LEU A 805 12.09 5.77 17.76
C LEU A 805 13.12 6.70 18.38
N PHE A 806 14.41 6.36 18.24
CA PHE A 806 15.47 7.17 18.84
C PHE A 806 15.54 8.56 18.23
N GLU A 807 15.01 8.74 17.02
CA GLU A 807 15.00 10.07 16.42
C GLU A 807 14.17 11.05 17.26
N GLU A 808 13.03 10.59 17.76
CA GLU A 808 12.14 11.50 18.49
C GLU A 808 12.75 11.97 19.80
N GLN A 809 13.39 11.06 20.54
CA GLN A 809 14.00 11.40 21.83
C GLN A 809 15.51 11.19 21.83
N GLY A 810 16.15 11.34 20.67
CA GLY A 810 17.60 11.20 20.59
C GLY A 810 18.33 12.43 21.07
N PHE A 828 15.71 -7.00 20.43
CA PHE A 828 15.18 -5.65 20.58
C PHE A 828 16.30 -4.62 20.48
N ASN A 829 17.35 -4.82 21.27
CA ASN A 829 18.47 -3.88 21.29
C ASN A 829 19.15 -3.86 19.92
N LEU A 830 19.66 -2.69 19.55
CA LEU A 830 20.36 -2.57 18.27
C LEU A 830 21.59 -3.46 18.24
N THR A 831 22.34 -3.52 19.34
CA THR A 831 23.52 -4.38 19.39
C THR A 831 23.15 -5.85 19.22
N THR A 832 22.07 -6.29 19.88
CA THR A 832 21.64 -7.67 19.71
C THR A 832 21.17 -7.93 18.30
N SER A 833 20.46 -6.97 17.70
CA SER A 833 20.02 -7.14 16.33
C SER A 833 21.20 -7.27 15.38
N VAL A 834 22.23 -6.45 15.55
CA VAL A 834 23.39 -6.54 14.68
C VAL A 834 24.16 -7.84 14.93
N SER A 835 24.23 -8.28 16.18
CA SER A 835 24.93 -9.53 16.48
C SER A 835 24.24 -10.72 15.82
N MET A 836 22.91 -10.81 15.97
CA MET A 836 22.18 -11.89 15.32
C MET A 836 22.21 -11.74 13.81
N MET A 837 22.28 -10.51 13.30
CA MET A 837 22.40 -10.30 11.86
C MET A 837 23.73 -10.84 11.34
N LEU A 838 24.81 -10.61 12.08
CA LEU A 838 26.10 -11.15 11.69
C LEU A 838 26.13 -12.68 11.82
N PHE A 839 25.48 -13.22 12.84
CA PHE A 839 25.37 -14.68 12.96
C PHE A 839 24.62 -15.25 11.77
N ASP A 840 23.52 -14.60 11.37
CA ASP A 840 22.80 -15.01 10.16
C ASP A 840 23.70 -14.92 8.94
N THR A 841 24.50 -13.86 8.85
CA THR A 841 25.42 -13.72 7.72
C THR A 841 26.38 -14.89 7.65
N PHE A 842 27.00 -15.25 8.78
CA PHE A 842 27.95 -16.35 8.77
C PHE A 842 27.27 -17.68 8.47
N LEU A 843 26.08 -17.91 9.03
CA LEU A 843 25.35 -19.14 8.75
C LEU A 843 25.01 -19.24 7.27
N TYR A 844 24.54 -18.14 6.68
CA TYR A 844 24.20 -18.15 5.26
C TYR A 844 25.44 -18.37 4.40
N GLY A 845 26.57 -17.77 4.79
CA GLY A 845 27.79 -17.98 4.05
C GLY A 845 28.26 -19.42 4.08
N VAL A 846 28.22 -20.05 5.25
CA VAL A 846 28.64 -21.45 5.35
C VAL A 846 27.67 -22.35 4.60
N MET A 847 26.37 -22.03 4.64
CA MET A 847 25.40 -22.80 3.86
C MET A 847 25.67 -22.65 2.37
N THR A 848 26.01 -21.44 1.93
CA THR A 848 26.35 -21.22 0.52
C THR A 848 27.56 -22.06 0.13
N TRP A 849 28.59 -22.07 0.98
CA TRP A 849 29.76 -22.89 0.70
C TRP A 849 29.39 -24.36 0.62
N TYR A 850 28.56 -24.85 1.55
CA TYR A 850 28.17 -26.24 1.54
C TYR A 850 27.43 -26.60 0.25
N ILE A 851 26.46 -25.77 -0.15
CA ILE A 851 25.68 -26.08 -1.34
C ILE A 851 26.54 -25.99 -2.60
N GLU A 852 27.46 -25.01 -2.63
CA GLU A 852 28.36 -24.91 -3.78
C GLU A 852 29.23 -26.16 -3.89
N ALA A 853 29.75 -26.65 -2.75
CA ALA A 853 30.53 -27.88 -2.77
C ALA A 853 29.67 -29.07 -3.18
N VAL A 854 28.37 -29.03 -2.87
CA VAL A 854 27.46 -30.13 -3.20
C VAL A 854 26.52 -29.69 -4.31
N PHE A 855 26.90 -29.98 -5.56
CA PHE A 855 26.09 -29.60 -6.71
C PHE A 855 26.47 -30.44 -7.93
N ASN A 912 58.68 -33.85 -20.91
CA ASN A 912 58.57 -35.30 -20.90
C ASN A 912 57.57 -35.76 -19.86
N LEU A 913 56.30 -35.41 -20.07
CA LEU A 913 55.25 -35.80 -19.13
C LEU A 913 55.07 -37.31 -19.13
N VAL A 914 54.90 -37.87 -17.92
CA VAL A 914 54.72 -39.30 -17.74
C VAL A 914 53.53 -39.53 -16.81
N LYS A 915 52.65 -40.44 -17.20
CA LYS A 915 51.49 -40.83 -16.40
C LYS A 915 51.49 -42.34 -16.28
N VAL A 916 51.55 -42.84 -15.05
CA VAL A 916 51.64 -44.28 -14.79
C VAL A 916 50.23 -44.76 -14.50
N TYR A 917 49.57 -45.33 -15.51
CA TYR A 917 48.25 -45.90 -15.34
C TYR A 917 47.97 -46.84 -16.51
N ARG A 918 47.29 -47.94 -16.22
CA ARG A 918 46.91 -48.90 -17.26
C ARG A 918 45.49 -48.63 -17.73
N ALA A 929 50.22 -45.41 -18.69
CA ALA A 929 51.62 -45.37 -19.10
C ALA A 929 51.83 -44.34 -20.19
N LEU A 930 51.03 -43.28 -20.17
CA LEU A 930 51.13 -42.24 -21.19
C LEU A 930 52.47 -41.51 -21.08
N ASN A 931 53.08 -41.24 -22.23
CA ASN A 931 54.35 -40.54 -22.29
C ASN A 931 54.27 -39.48 -23.37
N PHE A 932 54.52 -38.22 -23.00
CA PHE A 932 54.52 -37.10 -23.92
C PHE A 932 55.90 -36.47 -23.87
N TYR A 933 56.75 -36.80 -24.85
CA TYR A 933 58.13 -36.35 -24.85
C TYR A 933 58.20 -34.84 -25.09
N GLU A 934 59.28 -34.24 -24.61
CA GLU A 934 59.47 -32.80 -24.80
C GLU A 934 59.58 -32.46 -26.28
N GLY A 935 58.87 -31.43 -26.69
CA GLY A 935 58.91 -30.96 -28.07
C GLY A 935 57.88 -31.65 -28.94
N GLN A 936 57.43 -30.92 -29.97
CA GLN A 936 56.48 -31.45 -30.93
C GLN A 936 55.12 -31.67 -30.28
N ILE A 937 54.05 -31.52 -31.06
CA ILE A 937 52.70 -31.76 -30.55
C ILE A 937 52.54 -33.24 -30.23
N THR A 938 51.62 -33.54 -29.31
CA THR A 938 51.27 -34.91 -28.96
C THR A 938 49.76 -35.02 -28.93
N SER A 939 49.20 -35.76 -29.89
CA SER A 939 47.76 -35.93 -29.98
C SER A 939 47.29 -36.94 -28.95
N PHE A 940 45.97 -37.14 -28.88
CA PHE A 940 45.38 -38.05 -27.92
C PHE A 940 43.97 -38.42 -28.35
N LEU A 941 43.71 -39.72 -28.53
CA LEU A 941 42.44 -40.19 -29.07
C LEU A 941 41.87 -41.29 -28.19
N GLY A 942 40.57 -41.55 -28.37
CA GLY A 942 39.87 -42.57 -27.62
C GLY A 942 38.37 -42.47 -27.81
N HIS A 943 37.67 -43.61 -27.78
CA HIS A 943 36.24 -43.64 -28.05
C HIS A 943 35.41 -44.20 -26.90
N ASN A 944 35.85 -45.29 -26.27
CA ASN A 944 35.04 -46.01 -25.30
C ASN A 944 35.25 -45.45 -23.91
N GLY A 945 34.16 -45.30 -23.17
CA GLY A 945 34.25 -44.80 -21.82
C GLY A 945 34.72 -43.36 -21.80
N ALA A 946 35.36 -42.98 -20.69
CA ALA A 946 35.89 -41.63 -20.58
C ALA A 946 36.96 -41.37 -21.63
N GLY A 947 38.10 -42.04 -21.51
CA GLY A 947 39.16 -41.90 -22.50
C GLY A 947 39.88 -40.58 -22.35
N LYS A 948 39.15 -39.49 -22.58
CA LYS A 948 39.68 -38.13 -22.46
C LYS A 948 39.31 -37.45 -21.16
N THR A 949 38.07 -37.60 -20.69
CA THR A 949 37.62 -36.86 -19.52
C THR A 949 38.47 -37.18 -18.30
N THR A 950 38.91 -38.43 -18.15
CA THR A 950 39.71 -38.79 -16.99
C THR A 950 41.04 -38.03 -16.96
N THR A 951 41.67 -37.84 -18.12
CA THR A 951 42.96 -37.17 -18.15
C THR A 951 42.84 -35.72 -17.68
N MET A 952 41.88 -34.98 -18.23
CA MET A 952 41.67 -33.62 -17.77
C MET A 952 41.23 -33.59 -16.32
N SER A 953 40.42 -34.56 -15.90
CA SER A 953 39.97 -34.59 -14.52
C SER A 953 41.15 -34.73 -13.56
N ILE A 954 42.09 -35.62 -13.88
CA ILE A 954 43.23 -35.83 -13.00
C ILE A 954 44.18 -34.63 -13.05
N LEU A 955 44.46 -34.11 -14.24
CA LEU A 955 45.47 -33.05 -14.33
C LEU A 955 44.94 -31.74 -13.72
N THR A 956 43.73 -31.34 -14.11
CA THR A 956 43.07 -30.21 -13.44
C THR A 956 41.56 -30.41 -13.61
N GLY A 957 40.94 -31.07 -12.64
CA GLY A 957 39.51 -31.26 -12.66
C GLY A 957 38.89 -31.27 -11.27
N LEU A 958 39.56 -30.60 -10.32
CA LEU A 958 39.18 -30.67 -8.92
C LEU A 958 39.24 -32.12 -8.40
N PHE A 959 40.11 -32.92 -9.01
CA PHE A 959 40.34 -34.31 -8.62
C PHE A 959 41.85 -34.50 -8.45
N PRO A 960 42.43 -33.86 -7.43
CA PRO A 960 43.90 -33.85 -7.32
C PRO A 960 44.49 -35.25 -7.25
N PRO A 961 44.05 -36.13 -6.32
CA PRO A 961 44.71 -37.44 -6.23
C PRO A 961 44.56 -38.27 -7.50
N THR A 962 43.32 -38.57 -7.87
CA THR A 962 42.99 -39.44 -8.99
C THR A 962 41.50 -39.25 -9.31
N SER A 963 40.99 -40.08 -10.21
CA SER A 963 39.56 -40.15 -10.50
C SER A 963 39.08 -41.60 -10.53
N GLY A 964 39.83 -42.51 -9.94
CA GLY A 964 39.52 -43.93 -9.98
C GLY A 964 40.60 -44.72 -10.67
N THR A 965 41.83 -44.22 -10.63
CA THR A 965 42.97 -44.81 -11.31
C THR A 965 44.14 -44.93 -10.34
N ALA A 966 45.30 -45.32 -10.88
CA ALA A 966 46.49 -45.46 -10.06
C ALA A 966 46.89 -44.10 -9.49
N TYR A 967 47.44 -44.13 -8.27
CA TYR A 967 47.76 -42.90 -7.55
C TYR A 967 49.08 -42.30 -8.04
N ILE A 968 49.18 -42.07 -9.34
CA ILE A 968 50.35 -41.43 -9.95
C ILE A 968 49.84 -40.30 -10.83
N LEU A 969 50.21 -39.06 -10.49
CA LEU A 969 49.74 -37.91 -11.25
C LEU A 969 50.59 -37.68 -12.51
N GLY A 970 51.88 -37.43 -12.32
CA GLY A 970 52.79 -37.17 -13.41
C GLY A 970 53.60 -35.91 -13.15
N LYS A 971 54.47 -35.60 -14.11
CA LYS A 971 55.35 -34.44 -14.06
C LYS A 971 56.30 -34.49 -12.86
N ASP A 972 56.53 -35.69 -12.31
CA ASP A 972 57.47 -35.91 -11.21
C ASP A 972 57.28 -34.89 -10.08
N ILE A 973 56.05 -34.41 -9.90
CA ILE A 973 55.73 -33.55 -8.77
C ILE A 973 54.61 -34.19 -7.95
N ARG A 974 53.44 -34.34 -8.55
CA ARG A 974 52.29 -35.07 -8.02
C ARG A 974 51.74 -34.47 -6.73
N SER A 975 52.31 -33.38 -6.22
CA SER A 975 51.88 -32.80 -4.95
C SER A 975 51.37 -31.37 -5.07
N GLU A 976 52.13 -30.51 -5.76
CA GLU A 976 51.80 -29.09 -5.84
C GLU A 976 51.44 -28.72 -7.27
N MET A 977 50.31 -28.02 -7.43
CA MET A 977 49.78 -27.69 -8.75
C MET A 977 49.97 -26.23 -9.13
N SER A 978 50.21 -25.34 -8.16
CA SER A 978 50.22 -23.91 -8.45
C SER A 978 51.31 -23.55 -9.45
N THR A 979 52.51 -24.12 -9.28
CA THR A 979 53.62 -23.76 -10.17
C THR A 979 53.31 -24.17 -11.61
N ILE A 980 52.85 -25.40 -11.82
CA ILE A 980 52.53 -25.86 -13.17
C ILE A 980 51.32 -25.10 -13.69
N ARG A 981 50.33 -24.84 -12.83
CA ARG A 981 49.17 -24.06 -13.25
C ARG A 981 49.60 -22.69 -13.77
N GLN A 982 50.60 -22.09 -13.14
CA GLN A 982 51.22 -20.90 -13.71
C GLN A 982 51.92 -21.22 -15.03
N ASN A 983 52.55 -22.39 -15.12
CA ASN A 983 53.26 -22.80 -16.32
C ASN A 983 52.40 -23.61 -17.29
N LEU A 984 51.10 -23.76 -17.01
CA LEU A 984 50.20 -24.55 -17.83
C LEU A 984 49.10 -23.68 -18.41
N GLY A 985 48.75 -23.96 -19.67
CA GLY A 985 47.63 -23.31 -20.31
C GLY A 985 46.62 -24.31 -20.82
N VAL A 986 45.33 -24.09 -20.52
CA VAL A 986 44.26 -25.00 -20.89
C VAL A 986 43.29 -24.26 -21.78
N CYS A 987 42.88 -24.92 -22.87
CA CYS A 987 41.95 -24.34 -23.85
C CYS A 987 40.81 -25.33 -24.08
N PRO A 988 39.82 -25.35 -23.19
CA PRO A 988 38.70 -26.30 -23.35
C PRO A 988 37.77 -25.90 -24.48
N GLN A 989 36.69 -26.66 -24.68
CA GLN A 989 35.78 -26.38 -25.78
C GLN A 989 35.13 -25.01 -25.62
N HIS A 990 34.62 -24.71 -24.43
CA HIS A 990 34.00 -23.41 -24.20
C HIS A 990 35.04 -22.30 -24.31
N ASN A 991 34.63 -21.19 -24.92
CA ASN A 991 35.55 -20.11 -25.23
C ASN A 991 35.48 -19.03 -24.15
N VAL A 992 36.31 -17.99 -24.32
CA VAL A 992 36.46 -16.92 -23.33
C VAL A 992 36.38 -15.61 -24.11
N LEU A 993 35.26 -14.89 -23.95
CA LEU A 993 35.05 -13.63 -24.64
C LEU A 993 35.02 -12.44 -23.69
N PHE A 994 34.41 -12.59 -22.52
CA PHE A 994 34.31 -11.54 -21.50
C PHE A 994 33.60 -10.29 -22.07
N ASP A 995 32.36 -10.52 -22.47
CA ASP A 995 31.46 -9.45 -22.91
C ASP A 995 32.24 -8.54 -23.87
N MET A 996 32.11 -7.21 -23.73
CA MET A 996 32.71 -6.26 -24.65
C MET A 996 34.03 -5.70 -24.16
N LEU A 997 34.82 -6.49 -23.44
CA LEU A 997 36.13 -6.02 -22.98
C LEU A 997 37.12 -6.04 -24.13
N THR A 998 36.82 -5.30 -25.19
CA THR A 998 37.69 -5.22 -26.37
C THR A 998 38.02 -6.63 -26.82
N VAL A 999 39.19 -6.83 -27.44
CA VAL A 999 39.66 -8.15 -27.85
C VAL A 999 41.01 -8.48 -27.22
N GLU A 1000 41.95 -7.52 -27.20
CA GLU A 1000 43.26 -7.77 -26.63
C GLU A 1000 43.35 -7.44 -25.14
N GLU A 1001 42.35 -6.75 -24.58
CA GLU A 1001 42.32 -6.58 -23.13
C GLU A 1001 42.35 -7.93 -22.44
N HIS A 1002 41.71 -8.94 -23.04
CA HIS A 1002 41.87 -10.31 -22.54
C HIS A 1002 43.33 -10.69 -22.53
N ILE A 1003 44.08 -10.32 -23.57
CA ILE A 1003 45.48 -10.70 -23.66
C ILE A 1003 46.28 -10.07 -22.53
N TRP A 1004 46.15 -8.76 -22.32
CA TRP A 1004 46.91 -8.15 -21.22
C TRP A 1004 46.46 -8.71 -19.87
N PHE A 1005 45.15 -8.90 -19.67
CA PHE A 1005 44.67 -9.39 -18.38
C PHE A 1005 45.24 -10.77 -18.08
N TYR A 1006 45.22 -11.67 -19.07
CA TYR A 1006 45.75 -13.01 -18.87
C TYR A 1006 47.26 -12.98 -18.66
N ALA A 1007 47.97 -12.13 -19.41
CA ALA A 1007 49.41 -12.03 -19.24
C ALA A 1007 49.77 -11.56 -17.83
N ARG A 1008 49.07 -10.53 -17.35
CA ARG A 1008 49.31 -10.03 -16.01
C ARG A 1008 48.95 -11.08 -14.95
N LEU A 1009 47.86 -11.81 -15.16
CA LEU A 1009 47.47 -12.85 -14.22
C LEU A 1009 48.54 -13.94 -14.14
N LYS A 1010 49.07 -14.36 -15.29
CA LYS A 1010 50.03 -15.44 -15.36
C LYS A 1010 51.47 -14.92 -15.32
N GLY A 1011 51.82 -14.02 -16.23
CA GLY A 1011 53.18 -13.54 -16.31
C GLY A 1011 53.45 -12.35 -15.41
N LEU A 1012 53.96 -11.26 -16.00
CA LEU A 1012 54.31 -10.07 -15.23
C LEU A 1012 54.24 -8.87 -16.15
N SER A 1013 54.35 -7.69 -15.55
CA SER A 1013 54.32 -6.45 -16.30
C SER A 1013 55.68 -6.21 -16.96
N GLU A 1014 55.89 -5.01 -17.48
CA GLU A 1014 57.12 -4.61 -18.18
C GLU A 1014 57.47 -5.70 -19.18
N LYS A 1015 58.74 -6.10 -19.31
CA LYS A 1015 59.20 -6.93 -20.43
C LYS A 1015 58.19 -8.01 -20.82
N HIS A 1016 57.77 -8.82 -19.85
CA HIS A 1016 56.92 -9.98 -20.17
C HIS A 1016 55.68 -9.54 -20.94
N VAL A 1017 54.92 -8.59 -20.38
CA VAL A 1017 53.68 -8.21 -21.03
C VAL A 1017 53.96 -7.64 -22.42
N LYS A 1018 55.11 -6.98 -22.60
CA LYS A 1018 55.44 -6.45 -23.92
C LYS A 1018 55.29 -7.54 -24.98
N ALA A 1019 55.80 -8.74 -24.68
CA ALA A 1019 55.78 -9.82 -25.65
C ALA A 1019 54.45 -9.93 -26.35
N GLU A 1020 53.36 -9.67 -25.62
CA GLU A 1020 52.04 -9.92 -26.21
C GLU A 1020 51.92 -9.22 -27.56
N MET A 1021 52.24 -7.92 -27.61
CA MET A 1021 52.05 -7.23 -28.89
C MET A 1021 52.83 -7.92 -30.00
N GLU A 1022 54.10 -8.25 -29.77
CA GLU A 1022 54.86 -8.86 -30.84
C GLU A 1022 54.25 -10.21 -31.23
N GLN A 1023 53.84 -11.01 -30.24
CA GLN A 1023 53.19 -12.26 -30.61
C GLN A 1023 51.83 -11.97 -31.24
N MET A 1024 51.15 -10.91 -30.77
CA MET A 1024 49.94 -10.45 -31.44
C MET A 1024 50.26 -10.07 -32.89
N ALA A 1025 51.43 -9.45 -33.12
CA ALA A 1025 51.80 -9.11 -34.48
C ALA A 1025 51.89 -10.33 -35.37
N LEU A 1026 52.10 -11.52 -34.78
CA LEU A 1026 52.06 -12.77 -35.52
C LEU A 1026 50.73 -13.49 -35.40
N ASP A 1027 49.93 -13.17 -34.38
CA ASP A 1027 48.69 -13.90 -34.15
C ASP A 1027 47.71 -13.67 -35.29
N VAL A 1028 47.26 -12.42 -35.47
CA VAL A 1028 46.40 -12.04 -36.58
C VAL A 1028 46.66 -10.58 -36.91
N GLY A 1029 46.77 -10.28 -38.20
CA GLY A 1029 46.96 -8.92 -38.65
C GLY A 1029 45.65 -8.22 -38.91
N LEU A 1030 45.17 -7.45 -37.94
CA LEU A 1030 43.89 -6.76 -38.06
C LEU A 1030 43.99 -5.38 -37.43
N PRO A 1031 45.03 -4.61 -37.74
CA PRO A 1031 45.24 -3.34 -37.02
C PRO A 1031 44.10 -2.35 -37.16
N SER A 1032 43.49 -2.28 -38.35
CA SER A 1032 42.39 -1.35 -38.55
C SER A 1032 41.24 -1.67 -37.60
N SER A 1033 40.88 -2.96 -37.50
CA SER A 1033 39.83 -3.36 -36.58
C SER A 1033 40.26 -3.22 -35.14
N LYS A 1034 41.54 -3.50 -34.84
CA LYS A 1034 42.03 -3.31 -33.48
C LYS A 1034 41.81 -1.87 -33.02
N LEU A 1035 42.19 -0.91 -33.84
CA LEU A 1035 42.06 0.49 -33.47
C LEU A 1035 40.62 1.00 -33.60
N LYS A 1036 39.80 0.36 -34.44
CA LYS A 1036 38.42 0.80 -34.67
C LYS A 1036 37.41 -0.05 -33.91
N SER A 1037 37.40 -1.35 -34.15
CA SER A 1037 36.44 -2.27 -33.54
C SER A 1037 37.20 -3.17 -32.57
N LYS A 1038 37.33 -2.70 -31.32
CA LYS A 1038 38.11 -3.43 -30.33
C LYS A 1038 37.35 -4.64 -29.81
N THR A 1039 36.03 -4.52 -29.69
CA THR A 1039 35.24 -5.60 -29.10
C THR A 1039 35.39 -6.89 -29.89
N SER A 1040 35.49 -8.01 -29.17
CA SER A 1040 35.71 -9.30 -29.82
C SER A 1040 34.44 -9.86 -30.43
N GLN A 1041 33.26 -9.47 -29.92
CA GLN A 1041 32.02 -10.05 -30.41
C GLN A 1041 31.82 -9.77 -31.90
N LEU A 1042 32.10 -8.54 -32.34
CA LEU A 1042 32.00 -8.22 -33.76
C LEU A 1042 33.14 -8.81 -34.57
N SER A 1043 34.18 -9.32 -33.91
CA SER A 1043 35.27 -10.02 -34.59
C SER A 1043 34.95 -11.51 -34.53
N GLY A 1044 34.16 -11.99 -35.49
CA GLY A 1044 33.71 -13.37 -35.53
C GLY A 1044 34.61 -14.21 -36.41
N GLY A 1045 34.85 -15.45 -35.96
CA GLY A 1045 35.66 -16.38 -36.72
C GLY A 1045 36.94 -16.80 -36.02
N MET A 1046 37.58 -15.84 -35.35
CA MET A 1046 38.84 -16.09 -34.66
C MET A 1046 38.68 -16.25 -33.15
N GLN A 1047 37.44 -16.45 -32.67
CA GLN A 1047 37.23 -16.63 -31.24
C GLN A 1047 37.97 -17.86 -30.74
N ARG A 1048 37.92 -18.96 -31.48
CA ARG A 1048 38.74 -20.12 -31.15
C ARG A 1048 40.22 -19.76 -31.22
N LYS A 1049 40.61 -19.00 -32.24
CA LYS A 1049 41.99 -18.54 -32.36
C LYS A 1049 42.38 -17.67 -31.17
N LEU A 1050 41.48 -16.78 -30.76
CA LEU A 1050 41.75 -15.94 -29.59
C LEU A 1050 41.94 -16.79 -28.34
N SER A 1051 41.08 -17.80 -28.15
CA SER A 1051 41.19 -18.64 -26.96
C SER A 1051 42.51 -19.41 -26.95
N VAL A 1052 42.88 -19.99 -28.09
CA VAL A 1052 44.12 -20.76 -28.13
C VAL A 1052 45.32 -19.84 -27.95
N ALA A 1053 45.25 -18.61 -28.47
CA ALA A 1053 46.32 -17.65 -28.25
C ALA A 1053 46.43 -17.29 -26.76
N LEU A 1054 45.29 -17.08 -26.10
CA LEU A 1054 45.31 -16.82 -24.67
C LEU A 1054 45.90 -18.00 -23.91
N ALA A 1055 45.68 -19.22 -24.41
CA ALA A 1055 46.33 -20.38 -23.81
C ALA A 1055 47.86 -20.28 -23.91
N PHE A 1056 48.37 -19.52 -24.86
CA PHE A 1056 49.82 -19.32 -25.01
C PHE A 1056 50.25 -18.02 -24.33
N VAL A 1057 50.09 -17.99 -23.01
CA VAL A 1057 50.51 -16.85 -22.20
C VAL A 1057 51.33 -17.37 -21.03
N GLY A 1058 52.20 -16.51 -20.51
CA GLY A 1058 53.09 -16.94 -19.45
C GLY A 1058 53.94 -18.10 -19.92
N GLY A 1059 53.84 -19.22 -19.21
CA GLY A 1059 54.54 -20.43 -19.61
C GLY A 1059 53.72 -21.29 -20.54
N SER A 1060 53.97 -21.16 -21.85
CA SER A 1060 53.27 -21.98 -22.85
C SER A 1060 54.13 -23.19 -23.22
N LYS A 1061 54.30 -24.06 -22.23
CA LYS A 1061 55.23 -25.18 -22.33
C LYS A 1061 54.57 -26.54 -22.12
N VAL A 1062 53.47 -26.61 -21.38
CA VAL A 1062 52.76 -27.87 -21.16
C VAL A 1062 51.29 -27.67 -21.53
N VAL A 1063 51.05 -26.80 -22.51
CA VAL A 1063 49.69 -26.42 -22.90
C VAL A 1063 48.89 -27.65 -23.27
N ILE A 1064 47.58 -27.61 -22.99
CA ILE A 1064 46.65 -28.69 -23.30
C ILE A 1064 45.47 -28.10 -24.04
N LEU A 1065 45.10 -28.73 -25.16
CA LEU A 1065 44.02 -28.26 -26.02
C LEU A 1065 42.99 -29.36 -26.19
N ASP A 1066 41.71 -28.99 -26.08
CA ASP A 1066 40.60 -29.91 -26.27
C ASP A 1066 39.74 -29.39 -27.42
N GLU A 1067 39.73 -30.11 -28.54
CA GLU A 1067 38.99 -29.72 -29.72
C GLU A 1067 39.27 -28.25 -30.08
N PRO A 1068 40.52 -27.92 -30.40
CA PRO A 1068 40.86 -26.51 -30.64
C PRO A 1068 40.10 -25.88 -31.81
N THR A 1069 39.71 -26.67 -32.82
CA THR A 1069 39.06 -26.16 -34.01
C THR A 1069 37.63 -26.68 -34.08
N ALA A 1070 36.67 -25.75 -34.17
CA ALA A 1070 35.26 -26.13 -34.29
C ALA A 1070 34.53 -24.95 -34.92
N GLY A 1071 34.21 -25.08 -36.21
CA GLY A 1071 33.49 -24.02 -36.91
C GLY A 1071 33.63 -24.17 -38.41
N VAL A 1072 33.75 -23.02 -39.08
CA VAL A 1072 34.00 -23.02 -40.52
C VAL A 1072 35.42 -23.53 -40.72
N ASP A 1073 35.53 -24.79 -41.18
CA ASP A 1073 36.79 -25.51 -41.00
C ASP A 1073 37.96 -24.92 -41.77
N PRO A 1074 37.85 -24.55 -43.05
CA PRO A 1074 39.08 -24.46 -43.86
C PRO A 1074 40.06 -23.40 -43.36
N TYR A 1075 39.61 -22.14 -43.37
CA TYR A 1075 40.53 -21.04 -43.07
C TYR A 1075 40.85 -20.97 -41.58
N SER A 1076 39.84 -21.10 -40.72
CA SER A 1076 40.10 -21.06 -39.28
C SER A 1076 41.01 -22.20 -38.85
N ARG A 1077 40.74 -23.41 -39.35
CA ARG A 1077 41.55 -24.57 -38.99
C ARG A 1077 42.97 -24.43 -39.50
N ARG A 1078 43.15 -23.94 -40.74
CA ARG A 1078 44.50 -23.74 -41.25
C ARG A 1078 45.24 -22.67 -40.44
N GLY A 1079 44.53 -21.61 -40.05
CA GLY A 1079 45.16 -20.61 -39.20
C GLY A 1079 45.58 -21.16 -37.86
N ILE A 1080 44.74 -22.00 -37.24
CA ILE A 1080 45.09 -22.62 -35.97
C ILE A 1080 46.31 -23.51 -36.15
N TRP A 1081 46.34 -24.30 -37.21
CA TRP A 1081 47.48 -25.18 -37.46
C TRP A 1081 48.76 -24.36 -37.63
N GLU A 1082 48.69 -23.28 -38.42
CA GLU A 1082 49.87 -22.45 -38.63
C GLU A 1082 50.32 -21.81 -37.33
N LEU A 1083 49.38 -21.34 -36.51
CA LEU A 1083 49.72 -20.76 -35.22
C LEU A 1083 50.44 -21.78 -34.34
N LEU A 1084 49.90 -22.99 -34.25
CA LEU A 1084 50.53 -24.03 -33.43
C LEU A 1084 51.92 -24.35 -33.95
N LEU A 1085 52.08 -24.47 -35.27
CA LEU A 1085 53.37 -24.83 -35.83
C LEU A 1085 54.40 -23.73 -35.62
N LYS A 1086 53.99 -22.47 -35.76
CA LYS A 1086 54.96 -21.37 -35.74
C LYS A 1086 55.19 -20.79 -34.35
N TYR A 1087 54.38 -21.16 -33.35
CA TYR A 1087 54.57 -20.66 -31.99
C TYR A 1087 55.30 -21.65 -31.09
N ARG A 1088 54.73 -22.84 -30.91
CA ARG A 1088 55.08 -23.71 -29.80
C ARG A 1088 55.70 -25.03 -30.29
N GLN A 1089 56.60 -24.96 -31.25
CA GLN A 1089 57.41 -26.13 -31.61
C GLN A 1089 58.70 -26.17 -30.78
N GLY A 1090 58.55 -26.01 -29.47
CA GLY A 1090 59.70 -26.01 -28.59
C GLY A 1090 59.66 -27.08 -27.50
N ARG A 1091 58.47 -27.41 -27.01
CA ARG A 1091 58.34 -28.30 -25.86
C ARG A 1091 56.96 -28.94 -25.88
N THR A 1092 56.60 -29.58 -24.76
CA THR A 1092 55.43 -30.45 -24.71
C THR A 1092 54.15 -29.71 -25.07
N ILE A 1093 53.26 -30.41 -25.79
CA ILE A 1093 51.90 -29.95 -26.06
C ILE A 1093 50.99 -31.17 -26.05
N ILE A 1094 49.80 -31.01 -25.47
CA ILE A 1094 48.78 -32.06 -25.46
C ILE A 1094 47.61 -31.58 -26.30
N LEU A 1095 47.13 -32.44 -27.20
CA LEU A 1095 46.01 -32.09 -28.07
C LEU A 1095 45.03 -33.25 -28.12
N SER A 1096 43.75 -32.94 -27.98
CA SER A 1096 42.67 -33.92 -28.09
C SER A 1096 41.61 -33.40 -29.05
N THR A 1097 41.11 -34.28 -29.90
CA THR A 1097 40.10 -33.92 -30.88
C THR A 1097 39.43 -35.19 -31.38
N HIS A 1098 38.35 -35.01 -32.15
CA HIS A 1098 37.61 -36.13 -32.73
C HIS A 1098 37.57 -36.10 -34.25
N HIS A 1099 37.93 -34.98 -34.88
CA HIS A 1099 37.92 -34.92 -36.34
C HIS A 1099 38.88 -35.94 -36.95
N MET A 1100 40.03 -36.15 -36.31
CA MET A 1100 41.03 -37.14 -36.68
C MET A 1100 41.75 -36.79 -37.97
N ASP A 1101 41.42 -35.67 -38.61
CA ASP A 1101 42.19 -35.13 -39.72
C ASP A 1101 43.24 -34.13 -39.27
N GLU A 1102 43.00 -33.44 -38.15
CA GLU A 1102 44.02 -32.56 -37.60
C GLU A 1102 45.23 -33.36 -37.13
N ALA A 1103 45.00 -34.54 -36.56
CA ALA A 1103 46.09 -35.36 -36.06
C ALA A 1103 47.06 -35.75 -37.18
N ASP A 1104 46.53 -36.16 -38.33
CA ASP A 1104 47.39 -36.64 -39.40
C ASP A 1104 48.25 -35.51 -39.95
N VAL A 1105 47.66 -34.35 -40.23
CA VAL A 1105 48.41 -33.25 -40.80
C VAL A 1105 49.46 -32.76 -39.82
N LEU A 1106 49.08 -32.64 -38.55
CA LEU A 1106 50.02 -32.18 -37.54
C LEU A 1106 51.17 -33.16 -37.37
N GLY A 1107 52.38 -32.63 -37.22
CA GLY A 1107 53.51 -33.48 -36.91
C GLY A 1107 53.54 -33.78 -35.42
N ASP A 1108 53.12 -34.98 -35.05
CA ASP A 1108 52.94 -35.32 -33.65
C ASP A 1108 52.96 -36.84 -33.51
N ARG A 1109 53.12 -37.29 -32.27
CA ARG A 1109 53.05 -38.71 -31.94
C ARG A 1109 51.65 -39.00 -31.43
N ILE A 1110 50.84 -39.67 -32.26
CA ILE A 1110 49.48 -39.99 -31.87
C ILE A 1110 49.51 -41.00 -30.73
N ALA A 1111 48.44 -40.98 -29.93
CA ALA A 1111 48.26 -41.94 -28.84
C ALA A 1111 46.81 -42.37 -28.83
N ILE A 1112 46.57 -43.68 -28.71
CA ILE A 1112 45.24 -44.27 -28.78
C ILE A 1112 44.94 -44.96 -27.46
N ILE A 1113 43.83 -44.57 -26.83
CA ILE A 1113 43.34 -45.17 -25.59
C ILE A 1113 41.93 -45.68 -25.84
N SER A 1114 41.69 -46.95 -25.52
CA SER A 1114 40.36 -47.55 -25.69
C SER A 1114 39.60 -47.66 -24.38
N HIS A 1115 40.21 -48.25 -23.36
CA HIS A 1115 39.60 -48.42 -22.04
C HIS A 1115 40.58 -47.99 -20.95
N GLY A 1116 41.19 -46.84 -21.14
CA GLY A 1116 42.21 -46.34 -20.21
C GLY A 1116 43.60 -46.86 -20.53
N LYS A 1117 43.72 -48.16 -20.73
CA LYS A 1117 45.01 -48.76 -21.08
C LYS A 1117 45.44 -48.29 -22.47
N LEU A 1118 46.73 -48.00 -22.61
CA LEU A 1118 47.26 -47.56 -23.89
C LEU A 1118 47.18 -48.68 -24.92
N CYS A 1119 46.72 -48.34 -26.12
CA CYS A 1119 46.62 -49.29 -27.22
C CYS A 1119 47.80 -49.17 -28.18
N CYS A 1120 48.11 -47.96 -28.64
CA CYS A 1120 49.26 -47.73 -29.50
C CYS A 1120 49.67 -46.28 -29.37
N VAL A 1121 50.91 -46.00 -29.76
CA VAL A 1121 51.46 -44.65 -29.68
C VAL A 1121 52.63 -44.55 -30.64
N GLY A 1122 52.82 -43.37 -31.20
CA GLY A 1122 53.94 -43.09 -32.09
C GLY A 1122 53.53 -42.24 -33.26
N SER A 1123 54.50 -42.01 -34.15
CA SER A 1123 54.25 -41.18 -35.32
C SER A 1123 53.22 -41.83 -36.23
N SER A 1124 52.66 -41.03 -37.14
CA SER A 1124 51.63 -41.52 -38.05
C SER A 1124 52.12 -42.75 -38.81
N LEU A 1125 53.18 -42.58 -39.61
CA LEU A 1125 53.74 -43.71 -40.33
C LEU A 1125 54.28 -44.76 -39.38
N PHE A 1126 54.80 -44.35 -38.23
CA PHE A 1126 55.35 -45.30 -37.27
C PHE A 1126 54.29 -46.32 -36.85
N LEU A 1127 53.10 -45.83 -36.46
CA LEU A 1127 52.03 -46.75 -36.08
C LEU A 1127 51.39 -47.41 -37.28
N LYS A 1128 51.35 -46.73 -38.43
CA LYS A 1128 50.73 -47.31 -39.62
C LYS A 1128 51.53 -48.50 -40.14
N ASN A 1129 52.84 -48.51 -39.90
CA ASN A 1129 53.68 -49.59 -40.42
C ASN A 1129 53.25 -50.95 -39.86
N GLN A 1130 52.99 -51.00 -38.55
CA GLN A 1130 52.66 -52.27 -37.91
C GLN A 1130 51.17 -52.45 -37.65
N LEU A 1131 50.38 -51.38 -37.66
CA LEU A 1131 48.94 -51.47 -37.40
C LEU A 1131 48.17 -50.64 -38.42
N GLY A 1132 48.51 -50.78 -39.69
CA GLY A 1132 47.87 -50.04 -40.77
C GLY A 1132 47.24 -50.98 -41.78
N THR A 1133 45.99 -50.69 -42.12
CA THR A 1133 45.29 -51.43 -43.15
C THR A 1133 45.90 -51.09 -44.52
N GLY A 1134 45.45 -51.81 -45.55
CA GLY A 1134 46.06 -51.73 -46.86
C GLY A 1134 46.13 -50.37 -47.50
N TYR A 1135 46.67 -50.34 -48.72
CA TYR A 1135 46.98 -49.12 -49.45
C TYR A 1135 45.87 -48.85 -50.47
N TYR A 1136 45.14 -47.75 -50.29
CA TYR A 1136 43.93 -47.50 -51.05
C TYR A 1136 44.28 -46.88 -52.41
N LEU A 1137 43.70 -47.45 -53.47
CA LEU A 1137 43.85 -46.93 -54.82
C LEU A 1137 42.46 -46.74 -55.40
N THR A 1138 42.14 -45.51 -55.79
CA THR A 1138 40.82 -45.17 -56.31
C THR A 1138 40.92 -44.82 -57.78
N LEU A 1139 39.84 -45.11 -58.52
CA LEU A 1139 39.76 -44.76 -59.93
C LEU A 1139 38.36 -44.25 -60.24
N VAL A 1140 38.27 -43.41 -61.26
CA VAL A 1140 37.00 -42.81 -61.65
C VAL A 1140 36.83 -42.87 -63.16
N ASP A 1188 35.69 -52.71 -68.33
CA ASP A 1188 34.72 -52.36 -67.30
C ASP A 1188 35.27 -52.65 -65.91
N VAL A 1189 34.38 -52.76 -64.92
CA VAL A 1189 34.83 -53.03 -63.56
C VAL A 1189 35.53 -54.38 -63.49
N SER A 1190 34.98 -55.40 -64.15
CA SER A 1190 35.60 -56.71 -64.14
C SER A 1190 36.96 -56.69 -64.81
N ALA A 1191 37.11 -55.88 -65.87
CA ALA A 1191 38.39 -55.79 -66.56
C ALA A 1191 39.47 -55.29 -65.63
N ILE A 1192 39.20 -54.19 -64.92
CA ILE A 1192 40.19 -53.66 -63.97
C ILE A 1192 40.40 -54.65 -62.82
N SER A 1193 39.32 -55.31 -62.38
CA SER A 1193 39.42 -56.24 -61.28
C SER A 1193 40.38 -57.38 -61.61
N ASN A 1194 40.26 -57.95 -62.81
CA ASN A 1194 41.15 -59.04 -63.20
C ASN A 1194 42.52 -58.53 -63.63
N LEU A 1195 42.62 -57.28 -64.06
CA LEU A 1195 43.93 -56.71 -64.38
C LEU A 1195 44.77 -56.52 -63.12
N ILE A 1196 44.14 -56.09 -62.03
CA ILE A 1196 44.86 -55.84 -60.78
C ILE A 1196 45.02 -57.12 -59.97
N ARG A 1197 43.95 -57.92 -59.85
CA ARG A 1197 43.99 -59.10 -59.01
C ARG A 1197 44.97 -60.15 -59.56
N LYS A 1198 44.87 -60.44 -60.86
CA LYS A 1198 45.70 -61.49 -61.43
C LYS A 1198 47.18 -61.07 -61.44
N HIS A 1199 47.46 -59.80 -61.71
CA HIS A 1199 48.86 -59.34 -61.68
C HIS A 1199 49.43 -59.48 -60.28
N VAL A 1200 48.68 -59.07 -59.26
CA VAL A 1200 49.10 -59.20 -57.86
C VAL A 1200 47.91 -59.77 -57.09
N SER A 1201 48.12 -60.93 -56.46
CA SER A 1201 47.01 -61.60 -55.79
C SER A 1201 46.57 -60.86 -54.53
N GLU A 1202 47.49 -60.17 -53.87
CA GLU A 1202 47.16 -59.52 -52.60
C GLU A 1202 46.09 -58.45 -52.77
N ALA A 1203 45.97 -57.88 -53.97
CA ALA A 1203 44.99 -56.83 -54.20
C ALA A 1203 43.58 -57.38 -54.07
N ARG A 1204 42.67 -56.53 -53.58
CA ARG A 1204 41.28 -56.94 -53.37
C ARG A 1204 40.40 -55.70 -53.38
N LEU A 1205 39.11 -55.93 -53.53
CA LEU A 1205 38.11 -54.87 -53.51
C LEU A 1205 37.56 -54.67 -52.10
N VAL A 1206 37.14 -53.45 -51.80
CA VAL A 1206 36.63 -53.07 -50.50
C VAL A 1206 35.20 -52.51 -50.59
N GLU A 1207 34.97 -51.61 -51.53
CA GLU A 1207 33.67 -50.97 -51.67
C GLU A 1207 33.63 -50.20 -52.98
N ASP A 1208 32.45 -50.13 -53.59
CA ASP A 1208 32.25 -49.45 -54.86
C ASP A 1208 30.97 -48.65 -54.83
N ILE A 1209 31.03 -47.44 -55.40
CA ILE A 1209 29.84 -46.60 -55.58
C ILE A 1209 29.96 -45.90 -56.92
N GLY A 1210 28.81 -45.54 -57.48
CA GLY A 1210 28.75 -44.89 -58.78
C GLY A 1210 29.83 -43.86 -59.00
N HIS A 1211 30.45 -43.90 -60.18
CA HIS A 1211 31.48 -42.95 -60.61
C HIS A 1211 32.78 -43.10 -59.81
N GLU A 1212 32.97 -44.20 -59.09
CA GLU A 1212 34.28 -44.44 -58.50
C GLU A 1212 34.44 -45.94 -58.23
N LEU A 1213 35.68 -46.34 -58.00
CA LEU A 1213 36.00 -47.72 -57.63
C LEU A 1213 37.25 -47.72 -56.78
N THR A 1214 37.18 -48.38 -55.63
CA THR A 1214 38.28 -48.46 -54.68
C THR A 1214 38.89 -49.85 -54.65
N TYR A 1215 40.19 -49.92 -54.39
CA TYR A 1215 40.90 -51.17 -54.23
C TYR A 1215 41.89 -51.03 -53.08
N VAL A 1216 42.19 -52.15 -52.42
CA VAL A 1216 43.09 -52.18 -51.28
C VAL A 1216 44.26 -53.08 -51.64
N LEU A 1217 45.47 -52.52 -51.65
CA LEU A 1217 46.70 -53.27 -51.90
C LEU A 1217 47.56 -53.23 -50.63
N PRO A 1218 47.60 -54.31 -49.86
CA PRO A 1218 48.42 -54.30 -48.64
C PRO A 1218 49.88 -54.00 -48.96
N TYR A 1219 50.46 -53.05 -48.23
CA TYR A 1219 51.84 -52.65 -48.48
C TYR A 1219 52.83 -53.41 -47.59
N GLU A 1220 52.36 -53.95 -46.47
CA GLU A 1220 53.26 -54.66 -45.56
C GLU A 1220 53.89 -55.87 -46.24
N ALA A 1221 53.08 -56.66 -46.96
CA ALA A 1221 53.59 -57.88 -47.56
C ALA A 1221 54.53 -57.57 -48.74
N ALA A 1222 54.00 -56.91 -49.77
CA ALA A 1222 54.79 -56.57 -50.95
C ALA A 1222 54.21 -55.32 -51.57
N LYS A 1223 55.02 -54.26 -51.67
CA LYS A 1223 54.56 -52.97 -52.17
C LYS A 1223 55.29 -52.53 -53.43
N GLU A 1224 56.63 -52.50 -53.40
CA GLU A 1224 57.38 -51.87 -54.48
C GLU A 1224 57.19 -52.59 -55.81
N GLY A 1225 57.35 -53.91 -55.83
CA GLY A 1225 57.23 -54.64 -57.07
C GLY A 1225 55.84 -54.54 -57.67
N ALA A 1226 54.82 -54.70 -56.83
CA ALA A 1226 53.45 -54.65 -57.33
C ALA A 1226 53.14 -53.28 -57.94
N PHE A 1227 53.48 -52.20 -57.23
CA PHE A 1227 53.17 -50.87 -57.73
C PHE A 1227 53.93 -50.58 -59.02
N VAL A 1228 55.23 -50.89 -59.05
CA VAL A 1228 56.03 -50.57 -60.22
C VAL A 1228 55.55 -51.34 -61.43
N GLU A 1229 55.11 -52.58 -61.23
CA GLU A 1229 54.57 -53.35 -62.36
C GLU A 1229 53.10 -53.06 -62.63
N LEU A 1230 52.42 -52.31 -61.75
CA LEU A 1230 50.96 -52.17 -61.91
C LEU A 1230 50.56 -50.81 -62.46
N PHE A 1231 51.01 -49.70 -61.85
CA PHE A 1231 50.50 -48.40 -62.30
C PHE A 1231 50.83 -48.09 -63.75
N HIS A 1232 51.99 -48.52 -64.27
CA HIS A 1232 52.29 -48.18 -65.65
C HIS A 1232 51.26 -48.81 -66.59
N GLU A 1233 50.90 -50.08 -66.35
CA GLU A 1233 49.89 -50.72 -67.17
C GLU A 1233 48.50 -50.16 -66.88
N ILE A 1234 48.24 -49.71 -65.65
CA ILE A 1234 46.96 -49.06 -65.38
C ILE A 1234 46.81 -47.82 -66.26
N ASP A 1235 47.85 -46.99 -66.33
CA ASP A 1235 47.74 -45.79 -67.16
C ASP A 1235 47.67 -46.13 -68.63
N ASP A 1236 48.40 -47.16 -69.08
CA ASP A 1236 48.29 -47.58 -70.48
C ASP A 1236 46.87 -48.01 -70.81
N ARG A 1237 46.25 -48.82 -69.94
CA ARG A 1237 44.87 -49.25 -70.18
C ARG A 1237 43.91 -48.07 -70.11
N LEU A 1238 44.16 -47.13 -69.20
CA LEU A 1238 43.33 -45.93 -69.12
C LEU A 1238 43.36 -45.16 -70.43
N SER A 1239 44.55 -45.01 -71.01
CA SER A 1239 44.64 -44.38 -72.33
C SER A 1239 43.89 -45.19 -73.37
N ASP A 1240 44.02 -46.53 -73.33
CA ASP A 1240 43.29 -47.36 -74.28
C ASP A 1240 41.81 -47.41 -73.95
N LEU A 1241 41.46 -47.50 -72.66
CA LEU A 1241 40.08 -47.63 -72.23
C LEU A 1241 39.47 -46.26 -71.98
N GLY A 1242 38.24 -46.24 -71.48
CA GLY A 1242 37.52 -45.01 -71.20
C GLY A 1242 37.67 -44.47 -69.80
N ILE A 1243 38.55 -45.05 -68.98
CA ILE A 1243 38.74 -44.54 -67.63
C ILE A 1243 39.23 -43.11 -67.68
N SER A 1244 38.72 -42.27 -66.78
CA SER A 1244 39.07 -40.85 -66.80
C SER A 1244 40.37 -40.58 -66.05
N SER A 1245 40.43 -40.94 -64.77
CA SER A 1245 41.61 -40.67 -63.96
C SER A 1245 41.58 -41.58 -62.74
N TYR A 1246 42.58 -41.41 -61.87
CA TYR A 1246 42.70 -42.21 -60.66
C TYR A 1246 43.48 -41.42 -59.63
N GLY A 1247 43.64 -42.03 -58.45
CA GLY A 1247 44.33 -41.39 -57.34
C GLY A 1247 44.67 -42.39 -56.27
N ILE A 1248 45.44 -41.92 -55.29
CA ILE A 1248 46.01 -42.75 -54.24
C ILE A 1248 45.65 -42.19 -52.88
N SER A 1249 45.36 -43.09 -51.93
CA SER A 1249 45.08 -42.73 -50.55
C SER A 1249 45.67 -43.80 -49.63
N GLU A 1250 45.94 -43.42 -48.39
CA GLU A 1250 46.42 -44.36 -47.38
C GLU A 1250 45.33 -44.65 -46.37
N THR A 1251 45.67 -45.49 -45.39
CA THR A 1251 44.76 -45.83 -44.30
C THR A 1251 44.58 -44.66 -43.34
N THR A 1252 43.52 -43.87 -43.53
CA THR A 1252 43.26 -42.72 -42.69
C THR A 1252 43.19 -43.16 -41.23
N LEU A 1253 43.35 -42.22 -40.29
CA LEU A 1253 43.51 -42.60 -38.90
C LEU A 1253 42.28 -43.29 -38.33
N GLU A 1254 41.10 -43.04 -38.90
CA GLU A 1254 39.87 -43.49 -38.24
C GLU A 1254 39.71 -45.01 -38.30
N GLU A 1255 40.02 -45.64 -39.43
CA GLU A 1255 39.82 -47.09 -39.50
C GLU A 1255 40.86 -47.85 -38.68
N ILE A 1256 42.12 -47.38 -38.68
CA ILE A 1256 43.11 -47.98 -37.81
C ILE A 1256 42.73 -47.77 -36.35
N PHE A 1257 42.18 -46.61 -36.03
CA PHE A 1257 41.67 -46.37 -34.68
C PHE A 1257 40.60 -47.38 -34.32
N LEU A 1258 39.64 -47.59 -35.22
CA LEU A 1258 38.53 -48.49 -34.93
C LEU A 1258 39.01 -49.92 -34.72
N LYS A 1259 39.86 -50.41 -35.63
CA LYS A 1259 40.32 -51.80 -35.51
C LYS A 1259 41.21 -51.99 -34.29
N VAL A 1260 42.14 -51.06 -34.06
CA VAL A 1260 43.02 -51.17 -32.90
C VAL A 1260 42.24 -50.95 -31.62
N ALA A 1261 41.40 -49.93 -31.58
CA ALA A 1261 40.60 -49.62 -30.41
C ALA A 1261 39.16 -50.06 -30.63
N TRP A 1331 -7.07 -35.14 -48.41
CA TRP A 1331 -7.76 -34.33 -47.40
C TRP A 1331 -7.68 -35.01 -46.03
N LYS A 1332 -7.69 -36.35 -46.04
CA LYS A 1332 -7.56 -37.09 -44.80
C LYS A 1332 -6.22 -36.82 -44.11
N LEU A 1333 -5.20 -36.42 -44.87
CA LEU A 1333 -3.91 -36.13 -44.26
C LEU A 1333 -4.01 -34.98 -43.28
N THR A 1334 -4.91 -34.02 -43.52
CA THR A 1334 -5.11 -32.93 -42.57
C THR A 1334 -5.56 -33.47 -41.22
N GLN A 1335 -6.56 -34.35 -41.23
CA GLN A 1335 -7.01 -34.96 -39.97
C GLN A 1335 -5.92 -35.81 -39.35
N GLN A 1336 -5.16 -36.53 -40.18
CA GLN A 1336 -4.09 -37.38 -39.64
C GLN A 1336 -3.05 -36.53 -38.91
N GLN A 1337 -2.62 -35.43 -39.51
CA GLN A 1337 -1.63 -34.57 -38.86
C GLN A 1337 -2.22 -33.86 -37.65
N PHE A 1338 -3.51 -33.48 -37.70
CA PHE A 1338 -4.14 -32.88 -36.53
C PHE A 1338 -4.14 -33.85 -35.36
N VAL A 1339 -4.55 -35.09 -35.60
CA VAL A 1339 -4.58 -36.07 -34.52
C VAL A 1339 -3.16 -36.39 -34.05
N ALA A 1340 -2.19 -36.41 -34.95
CA ALA A 1340 -0.81 -36.64 -34.53
C ALA A 1340 -0.31 -35.53 -33.61
N LEU A 1341 -0.62 -34.28 -33.95
CA LEU A 1341 -0.20 -33.16 -33.09
C LEU A 1341 -0.92 -33.24 -31.74
N LEU A 1342 -2.21 -33.56 -31.74
CA LEU A 1342 -2.93 -33.71 -30.48
C LEU A 1342 -2.34 -34.85 -29.65
N TRP A 1343 -1.90 -35.92 -30.31
CA TRP A 1343 -1.25 -37.01 -29.60
C TRP A 1343 0.06 -36.57 -28.99
N LYS A 1344 0.85 -35.78 -29.72
CA LYS A 1344 2.07 -35.21 -29.14
C LYS A 1344 1.75 -34.41 -27.89
N ARG A 1345 0.74 -33.52 -27.97
CA ARG A 1345 0.43 -32.67 -26.83
C ARG A 1345 -0.07 -33.50 -25.65
N LEU A 1346 -0.90 -34.51 -25.91
CA LEU A 1346 -1.36 -35.38 -24.84
C LEU A 1346 -0.19 -36.11 -24.18
N LEU A 1347 0.74 -36.63 -24.99
CA LEU A 1347 1.88 -37.34 -24.43
C LEU A 1347 2.76 -36.42 -23.59
N ILE A 1348 3.04 -35.22 -24.09
CA ILE A 1348 3.90 -34.31 -23.33
C ILE A 1348 3.19 -33.86 -22.06
N ALA A 1349 1.87 -33.70 -22.10
CA ALA A 1349 1.14 -33.36 -20.89
C ALA A 1349 1.20 -34.50 -19.88
N ARG A 1350 1.09 -35.75 -20.33
CA ARG A 1350 1.17 -36.88 -19.42
C ARG A 1350 2.51 -36.91 -18.70
N ARG A 1351 3.61 -36.74 -19.45
CA ARG A 1351 4.94 -36.67 -18.88
C ARG A 1351 5.30 -35.21 -18.62
N SER A 1352 6.59 -34.95 -18.36
CA SER A 1352 7.04 -33.60 -18.04
C SER A 1352 6.38 -33.14 -16.75
N ARG A 1353 6.65 -33.85 -15.65
CA ARG A 1353 6.00 -33.54 -14.38
C ARG A 1353 6.33 -32.13 -13.93
N LYS A 1354 7.61 -31.74 -14.01
CA LYS A 1354 8.02 -30.44 -13.49
C LYS A 1354 7.42 -29.28 -14.28
N GLY A 1355 6.97 -29.52 -15.51
CA GLY A 1355 6.47 -28.44 -16.34
C GLY A 1355 4.96 -28.29 -16.33
N PHE A 1356 4.25 -29.26 -15.77
CA PHE A 1356 2.79 -29.25 -15.78
C PHE A 1356 2.17 -29.46 -14.40
N PHE A 1357 2.77 -30.29 -13.56
CA PHE A 1357 2.23 -30.49 -12.22
C PHE A 1357 2.24 -29.18 -11.43
N ALA A 1358 3.34 -28.44 -11.50
CA ALA A 1358 3.39 -27.14 -10.84
C ALA A 1358 2.33 -26.20 -11.42
N GLN A 1359 2.19 -26.19 -12.75
CA GLN A 1359 1.24 -25.29 -13.38
C GLN A 1359 -0.19 -25.63 -13.03
N ILE A 1360 -0.49 -26.89 -12.72
CA ILE A 1360 -1.84 -27.26 -12.36
C ILE A 1360 -2.09 -27.10 -10.86
N VAL A 1361 -1.05 -27.16 -10.03
CA VAL A 1361 -1.22 -27.10 -8.58
C VAL A 1361 -1.16 -25.67 -8.07
N LEU A 1362 -0.17 -24.88 -8.47
CA LEU A 1362 0.04 -23.59 -7.82
C LEU A 1362 -1.10 -22.60 -8.08
N PRO A 1363 -1.78 -22.65 -9.24
CA PRO A 1363 -3.01 -21.84 -9.34
C PRO A 1363 -4.05 -22.25 -8.32
N ALA A 1364 -4.12 -23.54 -7.99
CA ALA A 1364 -5.08 -23.98 -6.98
C ALA A 1364 -4.77 -23.38 -5.62
N VAL A 1365 -3.49 -23.37 -5.23
CA VAL A 1365 -3.14 -22.79 -3.92
C VAL A 1365 -3.32 -21.28 -3.95
N PHE A 1366 -3.09 -20.64 -5.09
CA PHE A 1366 -3.36 -19.20 -5.18
C PHE A 1366 -4.84 -18.92 -4.98
N VAL A 1367 -5.71 -19.71 -5.62
CA VAL A 1367 -7.14 -19.53 -5.43
C VAL A 1367 -7.52 -19.85 -3.97
N CYS A 1368 -6.86 -20.83 -3.36
CA CYS A 1368 -7.15 -21.16 -1.97
C CYS A 1368 -6.77 -20.01 -1.03
N ILE A 1369 -5.62 -19.38 -1.27
CA ILE A 1369 -5.21 -18.26 -0.43
C ILE A 1369 -6.15 -17.07 -0.64
N ALA A 1370 -6.60 -16.86 -1.88
CA ALA A 1370 -7.61 -15.84 -2.11
C ALA A 1370 -8.89 -16.16 -1.34
N LEU A 1371 -9.30 -17.43 -1.35
CA LEU A 1371 -10.51 -17.83 -0.64
C LEU A 1371 -10.40 -17.58 0.85
N VAL A 1372 -9.26 -17.96 1.44
CA VAL A 1372 -9.10 -17.80 2.89
C VAL A 1372 -9.02 -16.32 3.26
N PHE A 1373 -8.35 -15.51 2.42
CA PHE A 1373 -8.32 -14.08 2.69
C PHE A 1373 -9.71 -13.46 2.59
N SER A 1374 -10.52 -13.91 1.63
CA SER A 1374 -11.86 -13.37 1.48
C SER A 1374 -12.80 -13.84 2.59
N LEU A 1375 -12.56 -15.03 3.14
CA LEU A 1375 -13.44 -15.58 4.16
C LEU A 1375 -13.07 -15.08 5.55
N ILE A 1376 -11.82 -15.27 5.96
CA ILE A 1376 -11.40 -14.93 7.32
C ILE A 1376 -11.52 -13.44 7.57
N VAL A 1377 -11.39 -12.62 6.53
CA VAL A 1377 -11.46 -11.17 6.73
C VAL A 1377 -12.84 -10.81 7.29
N PRO A 1378 -12.93 -10.05 8.39
CA PRO A 1378 -14.24 -9.70 8.92
C PRO A 1378 -15.01 -8.84 7.94
N PRO A 1379 -16.34 -8.91 7.96
CA PRO A 1379 -17.12 -8.05 7.06
C PRO A 1379 -16.87 -6.57 7.34
N PHE A 1380 -16.82 -5.78 6.28
CA PHE A 1380 -16.54 -4.36 6.38
C PHE A 1380 -17.78 -3.51 6.58
N GLY A 1381 -18.97 -4.06 6.32
CA GLY A 1381 -20.21 -3.35 6.51
C GLY A 1381 -20.93 -3.65 7.80
N LYS A 1382 -20.28 -4.32 8.75
CA LYS A 1382 -20.90 -4.68 10.03
C LYS A 1382 -20.52 -3.63 11.06
N TYR A 1383 -21.33 -2.58 11.15
CA TYR A 1383 -21.13 -1.51 12.12
C TYR A 1383 -21.51 -1.96 13.52
N PRO A 1384 -22.76 -2.40 13.75
CA PRO A 1384 -23.17 -2.73 15.12
C PRO A 1384 -22.32 -3.84 15.72
N SER A 1385 -22.06 -3.71 17.02
CA SER A 1385 -21.25 -4.68 17.75
C SER A 1385 -21.80 -5.07 19.11
N LEU A 1386 -22.84 -4.39 19.61
CA LEU A 1386 -23.37 -4.67 20.95
C LEU A 1386 -22.28 -4.52 22.01
N GLU A 1387 -21.43 -3.50 21.86
CA GLU A 1387 -20.36 -3.28 22.82
C GLU A 1387 -20.96 -2.98 24.19
N LEU A 1388 -20.41 -3.64 25.21
CA LEU A 1388 -20.91 -3.42 26.57
C LEU A 1388 -20.44 -2.09 27.15
N GLN A 1389 -19.48 -1.43 26.51
CA GLN A 1389 -19.10 -0.07 26.90
C GLN A 1389 -18.59 -0.01 28.33
N PRO A 1390 -17.49 -0.69 28.65
CA PRO A 1390 -16.85 -0.50 29.95
C PRO A 1390 -15.85 0.65 29.93
N TRP A 1391 -15.66 1.27 31.10
CA TRP A 1391 -14.75 2.40 31.20
C TRP A 1391 -13.30 1.98 31.03
N MET A 1392 -13.01 0.69 31.03
CA MET A 1392 -11.71 0.19 30.65
C MET A 1392 -11.77 -0.35 29.22
N TYR A 1393 -10.65 -0.24 28.51
CA TYR A 1393 -10.52 -0.85 27.19
C TYR A 1393 -9.50 -1.99 27.20
N ASN A 1394 -8.26 -1.70 27.59
CA ASN A 1394 -7.28 -2.74 27.90
C ASN A 1394 -6.80 -2.66 29.34
N GLU A 1395 -6.22 -1.51 29.73
CA GLU A 1395 -5.85 -1.25 31.12
C GLU A 1395 -5.44 0.21 31.24
N GLN A 1396 -5.90 0.89 32.28
CA GLN A 1396 -5.60 2.31 32.46
C GLN A 1396 -6.13 2.75 33.82
N TYR A 1397 -5.93 4.03 34.12
CA TYR A 1397 -6.44 4.63 35.35
C TYR A 1397 -6.76 6.10 35.07
N THR A 1398 -7.65 6.65 35.89
CA THR A 1398 -8.15 8.00 35.71
C THR A 1398 -7.86 8.83 36.96
N PHE A 1399 -8.40 10.04 37.00
CA PHE A 1399 -8.18 10.97 38.10
C PHE A 1399 -9.51 11.55 38.56
N VAL A 1400 -9.62 11.83 39.86
CA VAL A 1400 -10.78 12.48 40.45
C VAL A 1400 -10.29 13.64 41.31
N SER A 1401 -10.78 14.85 41.01
CA SER A 1401 -10.34 16.05 41.70
C SER A 1401 -11.46 16.55 42.61
N ASN A 1402 -11.11 16.82 43.86
CA ASN A 1402 -12.07 17.35 44.84
C ASN A 1402 -12.00 18.88 44.86
N ASP A 1403 -12.25 19.48 43.71
CA ASP A 1403 -12.19 20.92 43.57
C ASP A 1403 -13.29 21.58 44.39
N ALA A 1404 -13.05 22.83 44.78
CA ALA A 1404 -13.98 23.60 45.59
C ALA A 1404 -14.34 22.80 46.85
N PRO A 1405 -13.41 22.67 47.80
CA PRO A 1405 -13.71 21.91 49.02
C PRO A 1405 -14.58 22.69 49.99
N GLU A 1406 -15.85 22.29 50.09
CA GLU A 1406 -16.77 22.87 51.06
C GLU A 1406 -17.54 21.83 51.87
N ASP A 1407 -17.32 20.53 51.63
CA ASP A 1407 -18.00 19.47 52.36
C ASP A 1407 -19.53 19.60 52.26
N THR A 1408 -20.02 19.97 51.08
CA THR A 1408 -21.45 20.13 50.82
C THR A 1408 -21.82 19.18 49.67
N GLY A 1409 -22.13 17.94 50.00
CA GLY A 1409 -22.54 16.96 49.02
C GLY A 1409 -21.39 16.29 48.29
N THR A 1410 -20.30 17.03 48.10
CA THR A 1410 -19.15 16.47 47.39
C THR A 1410 -18.54 15.31 48.16
N LEU A 1411 -18.47 15.42 49.49
CA LEU A 1411 -17.94 14.33 50.30
C LEU A 1411 -18.78 13.08 50.13
N GLU A 1412 -20.10 13.23 50.02
CA GLU A 1412 -20.97 12.08 49.79
C GLU A 1412 -20.61 11.38 48.48
N LEU A 1413 -20.45 12.16 47.41
CA LEU A 1413 -20.08 11.59 46.12
C LEU A 1413 -18.74 10.86 46.23
N LEU A 1414 -17.75 11.51 46.84
CA LEU A 1414 -16.42 10.93 46.89
C LEU A 1414 -16.39 9.64 47.72
N ASN A 1415 -17.10 9.63 48.86
CA ASN A 1415 -17.11 8.42 49.68
C ASN A 1415 -17.92 7.31 49.02
N ALA A 1416 -18.95 7.66 48.26
CA ALA A 1416 -19.64 6.65 47.47
C ALA A 1416 -18.70 6.05 46.42
N LEU A 1417 -17.86 6.89 45.80
CA LEU A 1417 -16.89 6.40 44.84
C LEU A 1417 -15.91 5.43 45.50
N THR A 1418 -15.43 5.76 46.70
CA THR A 1418 -14.43 4.95 47.39
C THR A 1418 -15.12 3.90 48.25
N LYS A 1419 -15.62 2.87 47.57
CA LYS A 1419 -16.27 1.73 48.21
C LYS A 1419 -15.98 0.49 47.40
N ASP A 1420 -16.53 -0.65 47.84
CA ASP A 1420 -16.34 -1.89 47.10
C ASP A 1420 -16.83 -1.78 45.66
N PRO A 1421 -17.99 -1.18 45.37
CA PRO A 1421 -18.36 -1.00 43.95
C PRO A 1421 -17.34 -0.21 43.16
N GLY A 1422 -16.69 0.77 43.80
CA GLY A 1422 -15.66 1.55 43.14
C GLY A 1422 -16.22 2.61 42.21
N PHE A 1423 -15.99 2.42 40.91
CA PHE A 1423 -16.39 3.43 39.91
C PHE A 1423 -17.76 3.12 39.33
N GLY A 1424 -17.92 1.94 38.73
CA GLY A 1424 -19.16 1.60 38.05
C GLY A 1424 -19.78 0.31 38.55
N THR A 1425 -20.10 -0.59 37.63
CA THR A 1425 -20.78 -1.84 37.93
C THR A 1425 -19.75 -2.96 37.97
N ARG A 1426 -19.14 -3.15 39.13
CA ARG A 1426 -18.24 -4.26 39.40
C ARG A 1426 -18.71 -5.01 40.64
N CYS A 1427 -20.02 -5.18 40.76
CA CYS A 1427 -20.67 -5.70 41.96
C CYS A 1427 -21.13 -7.13 41.74
N MET A 1428 -21.72 -7.71 42.79
CA MET A 1428 -22.22 -9.08 42.74
C MET A 1428 -21.14 -10.02 42.26
N GLU A 1429 -21.24 -10.51 41.02
CA GLU A 1429 -20.24 -11.39 40.43
C GLU A 1429 -19.55 -10.74 39.24
N GLY A 1430 -19.47 -9.41 39.21
CA GLY A 1430 -18.87 -8.72 38.09
C GLY A 1430 -19.69 -8.81 36.84
N ASN A 1431 -20.83 -8.11 36.82
CA ASN A 1431 -21.75 -8.20 35.69
C ASN A 1431 -21.05 -8.02 34.33
N PRO A 1432 -20.12 -7.07 34.16
CA PRO A 1432 -19.38 -7.03 32.89
C PRO A 1432 -18.73 -8.37 32.57
N ILE A 1433 -18.95 -8.84 31.35
CA ILE A 1433 -18.54 -10.18 30.95
C ILE A 1433 -17.05 -10.22 30.63
N PRO A 1434 -16.54 -9.38 29.73
CA PRO A 1434 -15.15 -9.55 29.28
C PRO A 1434 -14.12 -9.28 30.36
N ASP A 1435 -14.22 -8.12 31.01
CA ASP A 1435 -13.23 -7.74 32.02
C ASP A 1435 -13.31 -8.58 33.28
N THR A 1436 -14.47 -9.19 33.55
CA THR A 1436 -14.65 -10.00 34.75
C THR A 1436 -14.54 -9.11 35.99
N PRO A 1437 -15.08 -9.53 37.14
CA PRO A 1437 -14.96 -8.68 38.33
C PRO A 1437 -13.52 -8.36 38.68
N CYS A 1438 -12.62 -9.34 38.57
CA CYS A 1438 -11.19 -9.16 38.81
C CYS A 1438 -10.94 -8.22 39.98
N GLN A 1439 -11.63 -8.48 41.09
CA GLN A 1439 -11.50 -7.64 42.28
C GLN A 1439 -10.09 -7.81 42.85
N ALA A 1440 -9.25 -6.81 42.65
CA ALA A 1440 -7.88 -6.84 43.13
C ALA A 1440 -7.39 -5.42 43.32
N GLY A 1441 -6.35 -5.28 44.13
CA GLY A 1441 -5.79 -3.97 44.43
C GLY A 1441 -6.30 -3.43 45.74
N GLU A 1442 -5.45 -3.41 46.76
CA GLU A 1442 -5.87 -2.94 48.07
C GLU A 1442 -6.34 -1.50 47.99
N GLU A 1443 -7.52 -1.24 48.56
CA GLU A 1443 -8.09 0.11 48.58
C GLU A 1443 -7.27 0.96 49.55
N GLU A 1444 -6.34 1.75 49.01
CA GLU A 1444 -5.39 2.43 49.88
C GLU A 1444 -5.01 3.80 49.32
N TRP A 1445 -4.75 4.72 50.24
CA TRP A 1445 -4.24 6.05 49.95
C TRP A 1445 -2.71 5.98 49.98
N THR A 1446 -2.06 6.17 48.83
CA THR A 1446 -0.60 6.04 48.81
C THR A 1446 -0.05 6.54 47.48
N THR A 1447 1.23 6.90 47.50
CA THR A 1447 1.94 7.39 46.33
C THR A 1447 3.36 6.83 46.31
N ALA A 1448 3.96 6.86 45.12
CA ALA A 1448 5.35 6.47 44.99
C ALA A 1448 6.27 7.57 45.51
N PRO A 1449 7.48 7.22 45.95
CA PRO A 1449 8.41 8.26 46.43
C PRO A 1449 8.74 9.27 45.34
N VAL A 1450 8.89 10.53 45.73
CA VAL A 1450 9.22 11.60 44.81
C VAL A 1450 10.74 11.65 44.65
N PRO A 1451 11.26 12.02 43.47
CA PRO A 1451 12.71 12.16 43.32
C PRO A 1451 13.23 13.37 44.06
N GLN A 1452 14.50 13.31 44.44
CA GLN A 1452 15.13 14.42 45.17
C GLN A 1452 15.51 15.54 44.21
N THR A 1453 16.39 15.26 43.25
CA THR A 1453 16.81 16.25 42.26
C THR A 1453 17.34 17.52 42.93
N ILE A 1454 16.54 18.59 42.90
CA ILE A 1454 16.97 19.89 43.39
C ILE A 1454 16.02 20.38 44.47
N MET A 1455 15.47 19.45 45.25
CA MET A 1455 14.51 19.77 46.31
C MET A 1455 13.30 20.47 45.71
N ASP A 1456 12.58 19.71 44.87
CA ASP A 1456 11.43 20.26 44.15
C ASP A 1456 10.35 20.78 45.10
N LEU A 1457 10.30 20.28 46.33
CA LEU A 1457 9.22 20.63 47.25
C LEU A 1457 8.99 22.14 47.29
N PHE A 1458 10.00 22.89 47.72
CA PHE A 1458 9.88 24.35 47.76
C PHE A 1458 10.41 25.02 46.49
N GLN A 1459 11.17 24.30 45.67
CA GLN A 1459 11.64 24.86 44.42
C GLN A 1459 10.47 25.18 43.50
N ASN A 1460 9.49 24.28 43.43
CA ASN A 1460 8.29 24.51 42.63
C ASN A 1460 7.26 25.36 43.35
N GLY A 1461 7.43 25.58 44.66
CA GLY A 1461 6.54 26.42 45.44
C GLY A 1461 6.98 27.86 45.57
N ASN A 1462 7.97 28.30 44.79
CA ASN A 1462 8.47 29.67 44.86
C ASN A 1462 7.47 30.59 44.19
N TRP A 1463 6.42 30.94 44.93
CA TRP A 1463 5.35 31.80 44.42
C TRP A 1463 4.72 31.22 43.16
N THR A 1464 4.55 29.89 43.15
CA THR A 1464 3.97 29.20 42.00
C THR A 1464 3.17 28.02 42.54
N MET A 1465 1.87 28.22 42.73
CA MET A 1465 1.02 27.16 43.26
C MET A 1465 -0.22 26.89 42.42
N GLN A 1466 -0.89 27.93 41.91
CA GLN A 1466 -2.15 27.77 41.21
C GLN A 1466 -2.07 28.16 39.73
N ASN A 1467 -1.66 29.39 39.42
CA ASN A 1467 -1.70 29.87 38.05
C ASN A 1467 -0.51 29.36 37.24
N PRO A 1468 0.73 29.60 37.68
CA PRO A 1468 1.89 29.17 36.88
C PRO A 1468 2.15 27.67 37.01
N SER A 1469 2.93 27.18 36.07
CA SER A 1469 3.36 25.79 36.04
C SER A 1469 4.81 25.67 36.51
N PRO A 1470 5.21 24.50 37.02
CA PRO A 1470 6.61 24.35 37.44
C PRO A 1470 7.62 24.66 36.35
N ALA A 1471 7.26 24.41 35.09
CA ALA A 1471 8.15 24.68 33.97
C ALA A 1471 7.29 25.05 32.76
N CYS A 1472 7.93 25.19 31.61
CA CYS A 1472 7.26 25.58 30.37
C CYS A 1472 7.63 24.59 29.27
N GLN A 1473 6.93 24.70 28.14
CA GLN A 1473 7.17 23.86 26.97
C GLN A 1473 7.69 24.76 25.86
N CYS A 1474 8.96 24.56 25.49
CA CYS A 1474 9.57 25.40 24.47
C CYS A 1474 8.86 25.21 23.14
N SER A 1475 8.77 26.30 22.37
CA SER A 1475 8.07 26.26 21.10
C SER A 1475 8.80 25.32 20.13
N SER A 1476 8.05 24.37 19.56
CA SER A 1476 8.59 23.42 18.59
C SER A 1476 8.40 23.95 17.17
N ASP A 1477 8.95 25.15 16.94
CA ASP A 1477 8.73 25.82 15.66
C ASP A 1477 9.70 25.31 14.59
N LYS A 1478 10.99 25.53 14.78
CA LYS A 1478 11.99 25.14 13.79
C LYS A 1478 13.15 24.33 14.37
N ILE A 1479 13.59 24.66 15.58
CA ILE A 1479 14.75 23.97 16.14
C ILE A 1479 14.43 22.49 16.36
N LYS A 1480 13.22 22.19 16.84
CA LYS A 1480 12.75 20.83 16.98
C LYS A 1480 11.32 20.76 16.49
N LYS A 1481 11.07 19.92 15.49
CA LYS A 1481 9.74 19.74 14.91
C LYS A 1481 9.14 18.39 15.29
N MET A 1482 9.41 17.94 16.51
CA MET A 1482 8.98 16.62 16.94
C MET A 1482 7.46 16.57 17.10
N LEU A 1483 6.88 15.41 16.79
CA LEU A 1483 5.44 15.22 16.97
C LEU A 1483 4.98 15.53 18.39
N PRO A 1484 5.61 15.02 19.45
CA PRO A 1484 5.22 15.44 20.80
C PRO A 1484 5.65 16.86 21.11
N VAL A 1485 5.23 17.37 22.26
CA VAL A 1485 5.52 18.75 22.63
C VAL A 1485 6.86 18.79 23.36
N CYS A 1486 7.40 20.00 23.48
CA CYS A 1486 8.70 20.19 24.12
C CYS A 1486 8.66 19.66 25.55
N PRO A 1487 9.59 18.79 25.94
CA PRO A 1487 9.61 18.31 27.33
C PRO A 1487 10.09 19.39 28.27
N PRO A 1488 9.34 19.69 29.33
CA PRO A 1488 9.80 20.73 30.27
C PRO A 1488 11.13 20.40 30.92
N GLY A 1489 11.47 19.12 31.05
CA GLY A 1489 12.69 18.70 31.70
C GLY A 1489 12.50 18.17 33.10
N ALA A 1490 11.34 18.39 33.70
CA ALA A 1490 11.01 17.89 35.03
C ALA A 1490 9.75 17.02 34.95
N GLY A 1491 9.44 16.36 36.05
CA GLY A 1491 8.25 15.53 36.12
C GLY A 1491 7.01 16.33 36.47
N GLY A 1492 6.91 17.54 35.95
CA GLY A 1492 5.78 18.39 36.25
C GLY A 1492 5.73 18.71 37.74
N LEU A 1493 4.51 18.86 38.24
CA LEU A 1493 4.32 19.05 39.67
C LEU A 1493 4.63 17.75 40.40
N PRO A 1494 4.90 17.83 41.71
CA PRO A 1494 5.16 16.59 42.47
C PRO A 1494 3.98 15.65 42.36
N PRO A 1495 4.22 14.36 42.23
CA PRO A 1495 3.11 13.42 42.00
C PRO A 1495 2.13 13.45 43.16
N PRO A 1496 0.90 13.91 42.93
CA PRO A 1496 -0.10 13.88 44.02
C PRO A 1496 -0.36 12.46 44.47
N GLN A 1497 -1.03 12.34 45.62
CA GLN A 1497 -1.27 11.03 46.18
C GLN A 1497 -2.18 10.21 45.25
N ARG A 1498 -1.97 8.91 45.23
CA ARG A 1498 -2.73 7.99 44.39
C ARG A 1498 -3.66 7.14 45.25
N LYS A 1499 -4.64 6.53 44.58
CA LYS A 1499 -5.61 5.66 45.23
C LYS A 1499 -5.54 4.30 44.54
N GLN A 1500 -5.01 3.30 45.25
CA GLN A 1500 -4.96 1.95 44.72
C GLN A 1500 -6.29 1.27 45.00
N ASN A 1501 -6.94 0.78 43.94
CA ASN A 1501 -8.21 0.08 44.07
C ASN A 1501 -8.64 -0.45 42.70
N THR A 1502 -9.46 -1.49 42.73
CA THR A 1502 -10.15 -2.00 41.53
C THR A 1502 -9.17 -2.21 40.37
N ALA A 1503 -7.95 -2.67 40.70
CA ALA A 1503 -6.96 -3.02 39.68
C ALA A 1503 -6.64 -1.85 38.77
N ASP A 1504 -6.72 -0.62 39.28
CA ASP A 1504 -6.32 0.56 38.52
C ASP A 1504 -5.98 1.67 39.51
N ILE A 1505 -4.79 2.25 39.36
CA ILE A 1505 -4.31 3.25 40.31
C ILE A 1505 -4.92 4.61 39.97
N LEU A 1506 -6.05 4.92 40.60
CA LEU A 1506 -6.71 6.20 40.39
C LEU A 1506 -5.84 7.34 40.92
N GLN A 1507 -6.08 8.53 40.40
CA GLN A 1507 -5.35 9.72 40.79
C GLN A 1507 -6.31 10.73 41.40
N ASP A 1508 -5.76 11.61 42.25
CA ASP A 1508 -6.52 12.69 42.87
C ASP A 1508 -5.77 13.99 42.66
N LEU A 1509 -6.46 15.02 42.18
CA LEU A 1509 -5.85 16.30 41.86
C LEU A 1509 -6.55 17.43 42.61
N THR A 1510 -6.80 17.23 43.90
CA THR A 1510 -7.44 18.26 44.71
C THR A 1510 -6.58 19.51 44.76
N GLY A 1511 -7.21 20.67 44.56
CA GLY A 1511 -6.50 21.93 44.60
C GLY A 1511 -5.39 22.03 43.58
N ARG A 1512 -5.68 21.65 42.34
CA ARG A 1512 -4.70 21.60 41.27
C ARG A 1512 -5.21 22.38 40.07
N ASN A 1513 -4.27 22.92 39.29
CA ASN A 1513 -4.63 23.71 38.10
C ASN A 1513 -5.20 22.87 36.97
N ILE A 1514 -5.00 21.55 37.01
CA ILE A 1514 -5.63 20.62 36.09
C ILE A 1514 -4.99 20.70 34.71
N SER A 1515 -5.30 21.77 33.96
CA SER A 1515 -4.95 21.80 32.54
C SER A 1515 -3.47 21.56 32.32
N ASP A 1516 -2.62 22.35 33.00
CA ASP A 1516 -1.18 22.15 32.86
C ASP A 1516 -0.77 20.77 33.34
N TYR A 1517 -1.36 20.31 34.45
CA TYR A 1517 -1.04 18.98 34.95
C TYR A 1517 -1.48 17.91 33.95
N LEU A 1518 -2.66 18.07 33.35
CA LEU A 1518 -3.09 17.12 32.33
C LEU A 1518 -2.10 17.06 31.18
N VAL A 1519 -1.70 18.22 30.65
CA VAL A 1519 -0.77 18.24 29.51
C VAL A 1519 0.55 17.58 29.89
N LYS A 1520 1.08 17.95 31.06
CA LYS A 1520 2.38 17.42 31.47
C LYS A 1520 2.33 15.91 31.70
N THR A 1521 1.24 15.42 32.32
CA THR A 1521 1.11 13.99 32.53
C THR A 1521 0.97 13.25 31.20
N TYR A 1522 0.24 13.83 30.25
CA TYR A 1522 0.15 13.23 28.92
C TYR A 1522 1.54 13.13 28.29
N VAL A 1523 2.32 14.20 28.40
CA VAL A 1523 3.68 14.19 27.86
C VAL A 1523 4.51 13.10 28.53
N GLN A 1524 4.42 12.99 29.85
CA GLN A 1524 5.22 11.99 30.56
C GLN A 1524 4.83 10.58 30.15
N ILE A 1525 3.53 10.31 30.04
CA ILE A 1525 3.10 8.96 29.71
C ILE A 1525 3.47 8.61 28.27
N ILE A 1526 3.35 9.57 27.34
CA ILE A 1526 3.75 9.30 25.97
C ILE A 1526 5.25 9.09 25.88
N ALA A 1527 6.03 9.83 26.68
CA ALA A 1527 7.48 9.60 26.71
C ALA A 1527 7.80 8.20 27.23
N LYS A 1528 7.13 7.77 28.29
CA LYS A 1528 7.35 6.42 28.81
C LYS A 1528 6.98 5.36 27.77
N SER A 1529 5.87 5.57 27.05
CA SER A 1529 5.47 4.62 26.03
C SER A 1529 6.50 4.57 24.90
N LEU A 1530 7.00 5.73 24.49
CA LEU A 1530 8.07 5.75 23.49
C LEU A 1530 9.30 4.98 23.97
N LYS A 1531 9.61 5.09 25.26
CA LYS A 1531 10.71 4.30 25.80
C LYS A 1531 10.45 2.81 25.68
N ASN A 1532 9.26 2.36 26.10
CA ASN A 1532 8.97 0.93 26.05
C ASN A 1532 8.58 0.48 24.65
N LYS A 1533 8.04 1.39 23.83
CA LYS A 1533 7.72 1.11 22.43
C LYS A 1533 6.75 -0.08 22.31
N ILE A 1534 5.54 0.16 22.79
CA ILE A 1534 4.46 -0.81 22.74
C ILE A 1534 3.47 -0.40 21.66
N TRP A 1535 3.96 0.24 20.60
CA TRP A 1535 3.11 0.86 19.59
C TRP A 1535 2.24 1.95 20.23
N VAL A 1536 2.95 3.00 20.65
CA VAL A 1536 2.44 4.04 21.53
C VAL A 1536 0.99 4.40 21.23
N ASN A 1537 0.16 4.38 22.27
CA ASN A 1537 -1.24 4.75 22.18
C ASN A 1537 -1.61 5.50 23.46
N GLU A 1538 -2.62 6.37 23.34
CA GLU A 1538 -3.06 7.15 24.48
C GLU A 1538 -3.57 6.23 25.59
N PHE A 1539 -3.17 6.53 26.83
CA PHE A 1539 -3.50 5.69 27.97
C PHE A 1539 -4.68 6.24 28.77
N ARG A 1540 -4.53 7.45 29.31
CA ARG A 1540 -5.59 8.05 30.10
C ARG A 1540 -6.69 8.61 29.20
N TYR A 1541 -7.93 8.25 29.53
CA TYR A 1541 -9.07 8.60 28.70
C TYR A 1541 -9.90 9.74 29.26
N GLY A 1542 -9.82 10.00 30.56
CA GLY A 1542 -10.54 11.11 31.14
C GLY A 1542 -10.78 10.90 32.62
N GLY A 1543 -11.56 11.81 33.18
CA GLY A 1543 -11.89 11.76 34.59
C GLY A 1543 -13.06 12.65 34.89
N PHE A 1544 -13.11 13.12 36.14
CA PHE A 1544 -14.19 14.00 36.55
C PHE A 1544 -13.79 14.77 37.79
N SER A 1545 -14.31 15.98 37.90
CA SER A 1545 -14.05 16.88 39.02
C SER A 1545 -15.36 17.32 39.64
N LEU A 1546 -15.44 17.23 40.96
CA LEU A 1546 -16.63 17.63 41.70
C LEU A 1546 -16.49 19.09 42.14
N GLY A 1547 -17.40 19.55 42.99
CA GLY A 1547 -17.36 20.89 43.52
C GLY A 1547 -18.76 21.47 43.57
N VAL A 1548 -18.83 22.79 43.71
CA VAL A 1548 -20.08 23.52 43.78
C VAL A 1548 -20.04 24.66 42.78
N SER A 1549 -21.21 25.01 42.25
CA SER A 1549 -21.33 26.08 41.27
C SER A 1549 -21.20 27.42 41.98
N ASN A 1550 -21.35 28.51 41.23
CA ASN A 1550 -21.23 29.85 41.81
C ASN A 1550 -22.31 30.08 42.85
N THR A 1551 -21.92 30.66 43.99
CA THR A 1551 -22.87 31.03 45.02
C THR A 1551 -23.61 32.33 44.70
N GLN A 1552 -23.21 33.02 43.63
CA GLN A 1552 -23.88 34.26 43.24
C GLN A 1552 -25.32 34.01 42.79
N ALA A 1553 -25.69 32.75 42.55
CA ALA A 1553 -27.03 32.44 42.08
C ALA A 1553 -28.09 33.07 42.97
N LEU A 1554 -29.25 33.33 42.38
CA LEU A 1554 -30.36 33.95 43.07
C LEU A 1554 -30.98 32.96 44.05
N PRO A 1555 -31.81 33.44 44.98
CA PRO A 1555 -32.34 32.56 46.05
C PRO A 1555 -32.91 31.27 45.48
N PRO A 1556 -33.12 30.26 46.34
CA PRO A 1556 -33.37 28.90 45.84
C PRO A 1556 -34.67 28.75 45.05
N SER A 1557 -34.92 27.52 44.60
CA SER A 1557 -36.11 27.25 43.80
C SER A 1557 -37.38 27.56 44.56
N GLN A 1558 -37.42 27.23 45.85
CA GLN A 1558 -38.64 27.44 46.63
C GLN A 1558 -39.00 28.92 46.67
N GLU A 1559 -38.00 29.80 46.75
CA GLU A 1559 -38.28 31.23 46.78
C GLU A 1559 -38.93 31.68 45.49
N VAL A 1560 -38.41 31.23 44.34
CA VAL A 1560 -38.98 31.61 43.06
C VAL A 1560 -40.39 31.08 42.92
N ASN A 1561 -40.61 29.81 43.32
CA ASN A 1561 -41.96 29.26 43.23
C ASN A 1561 -42.94 30.01 44.11
N ASP A 1562 -42.53 30.35 45.34
CA ASP A 1562 -43.40 31.11 46.22
C ASP A 1562 -43.70 32.48 45.65
N ALA A 1563 -42.69 33.15 45.08
CA ALA A 1563 -42.91 34.45 44.47
C ALA A 1563 -43.91 34.36 43.32
N ILE A 1564 -43.77 33.32 42.50
CA ILE A 1564 -44.74 33.12 41.42
C ILE A 1564 -46.13 32.89 41.99
N LYS A 1565 -46.21 32.18 43.12
CA LYS A 1565 -47.52 31.94 43.73
C LYS A 1565 -48.16 33.23 44.21
N GLN A 1566 -47.38 34.09 44.88
CA GLN A 1566 -47.96 35.37 45.32
C GLN A 1566 -48.31 36.24 44.14
N MET A 1567 -47.54 36.15 43.05
CA MET A 1567 -47.91 36.86 41.83
C MET A 1567 -49.27 36.35 41.33
N LYS A 1568 -49.47 35.03 41.37
CA LYS A 1568 -50.77 34.48 40.99
C LYS A 1568 -51.88 35.03 41.89
N LYS A 1569 -51.62 35.12 43.19
CA LYS A 1569 -52.61 35.68 44.10
C LYS A 1569 -52.99 37.10 43.68
N HIS A 1570 -52.01 37.88 43.25
CA HIS A 1570 -52.27 39.22 42.75
C HIS A 1570 -52.69 39.17 41.28
N LEU A 1571 -53.17 40.32 40.79
CA LEU A 1571 -53.52 40.49 39.38
C LEU A 1571 -54.58 39.47 38.95
N LYS A 1572 -55.75 39.57 39.58
CA LYS A 1572 -56.95 38.83 39.18
C LYS A 1572 -56.65 37.37 38.87
N LEU A 1573 -56.24 36.60 39.88
CA LEU A 1573 -55.98 35.18 39.73
C LEU A 1573 -57.07 34.51 38.91
N ALA A 1574 -56.67 33.85 37.82
CA ALA A 1574 -57.58 33.12 36.95
C ALA A 1574 -57.30 31.64 37.09
N LYS A 1575 -58.34 30.87 37.43
CA LYS A 1575 -58.19 29.44 37.64
C LYS A 1575 -58.19 28.64 36.35
N ASP A 1576 -58.54 29.26 35.22
CA ASP A 1576 -58.52 28.55 33.95
C ASP A 1576 -57.10 28.06 33.65
N SER A 1577 -57.02 26.91 32.97
CA SER A 1577 -55.73 26.29 32.71
C SER A 1577 -55.04 26.95 31.53
N SER A 1578 -54.93 28.27 31.56
CA SER A 1578 -54.18 29.04 30.58
C SER A 1578 -53.07 29.85 31.20
N ALA A 1579 -53.36 30.57 32.30
CA ALA A 1579 -52.36 31.35 33.02
C ALA A 1579 -51.69 30.53 34.11
N ASP A 1580 -52.46 29.71 34.83
CA ASP A 1580 -51.84 28.85 35.85
C ASP A 1580 -50.84 27.90 35.22
N ARG A 1581 -51.20 27.29 34.09
CA ARG A 1581 -50.27 26.41 33.39
C ARG A 1581 -49.04 27.16 32.93
N PHE A 1582 -49.22 28.36 32.39
CA PHE A 1582 -48.07 29.14 31.93
C PHE A 1582 -47.13 29.46 33.08
N LEU A 1583 -47.68 29.89 34.21
CA LEU A 1583 -46.83 30.27 35.33
C LEU A 1583 -46.17 29.05 35.97
N ASN A 1584 -46.87 27.91 36.00
CA ASN A 1584 -46.24 26.69 36.49
C ASN A 1584 -45.09 26.28 35.59
N SER A 1585 -45.28 26.36 34.27
CA SER A 1585 -44.21 26.02 33.34
C SER A 1585 -43.02 26.97 33.51
N LEU A 1586 -43.29 28.27 33.65
CA LEU A 1586 -42.21 29.23 33.83
C LEU A 1586 -41.46 28.97 35.14
N GLY A 1587 -42.19 28.66 36.21
CA GLY A 1587 -41.53 28.34 37.47
C GLY A 1587 -40.66 27.10 37.36
N ARG A 1588 -41.17 26.06 36.70
CA ARG A 1588 -40.37 24.84 36.52
C ARG A 1588 -39.13 25.14 35.69
N PHE A 1589 -39.28 25.94 34.63
CA PHE A 1589 -38.13 26.32 33.82
C PHE A 1589 -37.08 27.07 34.63
N MET A 1590 -37.53 28.03 35.45
CA MET A 1590 -36.59 28.80 36.26
C MET A 1590 -35.90 27.91 37.29
N THR A 1591 -36.65 27.02 37.93
CA THR A 1591 -36.06 26.14 38.93
C THR A 1591 -35.14 25.08 38.31
N GLY A 1592 -35.33 24.77 37.03
CA GLY A 1592 -34.44 23.83 36.38
C GLY A 1592 -33.01 24.31 36.33
N LEU A 1593 -32.82 25.63 36.14
CA LEU A 1593 -31.48 26.20 36.10
C LEU A 1593 -30.75 26.09 37.44
N ASP A 1594 -31.48 25.92 38.54
CA ASP A 1594 -30.84 25.80 39.84
C ASP A 1594 -29.98 24.55 39.90
N THR A 1595 -28.77 24.70 40.45
CA THR A 1595 -27.82 23.59 40.58
C THR A 1595 -27.12 23.72 41.92
N LYS A 1596 -27.62 22.99 42.92
CA LYS A 1596 -26.99 23.01 44.24
C LYS A 1596 -25.57 22.47 44.16
N ASN A 1597 -25.37 21.39 43.39
CA ASN A 1597 -24.05 20.82 43.16
C ASN A 1597 -23.87 20.57 41.67
N ASN A 1598 -22.63 20.57 41.22
CA ASN A 1598 -22.32 20.36 39.81
C ASN A 1598 -21.01 19.60 39.70
N VAL A 1599 -20.87 18.87 38.59
CA VAL A 1599 -19.68 18.09 38.31
C VAL A 1599 -19.26 18.35 36.86
N LYS A 1600 -17.98 18.15 36.58
CA LYS A 1600 -17.44 18.28 35.23
C LYS A 1600 -16.74 16.98 34.85
N VAL A 1601 -16.84 16.61 33.58
CA VAL A 1601 -16.29 15.36 33.08
C VAL A 1601 -15.22 15.69 32.02
N TRP A 1602 -14.04 15.12 32.20
CA TRP A 1602 -12.95 15.24 31.25
C TRP A 1602 -12.94 14.01 30.36
N PHE A 1603 -12.91 14.24 29.04
CA PHE A 1603 -12.92 13.16 28.06
C PHE A 1603 -11.88 13.45 26.98
N ASN A 1604 -11.89 12.62 25.94
CA ASN A 1604 -11.06 12.83 24.76
C ASN A 1604 -11.57 11.93 23.65
N ASN A 1605 -11.83 12.52 22.49
CA ASN A 1605 -12.38 11.77 21.36
C ASN A 1605 -11.40 10.73 20.82
N LYS A 1606 -10.12 10.84 21.16
CA LYS A 1606 -9.15 9.85 20.68
C LYS A 1606 -9.51 8.46 21.17
N GLY A 1607 -9.94 8.35 22.43
CA GLY A 1607 -10.49 7.10 22.92
C GLY A 1607 -11.98 7.02 22.62
N TRP A 1608 -12.34 6.25 21.59
CA TRP A 1608 -13.71 6.23 21.12
C TRP A 1608 -14.65 5.74 22.24
N HIS A 1609 -15.84 6.35 22.29
CA HIS A 1609 -16.89 6.02 23.25
C HIS A 1609 -16.49 6.32 24.68
N ALA A 1610 -15.43 7.10 24.90
CA ALA A 1610 -15.07 7.49 26.27
C ALA A 1610 -16.13 8.38 26.88
N ILE A 1611 -16.74 9.26 26.07
CA ILE A 1611 -17.76 10.17 26.57
C ILE A 1611 -18.91 9.38 27.19
N SER A 1612 -19.42 8.40 26.45
CA SER A 1612 -20.60 7.67 26.91
C SER A 1612 -20.28 6.84 28.16
N SER A 1613 -19.13 6.16 28.17
CA SER A 1613 -18.78 5.34 29.33
C SER A 1613 -18.55 6.20 30.56
N PHE A 1614 -17.93 7.37 30.38
CA PHE A 1614 -17.72 8.27 31.50
C PHE A 1614 -19.04 8.84 32.02
N LEU A 1615 -19.98 9.15 31.13
CA LEU A 1615 -21.31 9.51 31.58
C LEU A 1615 -21.94 8.38 32.38
N ASN A 1616 -21.82 7.15 31.87
CA ASN A 1616 -22.35 5.99 32.59
C ASN A 1616 -21.79 5.91 34.00
N VAL A 1617 -20.46 5.98 34.13
CA VAL A 1617 -19.83 5.77 35.43
C VAL A 1617 -20.15 6.92 36.37
N ILE A 1618 -20.15 8.16 35.88
CA ILE A 1618 -20.42 9.29 36.76
C ILE A 1618 -21.87 9.28 37.23
N ASN A 1619 -22.81 8.94 36.34
CA ASN A 1619 -24.20 8.84 36.77
C ASN A 1619 -24.41 7.67 37.71
N ASN A 1620 -23.69 6.57 37.51
CA ASN A 1620 -23.76 5.44 38.44
C ASN A 1620 -23.27 5.87 39.82
N ALA A 1621 -22.17 6.62 39.86
CA ALA A 1621 -21.68 7.13 41.14
C ALA A 1621 -22.69 8.06 41.79
N ILE A 1622 -23.32 8.93 40.99
CA ILE A 1622 -24.33 9.84 41.53
C ILE A 1622 -25.49 9.05 42.12
N LEU A 1623 -25.93 8.00 41.42
CA LEU A 1623 -26.96 7.13 41.97
C LEU A 1623 -26.51 6.49 43.28
N ARG A 1624 -25.27 6.00 43.31
CA ARG A 1624 -24.77 5.34 44.51
C ARG A 1624 -24.76 6.28 45.70
N ALA A 1625 -24.33 7.52 45.50
CA ALA A 1625 -24.29 8.48 46.59
C ALA A 1625 -25.67 8.97 46.99
N ASN A 1626 -26.67 8.83 46.13
CA ASN A 1626 -28.01 9.34 46.40
C ASN A 1626 -28.92 8.32 47.07
N LEU A 1627 -28.44 7.09 47.31
CA LEU A 1627 -29.27 6.10 47.97
C LEU A 1627 -29.57 6.53 49.41
N GLN A 1628 -30.82 6.31 49.83
CA GLN A 1628 -31.28 6.74 51.15
C GLN A 1628 -31.15 5.62 52.19
N LYS A 1629 -29.95 5.05 52.31
CA LYS A 1629 -29.64 4.03 53.30
C LYS A 1629 -30.44 2.74 53.08
N GLY A 1630 -31.11 2.60 51.94
CA GLY A 1630 -31.95 1.44 51.72
C GLY A 1630 -31.18 0.14 51.85
N GLU A 1631 -30.01 0.07 51.23
CA GLU A 1631 -29.16 -1.11 51.29
C GLU A 1631 -27.77 -0.74 50.80
N ASN A 1632 -26.92 -1.75 50.63
CA ASN A 1632 -25.56 -1.50 50.21
C ASN A 1632 -25.56 -0.88 48.81
N PRO A 1633 -24.61 0.01 48.51
CA PRO A 1633 -24.56 0.60 47.17
C PRO A 1633 -24.28 -0.42 46.07
N SER A 1634 -23.73 -1.59 46.42
CA SER A 1634 -23.35 -2.55 45.39
C SER A 1634 -24.57 -3.03 44.61
N HIS A 1635 -25.68 -3.30 45.29
CA HIS A 1635 -26.87 -3.77 44.61
C HIS A 1635 -27.38 -2.72 43.62
N TYR A 1636 -27.41 -1.47 44.05
CA TYR A 1636 -27.77 -0.39 43.14
C TYR A 1636 -26.71 -0.22 42.06
N GLY A 1637 -27.15 -0.01 40.83
CA GLY A 1637 -26.24 0.21 39.72
C GLY A 1637 -27.01 0.47 38.45
N ILE A 1638 -26.25 0.81 37.41
CA ILE A 1638 -26.79 1.17 36.10
C ILE A 1638 -25.82 0.64 35.05
N THR A 1639 -26.29 0.57 33.80
CA THR A 1639 -25.43 0.22 32.69
C THR A 1639 -26.02 0.83 31.42
N ALA A 1640 -25.15 1.14 30.46
CA ALA A 1640 -25.54 1.84 29.25
C ALA A 1640 -24.73 1.31 28.08
N PHE A 1641 -25.43 0.96 26.99
CA PHE A 1641 -24.82 0.51 25.76
C PHE A 1641 -25.22 1.41 24.61
N ASN A 1642 -24.60 1.18 23.46
CA ASN A 1642 -24.99 1.81 22.20
C ASN A 1642 -25.02 0.78 21.10
N HIS A 1643 -26.00 0.89 20.21
CA HIS A 1643 -26.21 -0.09 19.15
C HIS A 1643 -26.95 0.57 18.00
N PRO A 1644 -26.23 1.02 16.95
CA PRO A 1644 -26.92 1.54 15.77
C PRO A 1644 -27.87 0.51 15.19
N LEU A 1645 -29.05 0.96 14.80
CA LEU A 1645 -30.09 0.08 14.27
C LEU A 1645 -29.83 -0.27 12.81
N ASN A 1646 -30.55 -1.27 12.33
CA ASN A 1646 -30.34 -1.78 10.98
C ASN A 1646 -30.52 -0.64 9.96
N LEU A 1647 -29.59 -0.58 9.02
CA LEU A 1647 -29.56 0.52 8.06
C LEU A 1647 -30.76 0.45 7.11
N THR A 1648 -31.02 1.56 6.44
CA THR A 1648 -32.15 1.70 5.55
C THR A 1648 -31.74 1.32 4.12
N LYS A 1649 -32.65 1.55 3.17
CA LYS A 1649 -32.40 1.15 1.79
C LYS A 1649 -31.23 1.92 1.20
N GLN A 1650 -31.20 3.24 1.38
CA GLN A 1650 -30.25 4.07 0.66
C GLN A 1650 -28.82 3.75 1.05
N GLN A 1651 -28.52 3.77 2.35
CA GLN A 1651 -27.14 3.55 2.78
C GLN A 1651 -26.74 2.09 2.65
N LEU A 1652 -27.69 1.17 2.80
CA LEU A 1652 -27.38 -0.24 2.53
C LEU A 1652 -26.96 -0.42 1.08
N SER A 1653 -27.70 0.18 0.14
CA SER A 1653 -27.31 0.11 -1.26
C SER A 1653 -25.96 0.78 -1.50
N GLU A 1654 -25.73 1.94 -0.87
CA GLU A 1654 -24.49 2.65 -1.07
C GLU A 1654 -23.30 1.83 -0.60
N VAL A 1655 -23.40 1.25 0.60
CA VAL A 1655 -22.31 0.41 1.11
C VAL A 1655 -22.20 -0.91 0.38
N ALA A 1656 -23.26 -1.34 -0.30
CA ALA A 1656 -23.17 -2.51 -1.16
C ALA A 1656 -22.40 -2.25 -2.44
N LEU A 1657 -22.23 -0.97 -2.82
CA LEU A 1657 -21.44 -0.58 -3.98
C LEU A 1657 -20.16 0.13 -3.57
N MET A 1658 -19.63 -0.19 -2.39
CA MET A 1658 -18.43 0.46 -1.88
C MET A 1658 -17.21 -0.03 -2.64
N THR A 1659 -16.03 0.47 -2.22
CA THR A 1659 -14.79 0.09 -2.89
C THR A 1659 -14.52 -1.40 -2.77
N THR A 1660 -14.97 -2.02 -1.67
CA THR A 1660 -14.85 -3.46 -1.44
C THR A 1660 -13.46 -3.97 -1.84
N SER A 1661 -12.46 -3.46 -1.13
CA SER A 1661 -11.07 -3.84 -1.43
C SER A 1661 -10.87 -5.35 -1.34
N VAL A 1662 -11.69 -6.03 -0.52
CA VAL A 1662 -11.63 -7.49 -0.49
C VAL A 1662 -11.98 -8.06 -1.85
N ASP A 1663 -13.02 -7.52 -2.48
CA ASP A 1663 -13.38 -7.96 -3.83
C ASP A 1663 -12.25 -7.71 -4.82
N VAL A 1664 -11.62 -6.54 -4.73
CA VAL A 1664 -10.55 -6.21 -5.65
C VAL A 1664 -9.39 -7.18 -5.48
N LEU A 1665 -9.00 -7.45 -4.24
CA LEU A 1665 -7.84 -8.31 -4.02
C LEU A 1665 -8.14 -9.75 -4.41
N VAL A 1666 -9.36 -10.23 -4.16
CA VAL A 1666 -9.68 -11.60 -4.56
C VAL A 1666 -9.72 -11.72 -6.08
N SER A 1667 -10.28 -10.72 -6.75
CA SER A 1667 -10.30 -10.74 -8.22
C SER A 1667 -8.88 -10.71 -8.77
N ILE A 1668 -8.02 -9.86 -8.22
CA ILE A 1668 -6.64 -9.77 -8.69
C ILE A 1668 -5.92 -11.09 -8.47
N CYS A 1669 -6.10 -11.70 -7.30
CA CYS A 1669 -5.40 -12.95 -7.02
C CYS A 1669 -5.89 -14.07 -7.93
N VAL A 1670 -7.20 -14.17 -8.15
CA VAL A 1670 -7.71 -15.25 -8.99
C VAL A 1670 -7.27 -15.06 -10.44
N ILE A 1671 -7.31 -13.82 -10.95
CA ILE A 1671 -6.90 -13.60 -12.33
C ILE A 1671 -5.40 -13.83 -12.48
N PHE A 1672 -4.62 -13.46 -11.47
CA PHE A 1672 -3.19 -13.74 -11.50
C PHE A 1672 -2.92 -15.23 -11.52
N ALA A 1673 -3.67 -16.00 -10.71
CA ALA A 1673 -3.50 -17.45 -10.70
C ALA A 1673 -3.86 -18.05 -12.05
N MET A 1674 -4.94 -17.57 -12.67
CA MET A 1674 -5.42 -18.13 -13.93
C MET A 1674 -4.63 -17.66 -15.14
N SER A 1675 -3.87 -16.57 -15.03
CA SER A 1675 -3.07 -16.08 -16.15
C SER A 1675 -1.80 -16.88 -16.37
N PHE A 1676 -1.67 -18.06 -15.76
CA PHE A 1676 -0.43 -18.84 -15.82
C PHE A 1676 -0.49 -19.97 -16.83
N VAL A 1677 -1.58 -20.73 -16.89
CA VAL A 1677 -1.68 -21.79 -17.89
C VAL A 1677 -1.46 -21.25 -19.30
N PRO A 1678 -1.98 -20.09 -19.69
CA PRO A 1678 -1.56 -19.53 -20.99
C PRO A 1678 -0.07 -19.27 -21.05
N ALA A 1679 0.55 -18.90 -19.92
CA ALA A 1679 2.00 -18.75 -19.90
C ALA A 1679 2.68 -20.09 -20.13
N SER A 1680 2.14 -21.17 -19.57
CA SER A 1680 2.69 -22.50 -19.84
C SER A 1680 2.59 -22.83 -21.32
N PHE A 1681 1.44 -22.55 -21.93
CA PHE A 1681 1.29 -22.80 -23.36
C PHE A 1681 2.29 -21.99 -24.17
N VAL A 1682 2.47 -20.71 -23.80
CA VAL A 1682 3.39 -19.84 -24.54
C VAL A 1682 4.82 -20.33 -24.41
N VAL A 1683 5.23 -20.73 -23.20
CA VAL A 1683 6.61 -21.18 -23.02
C VAL A 1683 6.84 -22.48 -23.78
N PHE A 1684 5.88 -23.40 -23.75
CA PHE A 1684 6.00 -24.61 -24.57
C PHE A 1684 6.13 -24.27 -26.04
N LEU A 1685 5.27 -23.36 -26.53
CA LEU A 1685 5.29 -23.01 -27.94
C LEU A 1685 6.62 -22.39 -28.34
N ILE A 1686 7.15 -21.48 -27.50
CA ILE A 1686 8.39 -20.80 -27.85
C ILE A 1686 9.57 -21.77 -27.78
N GLN A 1687 9.60 -22.65 -26.77
CA GLN A 1687 10.72 -23.58 -26.66
C GLN A 1687 10.71 -24.58 -27.82
N GLU A 1688 9.53 -24.89 -28.36
CA GLU A 1688 9.48 -25.70 -29.57
C GLU A 1688 9.61 -24.85 -30.83
N ARG A 1689 9.60 -23.52 -30.71
CA ARG A 1689 9.59 -22.61 -31.85
C ARG A 1689 10.98 -22.30 -32.39
N VAL A 1690 12.05 -22.65 -31.67
CA VAL A 1690 13.39 -22.22 -32.06
C VAL A 1690 13.97 -23.21 -33.07
N SER A 1691 13.60 -23.03 -34.33
CA SER A 1691 14.17 -23.79 -35.44
C SER A 1691 14.11 -25.30 -35.19
N LYS A 1692 13.13 -25.75 -34.41
CA LYS A 1692 12.96 -27.17 -34.12
C LYS A 1692 11.64 -27.71 -34.66
N ALA A 1693 10.51 -27.10 -34.31
CA ALA A 1693 9.21 -27.62 -34.71
C ALA A 1693 8.65 -26.91 -35.94
N LYS A 1694 8.58 -25.57 -35.89
CA LYS A 1694 7.94 -24.82 -36.96
C LYS A 1694 8.49 -25.21 -38.33
N HIS A 1695 9.79 -24.99 -38.53
CA HIS A 1695 10.39 -25.30 -39.82
C HIS A 1695 10.31 -26.79 -40.14
N LEU A 1696 10.32 -27.64 -39.10
CA LEU A 1696 10.15 -29.07 -39.31
C LEU A 1696 8.80 -29.35 -39.96
N GLN A 1697 7.72 -28.78 -39.41
CA GLN A 1697 6.41 -28.97 -40.00
C GLN A 1697 6.33 -28.32 -41.38
N PHE A 1698 7.05 -27.22 -41.58
CA PHE A 1698 7.11 -26.61 -42.90
C PHE A 1698 7.64 -27.60 -43.93
N ILE A 1699 8.76 -28.25 -43.59
CA ILE A 1699 9.33 -29.25 -44.50
C ILE A 1699 8.39 -30.44 -44.67
N SER A 1700 7.51 -30.68 -43.71
CA SER A 1700 6.59 -31.82 -43.76
C SER A 1700 5.30 -31.50 -44.50
N GLY A 1701 5.14 -30.29 -45.02
CA GLY A 1701 3.90 -29.92 -45.68
C GLY A 1701 2.74 -29.84 -44.70
N VAL A 1702 2.79 -28.86 -43.80
CA VAL A 1702 1.85 -28.80 -42.69
C VAL A 1702 0.72 -27.83 -42.99
N LYS A 1703 0.96 -26.86 -43.88
CA LYS A 1703 0.00 -25.78 -44.06
C LYS A 1703 -0.29 -25.16 -42.71
N PRO A 1704 0.64 -24.36 -42.17
CA PRO A 1704 0.64 -24.05 -40.72
C PRO A 1704 -0.69 -23.62 -40.12
N VAL A 1705 -1.69 -23.29 -40.94
CA VAL A 1705 -2.99 -22.91 -40.37
C VAL A 1705 -3.57 -24.04 -39.55
N ILE A 1706 -3.50 -25.28 -40.07
CA ILE A 1706 -4.04 -26.41 -39.34
C ILE A 1706 -3.23 -26.67 -38.08
N TYR A 1707 -1.92 -26.48 -38.13
CA TYR A 1707 -1.10 -26.63 -36.93
C TYR A 1707 -1.50 -25.63 -35.87
N TRP A 1708 -1.75 -24.38 -36.28
CA TRP A 1708 -2.22 -23.36 -35.34
C TRP A 1708 -3.58 -23.75 -34.76
N LEU A 1709 -4.48 -24.27 -35.59
CA LEU A 1709 -5.79 -24.69 -35.09
C LEU A 1709 -5.66 -25.82 -34.07
N SER A 1710 -4.78 -26.79 -34.35
CA SER A 1710 -4.58 -27.88 -33.41
C SER A 1710 -4.00 -27.39 -32.09
N ASN A 1711 -3.02 -26.49 -32.15
CA ASN A 1711 -2.47 -25.91 -30.93
C ASN A 1711 -3.54 -25.15 -30.16
N PHE A 1712 -4.39 -24.41 -30.88
CA PHE A 1712 -5.50 -23.69 -30.25
C PHE A 1712 -6.42 -24.67 -29.52
N VAL A 1713 -6.81 -25.74 -30.19
CA VAL A 1713 -7.73 -26.70 -29.60
C VAL A 1713 -7.12 -27.33 -28.35
N TRP A 1714 -5.86 -27.73 -28.44
CA TRP A 1714 -5.21 -28.34 -27.27
C TRP A 1714 -5.09 -27.34 -26.13
N ASP A 1715 -4.77 -26.08 -26.44
CA ASP A 1715 -4.64 -25.07 -25.41
C ASP A 1715 -5.97 -24.87 -24.68
N MET A 1716 -7.07 -24.80 -25.44
CA MET A 1716 -8.37 -24.64 -24.77
C MET A 1716 -8.77 -25.89 -24.00
N CYS A 1717 -8.40 -27.08 -24.48
CA CYS A 1717 -8.69 -28.29 -23.70
C CYS A 1717 -7.92 -28.28 -22.38
N ASN A 1718 -6.63 -28.00 -22.44
CA ASN A 1718 -5.75 -27.98 -21.27
C ASN A 1718 -5.96 -26.74 -20.42
N TYR A 1719 -6.81 -25.80 -20.87
CA TYR A 1719 -7.31 -24.75 -20.00
C TYR A 1719 -8.62 -25.14 -19.33
N VAL A 1720 -9.57 -25.69 -20.08
CA VAL A 1720 -10.86 -26.05 -19.48
C VAL A 1720 -10.67 -27.09 -18.39
N VAL A 1721 -9.74 -28.03 -18.59
CA VAL A 1721 -9.45 -29.00 -17.51
C VAL A 1721 -9.01 -28.27 -16.24
N PRO A 1722 -8.00 -27.39 -16.27
CA PRO A 1722 -7.79 -26.50 -15.11
C PRO A 1722 -9.00 -25.67 -14.77
N ALA A 1723 -9.82 -25.28 -15.76
CA ALA A 1723 -11.03 -24.54 -15.44
C ALA A 1723 -11.96 -25.39 -14.58
N THR A 1724 -12.15 -26.65 -14.95
CA THR A 1724 -12.97 -27.54 -14.13
C THR A 1724 -12.38 -27.67 -12.74
N LEU A 1725 -11.06 -27.86 -12.64
CA LEU A 1725 -10.43 -27.96 -11.33
C LEU A 1725 -10.74 -26.72 -10.49
N VAL A 1726 -10.49 -25.53 -11.04
CA VAL A 1726 -10.58 -24.31 -10.24
C VAL A 1726 -12.03 -24.06 -9.85
N ILE A 1727 -12.98 -24.39 -10.72
CA ILE A 1727 -14.38 -24.24 -10.33
C ILE A 1727 -14.73 -25.22 -9.22
N ILE A 1728 -14.10 -26.40 -9.19
CA ILE A 1728 -14.31 -27.30 -8.07
C ILE A 1728 -13.79 -26.66 -6.77
N ILE A 1729 -12.61 -26.05 -6.83
CA ILE A 1729 -12.08 -25.39 -5.63
C ILE A 1729 -12.99 -24.24 -5.18
N PHE A 1730 -13.60 -23.51 -6.11
CA PHE A 1730 -14.65 -22.59 -5.69
C PHE A 1730 -15.84 -23.33 -5.08
N ILE A 1731 -16.22 -24.46 -5.67
CA ILE A 1731 -17.35 -25.23 -5.13
C ILE A 1731 -17.08 -25.58 -3.67
N CYS A 1732 -15.80 -25.72 -3.30
CA CYS A 1732 -15.48 -25.88 -1.89
C CYS A 1732 -16.12 -24.79 -1.05
N PHE A 1733 -16.14 -23.55 -1.57
CA PHE A 1733 -16.88 -22.46 -0.95
C PHE A 1733 -18.34 -22.51 -1.40
N GLN A 1734 -19.18 -21.80 -0.64
CA GLN A 1734 -20.64 -21.87 -0.84
C GLN A 1734 -21.20 -20.65 -1.56
N GLN A 1735 -20.98 -19.45 -1.02
CA GLN A 1735 -21.68 -18.28 -1.53
C GLN A 1735 -21.28 -17.97 -2.97
N LYS A 1736 -19.99 -18.05 -3.29
CA LYS A 1736 -19.53 -17.72 -4.63
C LYS A 1736 -20.09 -18.67 -5.68
N SER A 1737 -20.61 -19.81 -5.28
CA SER A 1737 -21.20 -20.81 -6.18
C SER A 1737 -22.64 -21.06 -5.75
N TYR A 1738 -23.56 -20.27 -6.29
CA TYR A 1738 -24.96 -20.43 -5.94
C TYR A 1738 -25.55 -21.65 -6.65
N VAL A 1739 -26.59 -22.22 -6.05
CA VAL A 1739 -27.10 -23.51 -6.50
C VAL A 1739 -27.66 -23.40 -7.92
N SER A 1740 -28.52 -22.41 -8.16
CA SER A 1740 -29.20 -22.30 -9.44
C SER A 1740 -28.26 -21.70 -10.48
N SER A 1741 -28.84 -21.36 -11.64
CA SER A 1741 -28.06 -20.86 -12.77
C SER A 1741 -28.05 -19.33 -12.81
N THR A 1742 -27.48 -18.75 -11.76
CA THR A 1742 -27.28 -17.30 -11.69
C THR A 1742 -25.89 -16.88 -11.24
N ASN A 1743 -25.14 -17.73 -10.54
CA ASN A 1743 -23.80 -17.40 -10.07
C ASN A 1743 -22.76 -18.45 -10.48
N LEU A 1744 -23.13 -19.73 -10.46
CA LEU A 1744 -22.17 -20.77 -10.85
C LEU A 1744 -21.92 -20.79 -12.36
N PRO A 1745 -22.93 -20.99 -13.20
CA PRO A 1745 -22.65 -21.05 -14.64
C PRO A 1745 -22.03 -19.76 -15.18
N VAL A 1746 -22.43 -18.60 -14.65
CA VAL A 1746 -21.85 -17.36 -15.13
C VAL A 1746 -20.35 -17.33 -14.83
N LEU A 1747 -19.96 -17.75 -13.62
CA LEU A 1747 -18.54 -17.76 -13.27
C LEU A 1747 -17.78 -18.80 -14.10
N ALA A 1748 -18.38 -19.97 -14.32
CA ALA A 1748 -17.71 -20.99 -15.11
C ALA A 1748 -17.48 -20.51 -16.54
N LEU A 1749 -18.52 -19.93 -17.16
CA LEU A 1749 -18.37 -19.40 -18.50
C LEU A 1749 -17.41 -18.21 -18.52
N LEU A 1750 -17.36 -17.44 -17.44
CA LEU A 1750 -16.41 -16.33 -17.35
C LEU A 1750 -14.98 -16.85 -17.42
N LEU A 1751 -14.67 -17.86 -16.61
CA LEU A 1751 -13.32 -18.43 -16.64
C LEU A 1751 -13.02 -19.09 -17.99
N LEU A 1752 -14.00 -19.81 -18.55
CA LEU A 1752 -13.78 -20.45 -19.84
C LEU A 1752 -13.51 -19.41 -20.92
N LEU A 1753 -14.25 -18.30 -20.91
CA LEU A 1753 -14.03 -17.25 -21.90
C LEU A 1753 -12.69 -16.55 -21.66
N TYR A 1754 -12.29 -16.39 -20.40
CA TYR A 1754 -10.99 -15.81 -20.12
C TYR A 1754 -9.88 -16.67 -20.70
N GLY A 1755 -10.00 -17.99 -20.57
CA GLY A 1755 -9.04 -18.87 -21.21
C GLY A 1755 -9.10 -18.78 -22.72
N TRP A 1756 -10.31 -18.79 -23.28
CA TRP A 1756 -10.49 -18.66 -24.72
C TRP A 1756 -9.87 -17.38 -25.25
N SER A 1757 -9.80 -16.34 -24.41
CA SER A 1757 -9.41 -15.00 -24.85
C SER A 1757 -7.95 -14.67 -24.60
N ILE A 1758 -7.41 -14.99 -23.43
CA ILE A 1758 -6.06 -14.55 -23.09
C ILE A 1758 -5.02 -15.28 -23.93
N THR A 1759 -5.22 -16.57 -24.17
CA THR A 1759 -4.19 -17.36 -24.85
C THR A 1759 -3.88 -16.83 -26.24
N PRO A 1760 -4.85 -16.55 -27.11
CA PRO A 1760 -4.51 -15.95 -28.42
C PRO A 1760 -3.82 -14.60 -28.31
N LEU A 1761 -4.09 -13.83 -27.26
CA LEU A 1761 -3.51 -12.50 -27.14
C LEU A 1761 -1.99 -12.54 -27.11
N MET A 1762 -1.43 -13.50 -26.37
CA MET A 1762 0.02 -13.57 -26.17
C MET A 1762 0.72 -14.46 -27.18
N TYR A 1763 0.01 -15.00 -28.16
CA TYR A 1763 0.67 -15.77 -29.21
C TYR A 1763 1.77 -15.01 -29.92
N PRO A 1764 1.61 -13.73 -30.27
CA PRO A 1764 2.73 -13.00 -30.90
C PRO A 1764 3.98 -12.98 -30.04
N ALA A 1765 3.84 -13.02 -28.71
CA ALA A 1765 5.01 -13.04 -27.84
C ALA A 1765 5.90 -14.24 -28.10
N SER A 1766 5.37 -15.30 -28.71
CA SER A 1766 6.15 -16.48 -29.05
C SER A 1766 6.99 -16.27 -30.31
N PHE A 1767 7.00 -15.07 -30.88
CA PHE A 1767 7.79 -14.76 -32.07
C PHE A 1767 8.96 -13.85 -31.77
N VAL A 1768 8.72 -12.72 -31.09
CA VAL A 1768 9.79 -11.77 -30.82
C VAL A 1768 10.79 -12.35 -29.83
N PHE A 1769 10.31 -13.08 -28.82
CA PHE A 1769 11.19 -13.63 -27.80
C PHE A 1769 12.06 -14.72 -28.42
N LYS A 1770 13.37 -14.64 -28.19
CA LYS A 1770 14.32 -15.60 -28.76
C LYS A 1770 14.81 -16.63 -27.75
N ILE A 1771 14.49 -16.47 -26.47
CA ILE A 1771 14.96 -17.39 -25.45
C ILE A 1771 13.78 -17.83 -24.58
N PRO A 1772 13.59 -19.12 -24.35
CA PRO A 1772 12.49 -19.59 -23.50
C PRO A 1772 12.80 -19.42 -22.02
N SER A 1773 11.77 -19.66 -21.21
CA SER A 1773 11.78 -19.66 -19.75
C SER A 1773 11.83 -18.25 -19.17
N THR A 1774 11.98 -17.22 -19.99
CA THR A 1774 11.86 -15.84 -19.52
C THR A 1774 10.56 -15.17 -19.95
N ALA A 1775 9.99 -15.60 -21.08
CA ALA A 1775 8.66 -15.13 -21.44
C ALA A 1775 7.66 -15.44 -20.33
N TYR A 1776 7.86 -16.54 -19.63
CA TYR A 1776 7.03 -16.86 -18.47
C TYR A 1776 6.93 -15.66 -17.52
N VAL A 1777 8.08 -15.25 -16.97
CA VAL A 1777 8.08 -14.18 -15.98
C VAL A 1777 7.69 -12.85 -16.61
N VAL A 1778 8.11 -12.62 -17.85
CA VAL A 1778 7.81 -11.34 -18.50
C VAL A 1778 6.30 -11.17 -18.65
N LEU A 1779 5.62 -12.18 -19.20
CA LEU A 1779 4.17 -12.10 -19.37
C LEU A 1779 3.47 -12.13 -18.02
N THR A 1780 4.01 -12.83 -17.03
CA THR A 1780 3.44 -12.78 -15.69
C THR A 1780 3.44 -11.35 -15.15
N SER A 1781 4.58 -10.67 -15.29
CA SER A 1781 4.68 -9.28 -14.81
C SER A 1781 3.74 -8.37 -15.59
N VAL A 1782 3.65 -8.57 -16.91
CA VAL A 1782 2.75 -7.76 -17.72
C VAL A 1782 1.31 -7.94 -17.28
N ASN A 1783 0.91 -9.20 -17.03
CA ASN A 1783 -0.45 -9.47 -16.58
C ASN A 1783 -0.71 -8.85 -15.21
N LEU A 1784 0.27 -8.94 -14.30
CA LEU A 1784 0.11 -8.27 -13.02
C LEU A 1784 -0.08 -6.77 -13.19
N PHE A 1785 0.72 -6.15 -14.05
CA PHE A 1785 0.61 -4.71 -14.26
C PHE A 1785 -0.75 -4.36 -14.84
N ILE A 1786 -1.24 -5.14 -15.80
CA ILE A 1786 -2.54 -4.85 -16.41
C ILE A 1786 -3.65 -5.00 -15.38
N GLY A 1787 -3.59 -6.05 -14.56
CA GLY A 1787 -4.60 -6.22 -13.53
C GLY A 1787 -4.59 -5.08 -12.53
N ILE A 1788 -3.40 -4.63 -12.12
CA ILE A 1788 -3.30 -3.52 -11.18
C ILE A 1788 -3.84 -2.25 -11.79
N ASN A 1789 -3.53 -1.99 -13.06
CA ASN A 1789 -4.03 -0.77 -13.70
C ASN A 1789 -5.55 -0.83 -13.81
N GLY A 1790 -6.11 -2.00 -14.12
CA GLY A 1790 -7.55 -2.13 -14.13
C GLY A 1790 -8.17 -1.88 -12.77
N SER A 1791 -7.55 -2.42 -11.72
CA SER A 1791 -8.08 -2.21 -10.37
C SER A 1791 -8.07 -0.73 -10.00
N VAL A 1792 -6.95 -0.04 -10.25
CA VAL A 1792 -6.88 1.37 -9.91
C VAL A 1792 -7.87 2.17 -10.76
N ALA A 1793 -8.03 1.80 -12.04
CA ALA A 1793 -9.03 2.46 -12.88
C ALA A 1793 -10.41 2.30 -12.28
N THR A 1794 -10.73 1.10 -11.79
CA THR A 1794 -11.97 0.92 -11.04
C THR A 1794 -12.02 1.84 -9.84
N PHE A 1795 -10.86 2.10 -9.21
CA PHE A 1795 -10.78 3.00 -8.07
C PHE A 1795 -10.63 4.46 -8.45
N VAL A 1796 -10.54 4.78 -9.75
CA VAL A 1796 -10.42 6.18 -10.16
C VAL A 1796 -11.68 6.96 -9.81
N LEU A 1797 -12.85 6.32 -9.87
CA LEU A 1797 -14.09 7.04 -9.62
C LEU A 1797 -14.12 7.65 -8.23
N GLU A 1798 -13.66 6.90 -7.23
CA GLU A 1798 -13.63 7.40 -5.86
C GLU A 1798 -12.52 8.44 -5.69
N ASP A 1810 -14.88 12.93 -14.53
CA ASP A 1810 -15.65 11.98 -13.75
C ASP A 1810 -16.70 11.29 -14.61
N ILE A 1811 -16.25 10.50 -15.58
CA ILE A 1811 -17.12 9.77 -16.49
C ILE A 1811 -16.82 8.28 -16.33
N LEU A 1812 -17.86 7.51 -15.99
CA LEU A 1812 -17.70 6.07 -15.84
C LEU A 1812 -17.74 5.33 -17.17
N LYS A 1813 -18.26 5.97 -18.23
CA LYS A 1813 -18.33 5.30 -19.52
C LYS A 1813 -16.94 4.96 -20.05
N SER A 1814 -15.98 5.88 -19.88
CA SER A 1814 -14.63 5.62 -20.36
C SER A 1814 -14.04 4.36 -19.73
N VAL A 1815 -14.43 4.06 -18.49
CA VAL A 1815 -13.99 2.81 -17.86
C VAL A 1815 -14.53 1.61 -18.62
N PHE A 1816 -15.80 1.67 -19.04
CA PHE A 1816 -16.42 0.58 -19.77
C PHE A 1816 -16.14 0.74 -21.27
N LEU A 1817 -14.86 0.94 -21.61
CA LEU A 1817 -14.47 1.02 -23.02
C LEU A 1817 -13.21 0.22 -23.37
N ILE A 1818 -12.34 -0.09 -22.41
CA ILE A 1818 -11.08 -0.79 -22.73
C ILE A 1818 -11.38 -2.29 -22.62
N PHE A 1819 -12.00 -2.81 -23.68
CA PHE A 1819 -12.31 -4.22 -23.79
C PHE A 1819 -11.09 -5.04 -24.24
N PRO A 1820 -10.31 -4.55 -25.22
CA PRO A 1820 -9.20 -5.37 -25.73
C PRO A 1820 -8.35 -6.04 -24.64
N HIS A 1821 -8.26 -5.44 -23.46
CA HIS A 1821 -7.57 -6.06 -22.33
C HIS A 1821 -8.53 -7.07 -21.70
N PHE A 1822 -8.47 -8.29 -22.22
CA PHE A 1822 -9.42 -9.32 -21.79
C PHE A 1822 -9.30 -9.61 -20.30
N CYS A 1823 -8.07 -9.63 -19.77
CA CYS A 1823 -7.90 -9.87 -18.35
C CYS A 1823 -8.57 -8.79 -17.51
N LEU A 1824 -8.37 -7.52 -17.91
CA LEU A 1824 -9.02 -6.42 -17.20
C LEU A 1824 -10.54 -6.54 -17.29
N GLY A 1825 -11.06 -6.85 -18.48
CA GLY A 1825 -12.49 -7.01 -18.63
C GLY A 1825 -13.05 -8.12 -17.76
N ARG A 1826 -12.36 -9.26 -17.71
CA ARG A 1826 -12.83 -10.38 -16.91
C ARG A 1826 -12.81 -10.04 -15.42
N GLY A 1827 -11.78 -9.32 -14.98
CA GLY A 1827 -11.77 -8.86 -13.60
C GLY A 1827 -12.94 -7.92 -13.30
N LEU A 1828 -13.22 -7.01 -14.23
CA LEU A 1828 -14.36 -6.12 -14.07
C LEU A 1828 -15.66 -6.92 -13.97
N ILE A 1829 -15.80 -7.96 -14.79
CA ILE A 1829 -17.01 -8.78 -14.75
C ILE A 1829 -17.10 -9.55 -13.44
N ASP A 1830 -15.97 -10.01 -12.92
CA ASP A 1830 -16.00 -10.68 -11.62
C ASP A 1830 -16.48 -9.73 -10.53
N MET A 1831 -15.97 -8.48 -10.53
CA MET A 1831 -16.34 -7.57 -9.45
C MET A 1831 -17.78 -7.10 -9.59
N VAL A 1832 -18.27 -6.89 -10.83
CA VAL A 1832 -19.67 -6.54 -11.00
C VAL A 1832 -20.57 -7.70 -10.58
N LYS A 1833 -20.14 -8.94 -10.87
CA LYS A 1833 -20.90 -10.09 -10.41
C LYS A 1833 -20.98 -10.11 -8.89
N ASN A 1834 -19.85 -9.87 -8.22
CA ASN A 1834 -19.84 -9.88 -6.76
C ASN A 1834 -20.76 -8.79 -6.20
N GLN A 1835 -20.66 -7.57 -6.72
CA GLN A 1835 -21.48 -6.49 -6.20
C GLN A 1835 -22.96 -6.70 -6.51
N ALA A 1836 -23.28 -7.26 -7.68
CA ALA A 1836 -24.67 -7.57 -8.01
C ALA A 1836 -25.22 -8.64 -7.07
N MET A 1837 -24.43 -9.67 -6.77
CA MET A 1837 -24.87 -10.69 -5.83
C MET A 1837 -25.11 -10.09 -4.45
N ALA A 1838 -24.20 -9.20 -4.01
CA ALA A 1838 -24.38 -8.54 -2.72
C ALA A 1838 -25.66 -7.72 -2.71
N ASP A 1839 -25.91 -6.96 -3.79
CA ASP A 1839 -27.12 -6.16 -3.88
C ASP A 1839 -28.35 -7.05 -3.82
N ALA A 1840 -28.35 -8.15 -4.58
CA ALA A 1840 -29.51 -9.03 -4.61
C ALA A 1840 -29.78 -9.63 -3.24
N LEU A 1841 -28.75 -10.13 -2.57
CA LEU A 1841 -28.96 -10.77 -1.28
C LEU A 1841 -29.42 -9.75 -0.23
N GLU A 1842 -28.82 -8.55 -0.22
CA GLU A 1842 -29.24 -7.57 0.77
C GLU A 1842 -30.66 -7.09 0.51
N ARG A 1843 -31.02 -6.92 -0.77
CA ARG A 1843 -32.38 -6.49 -1.09
C ARG A 1843 -33.39 -7.56 -0.70
N PHE A 1844 -33.09 -8.83 -0.99
CA PHE A 1844 -34.01 -9.90 -0.62
C PHE A 1844 -34.14 -10.01 0.90
N GLY A 1845 -33.04 -9.89 1.62
CA GLY A 1845 -33.11 -9.97 3.07
C GLY A 1845 -33.90 -8.81 3.68
N GLU A 1846 -33.65 -7.60 3.20
CA GLU A 1846 -34.33 -6.43 3.77
C GLU A 1846 -35.81 -6.43 3.43
N ASN A 1847 -36.15 -6.64 2.16
CA ASN A 1847 -37.55 -6.60 1.73
C ASN A 1847 -37.70 -7.52 0.52
N ARG A 1848 -38.82 -7.38 -0.18
CA ARG A 1848 -39.10 -8.19 -1.37
C ARG A 1848 -38.65 -7.46 -2.63
N PHE A 1849 -38.09 -8.21 -3.57
CA PHE A 1849 -37.67 -7.64 -4.84
C PHE A 1849 -37.57 -8.75 -5.87
N VAL A 1850 -37.58 -8.36 -7.14
CA VAL A 1850 -37.48 -9.32 -8.24
C VAL A 1850 -36.07 -9.86 -8.30
N SER A 1851 -35.93 -11.09 -8.77
CA SER A 1851 -34.63 -11.74 -8.85
C SER A 1851 -33.84 -11.17 -10.02
N PRO A 1852 -32.67 -10.56 -9.78
CA PRO A 1852 -31.86 -10.06 -10.91
C PRO A 1852 -30.99 -11.18 -11.47
N LEU A 1853 -31.01 -11.33 -12.79
CA LEU A 1853 -30.19 -12.31 -13.47
C LEU A 1853 -28.82 -11.72 -13.79
N SER A 1854 -27.80 -12.59 -13.80
CA SER A 1854 -26.44 -12.13 -14.04
C SER A 1854 -26.28 -11.56 -15.45
N TRP A 1855 -27.00 -12.09 -16.42
CA TRP A 1855 -26.89 -11.65 -17.80
C TRP A 1855 -27.86 -10.52 -18.13
N ASP A 1856 -28.62 -10.02 -17.15
CA ASP A 1856 -29.79 -9.21 -17.46
C ASP A 1856 -29.40 -7.86 -18.04
N LEU A 1857 -29.38 -7.78 -19.37
CA LEU A 1857 -29.10 -6.56 -20.13
C LEU A 1857 -27.68 -6.07 -19.97
N VAL A 1858 -26.79 -6.87 -19.37
CA VAL A 1858 -25.40 -6.46 -19.17
C VAL A 1858 -24.46 -7.56 -19.68
N GLY A 1859 -24.64 -8.78 -19.15
CA GLY A 1859 -23.65 -9.82 -19.38
C GLY A 1859 -23.53 -10.23 -20.84
N ARG A 1860 -24.66 -10.44 -21.51
CA ARG A 1860 -24.62 -11.01 -22.86
C ARG A 1860 -23.82 -10.13 -23.82
N ASN A 1861 -24.07 -8.82 -23.79
CA ASN A 1861 -23.40 -7.92 -24.73
C ASN A 1861 -21.89 -7.98 -24.55
N LEU A 1862 -21.43 -7.91 -23.30
CA LEU A 1862 -19.99 -7.84 -23.05
C LEU A 1862 -19.31 -9.18 -23.30
N PHE A 1863 -19.96 -10.30 -22.98
CA PHE A 1863 -19.41 -11.59 -23.37
C PHE A 1863 -19.31 -11.71 -24.89
N ALA A 1864 -20.34 -11.29 -25.62
CA ALA A 1864 -20.30 -11.38 -27.07
C ALA A 1864 -19.18 -10.52 -27.64
N MET A 1865 -19.04 -9.30 -27.11
CA MET A 1865 -17.97 -8.41 -27.59
C MET A 1865 -16.59 -8.93 -27.23
N ALA A 1866 -16.43 -9.57 -26.07
CA ALA A 1866 -15.16 -10.17 -25.72
C ALA A 1866 -14.81 -11.30 -26.69
N VAL A 1867 -15.79 -12.15 -27.01
CA VAL A 1867 -15.53 -13.25 -27.94
C VAL A 1867 -15.17 -12.70 -29.32
N GLU A 1868 -15.91 -11.69 -29.77
CA GLU A 1868 -15.60 -11.10 -31.08
C GLU A 1868 -14.21 -10.50 -31.13
N GLY A 1869 -13.78 -9.83 -30.06
CA GLY A 1869 -12.41 -9.34 -30.00
C GLY A 1869 -11.36 -10.44 -30.03
N VAL A 1870 -11.64 -11.58 -29.39
CA VAL A 1870 -10.73 -12.71 -29.47
C VAL A 1870 -10.63 -13.22 -30.90
N VAL A 1871 -11.76 -13.24 -31.62
CA VAL A 1871 -11.71 -13.62 -33.03
C VAL A 1871 -10.80 -12.69 -33.81
N PHE A 1872 -10.93 -11.38 -33.57
CA PHE A 1872 -10.08 -10.40 -34.26
C PHE A 1872 -8.61 -10.62 -33.92
N PHE A 1873 -8.30 -10.89 -32.65
CA PHE A 1873 -6.91 -11.08 -32.26
C PHE A 1873 -6.33 -12.36 -32.87
N LEU A 1874 -7.13 -13.43 -32.92
CA LEU A 1874 -6.67 -14.64 -33.60
C LEU A 1874 -6.39 -14.35 -35.07
N ILE A 1875 -7.28 -13.61 -35.72
CA ILE A 1875 -7.09 -13.30 -37.14
C ILE A 1875 -5.80 -12.49 -37.32
N THR A 1876 -5.60 -11.47 -36.50
CA THR A 1876 -4.44 -10.60 -36.69
C THR A 1876 -3.15 -11.36 -36.41
N VAL A 1877 -3.12 -12.20 -35.39
CA VAL A 1877 -1.90 -12.96 -35.10
C VAL A 1877 -1.62 -13.96 -36.23
N LEU A 1878 -2.65 -14.63 -36.74
CA LEU A 1878 -2.44 -15.55 -37.86
C LEU A 1878 -1.90 -14.83 -39.08
N ILE A 1879 -2.46 -13.65 -39.42
CA ILE A 1879 -1.98 -12.96 -40.61
C ILE A 1879 -0.57 -12.43 -40.41
N GLN A 1880 -0.25 -11.97 -39.19
CA GLN A 1880 1.12 -11.55 -38.90
C GLN A 1880 2.08 -12.72 -39.03
N TYR A 1881 1.67 -13.89 -38.57
CA TYR A 1881 2.48 -15.09 -38.76
C TYR A 1881 2.70 -15.36 -40.24
N ARG A 1882 1.63 -15.27 -41.04
CA ARG A 1882 1.78 -15.47 -42.48
C ARG A 1882 2.63 -14.38 -43.11
N PHE A 1883 2.45 -13.13 -42.68
CA PHE A 1883 3.19 -12.01 -43.23
C PHE A 1883 4.37 -11.67 -42.33
N PHE A 2003 19.47 -26.56 -36.22
CA PHE A 2003 19.35 -27.23 -34.92
C PHE A 2003 18.68 -28.58 -35.08
N ASP A 2004 18.58 -29.32 -33.98
CA ASP A 2004 17.96 -30.65 -33.96
C ASP A 2004 16.60 -30.54 -33.28
N ALA A 2005 15.57 -31.08 -33.93
CA ALA A 2005 14.20 -31.04 -33.41
C ALA A 2005 14.01 -32.23 -32.49
N ILE A 2006 14.22 -32.01 -31.19
CA ILE A 2006 14.10 -33.04 -30.18
C ILE A 2006 13.06 -32.57 -29.17
N THR A 2007 12.07 -33.42 -28.89
CA THR A 2007 11.03 -33.11 -27.92
C THR A 2007 11.53 -33.41 -26.52
N GLU A 2008 11.48 -32.42 -25.63
CA GLU A 2008 12.03 -32.56 -24.30
C GLU A 2008 11.12 -33.43 -23.42
N LEU A 2009 11.74 -34.08 -22.45
CA LEU A 2009 11.02 -34.90 -21.48
C LEU A 2009 10.14 -35.94 -22.18
N LEU A 2010 10.71 -36.61 -23.17
CA LEU A 2010 9.99 -37.56 -24.01
C LEU A 2010 10.76 -38.86 -24.10
N THR A 2011 10.05 -39.99 -24.04
CA THR A 2011 10.66 -41.31 -23.96
C THR A 2011 10.95 -41.86 -25.36
N GLY A 2012 11.90 -42.80 -25.42
CA GLY A 2012 12.34 -43.35 -26.70
C GLY A 2012 11.25 -44.05 -27.47
N ARG A 2013 10.52 -44.97 -26.80
CA ARG A 2013 9.29 -45.50 -27.37
C ARG A 2013 8.48 -44.42 -28.05
N GLU A 2014 8.06 -43.40 -27.31
CA GLU A 2014 7.15 -42.41 -27.87
C GLU A 2014 7.88 -41.44 -28.81
N HIS A 2015 9.16 -41.18 -28.56
CA HIS A 2015 9.98 -40.49 -29.55
C HIS A 2015 9.80 -41.11 -30.94
N VAL A 2016 10.19 -42.38 -31.07
CA VAL A 2016 10.11 -43.05 -32.36
C VAL A 2016 8.67 -43.20 -32.81
N GLU A 2017 7.74 -43.33 -31.86
CA GLU A 2017 6.34 -43.43 -32.23
C GLU A 2017 5.90 -42.21 -33.03
N PHE A 2018 6.13 -41.01 -32.49
CA PHE A 2018 5.72 -39.82 -33.23
C PHE A 2018 6.56 -39.64 -34.49
N PHE A 2019 7.87 -39.88 -34.39
CA PHE A 2019 8.71 -39.71 -35.57
C PHE A 2019 8.27 -40.63 -36.71
N ALA A 2020 7.63 -41.76 -36.38
CA ALA A 2020 6.95 -42.54 -37.40
C ALA A 2020 5.63 -41.88 -37.82
N LEU A 2021 4.89 -41.35 -36.84
CA LEU A 2021 3.63 -40.67 -37.14
C LEU A 2021 3.81 -39.27 -37.68
N LEU A 2022 5.05 -38.78 -37.79
CA LEU A 2022 5.28 -37.41 -38.22
C LEU A 2022 4.60 -37.13 -39.56
N ARG A 2023 4.86 -37.98 -40.55
CA ARG A 2023 4.23 -37.87 -41.87
C ARG A 2023 4.54 -39.16 -42.63
N GLY A 2024 4.23 -39.17 -43.93
CA GLY A 2024 4.44 -40.33 -44.77
C GLY A 2024 3.20 -41.14 -45.07
N VAL A 2025 2.03 -40.69 -44.60
CA VAL A 2025 0.77 -41.39 -44.83
C VAL A 2025 0.90 -42.84 -44.38
N PRO A 2026 1.37 -43.11 -43.16
CA PRO A 2026 1.50 -44.51 -42.72
C PRO A 2026 0.17 -45.24 -42.63
N GLU A 2027 -0.93 -44.55 -42.34
CA GLU A 2027 -2.21 -45.20 -42.14
C GLU A 2027 -2.10 -46.30 -41.09
N LYS A 2028 -2.09 -47.56 -41.52
CA LYS A 2028 -1.91 -48.68 -40.61
C LYS A 2028 -0.46 -49.12 -40.48
N GLU A 2029 0.46 -48.51 -41.23
CA GLU A 2029 1.88 -48.82 -41.14
C GLU A 2029 2.61 -47.96 -40.12
N VAL A 2030 1.87 -47.33 -39.20
CA VAL A 2030 2.48 -46.43 -38.23
C VAL A 2030 3.55 -47.15 -37.43
N GLY A 2031 3.28 -48.39 -37.04
CA GLY A 2031 4.20 -49.19 -36.27
C GLY A 2031 5.26 -49.90 -37.09
N LYS A 2032 5.36 -49.59 -38.38
CA LYS A 2032 6.35 -50.21 -39.26
C LYS A 2032 7.39 -49.23 -39.76
N VAL A 2033 6.96 -48.11 -40.36
CA VAL A 2033 7.91 -47.17 -40.94
C VAL A 2033 8.90 -46.71 -39.89
N GLY A 2034 8.42 -46.34 -38.71
CA GLY A 2034 9.34 -45.96 -37.65
C GLY A 2034 10.34 -47.06 -37.35
N GLU A 2035 9.87 -48.29 -37.21
CA GLU A 2035 10.78 -49.42 -37.07
C GLU A 2035 11.73 -49.50 -38.25
N TRP A 2036 11.19 -49.33 -39.46
CA TRP A 2036 12.05 -49.25 -40.65
C TRP A 2036 13.15 -48.22 -40.44
N ALA A 2037 12.78 -47.03 -39.97
CA ALA A 2037 13.80 -46.01 -39.69
C ALA A 2037 14.85 -46.56 -38.75
N ILE A 2038 14.40 -47.14 -37.63
CA ILE A 2038 15.33 -47.70 -36.66
C ILE A 2038 16.20 -48.75 -37.32
N ARG A 2039 15.63 -49.51 -38.27
CA ARG A 2039 16.40 -50.56 -38.92
C ARG A 2039 17.62 -50.00 -39.63
N LYS A 2040 17.48 -48.82 -40.26
CA LYS A 2040 18.68 -48.20 -40.83
C LYS A 2040 19.66 -47.78 -39.75
N LEU A 2041 19.17 -47.24 -38.63
CA LEU A 2041 20.04 -46.73 -37.58
C LEU A 2041 20.21 -47.68 -36.40
N GLY A 2042 19.58 -48.86 -36.44
CA GLY A 2042 19.78 -49.80 -35.35
C GLY A 2042 19.39 -49.21 -34.01
N LEU A 2043 20.13 -49.60 -32.97
CA LEU A 2043 19.90 -49.11 -31.62
C LEU A 2043 18.43 -49.29 -31.22
N VAL A 2044 17.93 -50.52 -31.41
CA VAL A 2044 16.53 -50.81 -31.10
C VAL A 2044 16.25 -50.59 -29.62
N LYS A 2045 17.26 -50.73 -28.76
CA LYS A 2045 17.10 -50.57 -27.32
C LYS A 2045 18.07 -49.58 -26.69
N TYR A 2046 19.31 -49.49 -27.18
CA TYR A 2046 20.29 -48.60 -26.55
C TYR A 2046 19.92 -47.13 -26.77
N GLY A 2047 19.60 -46.76 -28.00
CA GLY A 2047 19.14 -45.42 -28.28
C GLY A 2047 17.65 -45.24 -28.18
N GLU A 2048 16.95 -46.22 -27.61
CA GLU A 2048 15.50 -46.21 -27.53
C GLU A 2048 15.08 -46.60 -26.11
N LYS A 2049 13.85 -46.28 -25.76
CA LYS A 2049 13.29 -46.39 -24.41
C LYS A 2049 13.91 -45.36 -23.47
N TYR A 2050 14.93 -44.63 -23.88
CA TYR A 2050 15.65 -43.74 -22.99
C TYR A 2050 14.80 -42.51 -22.68
N ALA A 2051 14.67 -42.19 -21.40
CA ALA A 2051 13.89 -41.03 -20.99
C ALA A 2051 14.71 -39.75 -21.20
N GLY A 2052 14.00 -38.66 -21.46
CA GLY A 2052 14.68 -37.40 -21.70
C GLY A 2052 15.53 -37.46 -22.95
N ASN A 2053 16.65 -36.74 -22.92
CA ASN A 2053 17.57 -36.66 -24.04
C ASN A 2053 18.99 -36.87 -23.53
N TYR A 2054 19.81 -37.52 -24.37
CA TYR A 2054 21.20 -37.83 -24.04
C TYR A 2054 22.10 -36.92 -24.87
N SER A 2055 23.41 -37.03 -24.65
CA SER A 2055 24.38 -36.15 -25.31
C SER A 2055 24.17 -36.10 -26.82
N GLY A 2056 24.71 -35.06 -27.46
CA GLY A 2056 24.44 -34.76 -28.85
C GLY A 2056 24.49 -35.92 -29.82
N GLY A 2057 25.18 -36.99 -29.47
CA GLY A 2057 25.28 -38.15 -30.35
C GLY A 2057 23.92 -38.72 -30.70
N ASN A 2058 23.17 -39.16 -29.70
CA ASN A 2058 21.84 -39.71 -29.95
C ASN A 2058 20.89 -38.64 -30.47
N LYS A 2059 21.07 -37.38 -30.07
CA LYS A 2059 20.21 -36.32 -30.61
C LYS A 2059 20.38 -36.22 -32.12
N ARG A 2060 21.62 -36.24 -32.60
CA ARG A 2060 21.86 -36.19 -34.04
C ARG A 2060 21.41 -37.48 -34.71
N LYS A 2061 21.56 -38.62 -34.03
CA LYS A 2061 21.05 -39.88 -34.57
C LYS A 2061 19.55 -39.78 -34.85
N LEU A 2062 18.78 -39.34 -33.85
CA LEU A 2062 17.34 -39.19 -34.03
C LEU A 2062 17.02 -38.12 -35.07
N SER A 2063 17.79 -37.03 -35.12
CA SER A 2063 17.54 -35.99 -36.10
C SER A 2063 17.69 -36.53 -37.52
N THR A 2064 18.75 -37.32 -37.76
CA THR A 2064 18.93 -37.89 -39.09
C THR A 2064 17.91 -38.99 -39.38
N ALA A 2065 17.49 -39.74 -38.35
CA ALA A 2065 16.45 -40.75 -38.54
C ALA A 2065 15.15 -40.09 -38.98
N MET A 2066 14.79 -38.97 -38.35
CA MET A 2066 13.58 -38.24 -38.71
C MET A 2066 13.76 -37.39 -39.97
N ALA A 2067 15.00 -37.18 -40.42
CA ALA A 2067 15.20 -36.45 -41.67
C ALA A 2067 14.60 -37.22 -42.85
N LEU A 2068 14.82 -38.54 -42.90
CA LEU A 2068 14.29 -39.37 -43.99
C LEU A 2068 13.01 -40.05 -43.50
N ILE A 2069 11.93 -39.26 -43.45
CA ILE A 2069 10.64 -39.82 -43.08
C ILE A 2069 10.14 -40.78 -44.16
N GLY A 2070 10.42 -40.46 -45.43
CA GLY A 2070 10.06 -41.32 -46.54
C GLY A 2070 11.11 -41.26 -47.62
N GLY A 2071 10.69 -41.35 -48.88
CA GLY A 2071 11.59 -41.17 -50.00
C GLY A 2071 11.37 -39.85 -50.70
N PRO A 2072 12.23 -38.86 -50.41
CA PRO A 2072 12.18 -37.60 -51.14
C PRO A 2072 13.16 -37.61 -52.29
N PRO A 2073 12.99 -36.72 -53.27
CA PRO A 2073 13.99 -36.64 -54.35
C PRO A 2073 15.39 -36.34 -53.85
N VAL A 2074 15.51 -35.49 -52.82
CA VAL A 2074 16.80 -35.12 -52.25
C VAL A 2074 16.63 -34.95 -50.74
N VAL A 2075 17.73 -35.14 -50.02
CA VAL A 2075 17.79 -34.92 -48.58
C VAL A 2075 18.98 -34.00 -48.31
N PHE A 2076 18.71 -32.89 -47.63
CA PHE A 2076 19.76 -31.92 -47.29
C PHE A 2076 20.24 -32.19 -45.88
N LEU A 2077 21.56 -32.35 -45.71
CA LEU A 2077 22.16 -32.60 -44.41
C LEU A 2077 23.20 -31.52 -44.14
N ASP A 2078 22.91 -30.68 -43.16
CA ASP A 2078 23.84 -29.63 -42.72
C ASP A 2078 24.47 -30.08 -41.40
N GLU A 2079 25.79 -30.19 -41.38
CA GLU A 2079 26.53 -30.68 -40.23
C GLU A 2079 26.01 -32.06 -39.81
N PRO A 2080 26.22 -33.09 -40.64
CA PRO A 2080 25.62 -34.40 -40.33
C PRO A 2080 26.01 -34.97 -38.98
N THR A 2081 27.26 -34.78 -38.54
CA THR A 2081 27.77 -35.47 -37.37
C THR A 2081 28.51 -34.54 -36.40
N THR A 2082 28.42 -33.23 -36.60
CA THR A 2082 29.15 -32.32 -35.73
C THR A 2082 28.76 -32.54 -34.28
N GLY A 2083 29.76 -32.64 -33.41
CA GLY A 2083 29.54 -32.87 -31.99
C GLY A 2083 30.36 -34.01 -31.45
N MET A 2084 29.88 -34.65 -30.38
CA MET A 2084 30.56 -35.79 -29.80
C MET A 2084 30.46 -36.98 -30.74
N ASP A 2085 31.60 -37.43 -31.27
CA ASP A 2085 31.65 -38.44 -32.31
C ASP A 2085 32.68 -39.51 -31.97
N PRO A 2086 32.43 -40.31 -30.93
CA PRO A 2086 33.32 -41.46 -30.69
C PRO A 2086 33.27 -42.48 -31.81
N LYS A 2087 32.07 -43.00 -32.11
CA LYS A 2087 31.86 -43.83 -33.28
C LYS A 2087 30.69 -43.36 -34.15
N ALA A 2088 30.00 -42.29 -33.76
CA ALA A 2088 28.83 -41.85 -34.52
C ALA A 2088 29.20 -41.54 -35.97
N ARG A 2089 30.42 -41.07 -36.21
CA ARG A 2089 30.82 -40.74 -37.58
C ARG A 2089 30.67 -41.95 -38.50
N ARG A 2090 31.27 -43.08 -38.11
CA ARG A 2090 31.28 -44.25 -38.98
C ARG A 2090 29.87 -44.78 -39.22
N PHE A 2091 29.08 -44.89 -38.16
CA PHE A 2091 27.73 -45.44 -38.32
C PHE A 2091 26.85 -44.52 -39.15
N LEU A 2092 26.88 -43.22 -38.87
CA LEU A 2092 26.08 -42.28 -39.65
C LEU A 2092 26.53 -42.25 -41.10
N TRP A 2093 27.83 -42.34 -41.35
CA TRP A 2093 28.33 -42.35 -42.72
C TRP A 2093 27.89 -43.62 -43.45
N ASN A 2094 27.90 -44.76 -42.75
CA ASN A 2094 27.40 -45.99 -43.33
C ASN A 2094 25.93 -45.87 -43.71
N CYS A 2095 25.12 -45.29 -42.81
CA CYS A 2095 23.71 -45.09 -43.12
C CYS A 2095 23.53 -44.17 -44.31
N ALA A 2096 24.30 -43.08 -44.36
CA ALA A 2096 24.18 -42.13 -45.46
C ALA A 2096 24.57 -42.77 -46.79
N LEU A 2097 25.68 -43.51 -46.82
CA LEU A 2097 26.10 -44.13 -48.07
C LEU A 2097 25.14 -45.24 -48.48
N SER A 2098 24.55 -45.95 -47.53
CA SER A 2098 23.50 -46.90 -47.89
C SER A 2098 22.31 -46.19 -48.54
N VAL A 2099 21.84 -45.10 -47.90
CA VAL A 2099 20.73 -44.35 -48.46
C VAL A 2099 21.06 -43.89 -49.88
N VAL A 2100 22.30 -43.46 -50.10
CA VAL A 2100 22.74 -43.13 -51.46
C VAL A 2100 22.68 -44.37 -52.35
N LYS A 2101 23.01 -45.54 -51.79
CA LYS A 2101 22.99 -46.76 -52.58
C LYS A 2101 21.59 -47.04 -53.11
N GLU A 2102 20.56 -46.88 -52.28
CA GLU A 2102 19.21 -46.92 -52.83
C GLU A 2102 18.99 -45.77 -53.80
N GLY A 2103 19.66 -44.64 -53.59
CA GLY A 2103 19.61 -43.54 -54.53
C GLY A 2103 18.71 -42.40 -54.09
N ARG A 2104 19.31 -41.36 -53.52
CA ARG A 2104 18.56 -40.17 -53.14
C ARG A 2104 19.29 -38.87 -53.47
N SER A 2105 20.51 -38.93 -54.00
CA SER A 2105 21.30 -37.75 -54.31
C SER A 2105 21.33 -36.78 -53.13
N VAL A 2106 21.87 -37.28 -52.01
CA VAL A 2106 21.93 -36.48 -50.79
C VAL A 2106 22.81 -35.26 -51.03
N VAL A 2107 22.44 -34.14 -50.42
CA VAL A 2107 23.17 -32.89 -50.51
C VAL A 2107 23.82 -32.62 -49.16
N LEU A 2108 25.11 -32.27 -49.18
CA LEU A 2108 25.87 -31.98 -47.97
C LEU A 2108 26.48 -30.60 -48.09
N THR A 2109 26.32 -29.79 -47.05
CA THR A 2109 26.92 -28.47 -46.96
C THR A 2109 27.52 -28.25 -45.57
N SER A 2110 28.12 -29.31 -45.02
CA SER A 2110 28.62 -29.26 -43.66
C SER A 2110 29.86 -28.37 -43.57
N HIS A 2111 30.14 -27.92 -42.35
CA HIS A 2111 31.36 -27.19 -42.04
C HIS A 2111 32.51 -28.12 -41.69
N SER A 2112 32.30 -29.43 -41.79
CA SER A 2112 33.36 -30.43 -41.68
C SER A 2112 33.64 -30.93 -43.09
N MET A 2113 34.73 -30.45 -43.69
CA MET A 2113 34.98 -30.72 -45.10
C MET A 2113 35.33 -32.18 -45.35
N GLU A 2114 36.19 -32.76 -44.51
CA GLU A 2114 36.72 -34.09 -44.80
C GLU A 2114 35.59 -35.10 -44.95
N GLU A 2115 34.63 -35.09 -44.03
CA GLU A 2115 33.52 -36.04 -44.12
C GLU A 2115 32.67 -35.77 -45.35
N CYS A 2116 32.37 -34.50 -45.64
CA CYS A 2116 31.46 -34.19 -46.73
C CYS A 2116 32.05 -34.63 -48.07
N GLU A 2117 33.35 -34.38 -48.29
CA GLU A 2117 33.97 -34.75 -49.55
C GLU A 2117 34.49 -36.18 -49.55
N ALA A 2118 34.48 -36.87 -48.40
CA ALA A 2118 34.74 -38.31 -48.41
C ALA A 2118 33.47 -39.10 -48.69
N LEU A 2119 32.30 -38.55 -48.33
CA LEU A 2119 31.02 -39.20 -48.60
C LEU A 2119 30.44 -38.76 -49.93
N CYS A 2120 30.27 -37.44 -50.11
CA CYS A 2120 29.68 -36.93 -51.34
C CYS A 2120 30.67 -37.05 -52.49
N THR A 2121 30.12 -37.09 -53.70
CA THR A 2121 30.92 -37.18 -54.92
C THR A 2121 30.82 -35.91 -55.75
N GLY A 2135 32.95 -31.86 -60.16
CA GLY A 2135 31.90 -32.57 -59.46
C GLY A 2135 32.44 -33.62 -58.51
N SER A 2136 33.02 -34.69 -59.06
CA SER A 2136 33.58 -35.76 -58.25
C SER A 2136 34.77 -35.24 -57.46
N VAL A 2137 34.83 -35.61 -56.17
CA VAL A 2137 35.93 -35.16 -55.32
C VAL A 2137 37.27 -35.64 -55.88
N GLN A 2138 37.29 -36.85 -56.44
CA GLN A 2138 38.53 -37.40 -56.97
C GLN A 2138 39.08 -36.53 -58.09
N HIS A 2139 38.20 -36.05 -58.97
CA HIS A 2139 38.63 -35.18 -60.07
C HIS A 2139 39.26 -33.91 -59.52
N LEU A 2140 38.62 -33.27 -58.53
CA LEU A 2140 39.15 -32.04 -57.96
C LEU A 2140 40.50 -32.27 -57.30
N LYS A 2141 40.62 -33.35 -56.52
CA LYS A 2141 41.87 -33.60 -55.81
C LYS A 2141 42.97 -34.14 -56.71
N ASN A 2142 42.64 -34.59 -57.92
CA ASN A 2142 43.66 -35.00 -58.87
C ASN A 2142 44.13 -33.83 -59.74
N ARG A 2143 43.21 -33.16 -60.42
CA ARG A 2143 43.59 -32.14 -61.40
C ARG A 2143 43.74 -30.75 -60.80
N PHE A 2144 42.94 -30.40 -59.80
CA PHE A 2144 43.01 -29.09 -59.17
C PHE A 2144 43.89 -29.09 -57.92
N GLY A 2145 44.53 -30.21 -57.58
CA GLY A 2145 45.35 -30.29 -56.40
C GLY A 2145 46.82 -30.04 -56.68
N ASP A 2146 47.60 -30.07 -55.61
CA ASP A 2146 49.04 -29.88 -55.66
C ASP A 2146 49.72 -31.24 -55.84
N GLY A 2147 51.05 -31.28 -55.66
CA GLY A 2147 51.78 -32.52 -55.83
C GLY A 2147 51.62 -33.47 -54.65
N TYR A 2148 52.00 -34.72 -54.89
CA TYR A 2148 51.84 -35.77 -53.88
C TYR A 2148 52.77 -35.53 -52.70
N THR A 2149 52.30 -35.87 -51.51
CA THR A 2149 53.04 -35.70 -50.27
C THR A 2149 53.78 -36.99 -49.94
N ILE A 2150 55.10 -36.91 -49.79
CA ILE A 2150 55.94 -38.06 -49.51
C ILE A 2150 56.50 -37.92 -48.10
N VAL A 2151 56.37 -38.97 -47.30
CA VAL A 2151 56.96 -39.03 -45.97
C VAL A 2151 57.87 -40.26 -45.92
N VAL A 2152 59.12 -40.05 -45.49
CA VAL A 2152 60.13 -41.09 -45.44
C VAL A 2152 60.75 -41.09 -44.04
N ARG A 2153 61.01 -42.27 -43.51
CA ARG A 2153 61.55 -42.43 -42.16
C ARG A 2153 62.99 -42.93 -42.24
N ILE A 2154 63.85 -42.34 -41.41
CA ILE A 2154 65.27 -42.69 -41.35
C ILE A 2154 65.61 -43.05 -39.91
N ALA A 2155 66.43 -44.09 -39.75
CA ALA A 2155 66.80 -44.60 -38.44
C ALA A 2155 68.29 -44.41 -38.18
N GLY A 2156 68.66 -44.47 -36.91
CA GLY A 2156 70.05 -44.45 -36.50
C GLY A 2156 70.65 -43.07 -36.34
N SER A 2157 70.99 -42.42 -37.46
CA SER A 2157 71.71 -41.15 -37.42
C SER A 2157 71.12 -40.21 -38.47
N ASN A 2158 70.94 -38.94 -38.07
CA ASN A 2158 70.33 -37.94 -38.94
C ASN A 2158 71.26 -37.46 -40.06
N PRO A 2159 72.63 -37.50 -39.93
CA PRO A 2159 73.47 -36.94 -41.00
C PRO A 2159 72.99 -37.26 -42.40
N ASP A 2160 72.49 -38.49 -42.58
CA ASP A 2160 72.07 -38.97 -43.89
C ASP A 2160 70.91 -38.17 -44.45
N LEU A 2161 70.44 -37.15 -43.71
CA LEU A 2161 69.44 -36.25 -44.28
C LEU A 2161 70.05 -35.34 -45.33
N LYS A 2162 71.37 -35.12 -45.29
CA LYS A 2162 71.99 -34.24 -46.28
C LYS A 2162 71.91 -34.80 -47.69
N PRO A 2163 72.27 -36.07 -47.95
CA PRO A 2163 72.24 -36.55 -49.34
C PRO A 2163 70.84 -36.85 -49.84
N VAL A 2164 69.92 -37.27 -48.97
CA VAL A 2164 68.59 -37.66 -49.44
C VAL A 2164 67.93 -36.50 -50.16
N GLN A 2165 68.05 -35.29 -49.61
CA GLN A 2165 67.50 -34.11 -50.28
C GLN A 2165 68.31 -33.77 -51.52
N ASP A 2166 69.62 -33.98 -51.48
CA ASP A 2166 70.49 -33.55 -52.58
C ASP A 2166 69.99 -34.10 -53.92
N PHE A 2167 69.96 -35.44 -54.06
CA PHE A 2167 69.47 -35.99 -55.31
C PHE A 2167 67.98 -35.72 -55.49
N PHE A 2168 67.26 -35.50 -54.40
CA PHE A 2168 65.87 -35.07 -54.51
C PHE A 2168 65.77 -33.77 -55.28
N GLY A 2169 66.79 -32.90 -55.14
CA GLY A 2169 66.86 -31.69 -55.94
C GLY A 2169 67.48 -31.88 -57.30
N LEU A 2170 68.16 -33.01 -57.53
CA LEU A 2170 68.78 -33.25 -58.83
C LEU A 2170 67.82 -33.95 -59.78
N ALA A 2171 67.32 -35.13 -59.38
CA ALA A 2171 66.35 -35.84 -60.20
C ALA A 2171 65.02 -35.12 -60.29
N PHE A 2172 64.69 -34.29 -59.30
CA PHE A 2172 63.45 -33.51 -59.28
C PHE A 2172 63.81 -32.05 -59.07
N PRO A 2173 64.19 -31.33 -60.13
CA PRO A 2173 64.50 -29.90 -59.95
C PRO A 2173 63.37 -29.12 -59.32
N GLY A 2174 62.12 -29.45 -59.65
CA GLY A 2174 60.98 -28.82 -59.01
C GLY A 2174 60.51 -29.60 -57.80
N SER A 2175 60.91 -29.17 -56.61
CA SER A 2175 60.55 -29.85 -55.38
C SER A 2175 60.35 -28.82 -54.28
N VAL A 2176 59.52 -29.18 -53.30
CA VAL A 2176 59.21 -28.31 -52.18
C VAL A 2176 59.19 -29.15 -50.90
N LEU A 2177 59.69 -28.57 -49.81
CA LEU A 2177 59.70 -29.20 -48.50
C LEU A 2177 58.93 -28.33 -47.52
N LYS A 2178 58.08 -28.95 -46.71
CA LYS A 2178 57.24 -28.25 -45.75
C LYS A 2178 57.58 -28.56 -44.31
N GLU A 2179 57.99 -29.79 -44.00
CA GLU A 2179 58.32 -30.20 -42.65
C GLU A 2179 59.62 -30.98 -42.66
N LYS A 2180 60.45 -30.76 -41.64
CA LYS A 2180 61.71 -31.49 -41.52
C LYS A 2180 62.24 -31.34 -40.10
N HIS A 2181 62.42 -32.46 -39.41
CA HIS A 2181 63.06 -32.48 -38.11
C HIS A 2181 63.90 -33.75 -38.02
N ARG A 2182 64.54 -33.94 -36.86
CA ARG A 2182 65.52 -35.00 -36.71
C ARG A 2182 64.97 -36.36 -37.14
N ASN A 2183 65.52 -36.90 -38.22
CA ASN A 2183 65.23 -38.24 -38.73
C ASN A 2183 63.88 -38.37 -39.42
N MET A 2184 63.14 -37.27 -39.61
CA MET A 2184 61.92 -37.30 -40.39
C MET A 2184 61.82 -36.05 -41.24
N LEU A 2185 61.18 -36.17 -42.41
CA LEU A 2185 61.03 -35.05 -43.32
C LEU A 2185 59.88 -35.34 -44.27
N GLN A 2186 59.42 -34.29 -44.94
CA GLN A 2186 58.25 -34.33 -45.80
C GLN A 2186 58.58 -33.63 -47.12
N TYR A 2187 57.97 -34.13 -48.21
CA TYR A 2187 58.22 -33.62 -49.54
C TYR A 2187 56.91 -33.44 -50.28
N GLN A 2188 56.88 -32.48 -51.21
CA GLN A 2188 55.68 -32.14 -51.96
C GLN A 2188 55.75 -32.51 -53.44
N LEU A 2189 56.86 -32.22 -54.12
CA LEU A 2189 56.98 -32.53 -55.54
C LEU A 2189 55.76 -32.06 -56.31
N PRO A 2190 55.60 -30.75 -56.52
CA PRO A 2190 54.39 -30.26 -57.19
C PRO A 2190 54.18 -30.82 -58.58
N SER A 2191 55.22 -31.36 -59.22
CA SER A 2191 55.08 -31.84 -60.60
C SER A 2191 54.00 -32.90 -60.70
N SER A 2192 54.09 -33.95 -59.88
CA SER A 2192 53.11 -35.03 -59.85
C SER A 2192 52.72 -35.47 -61.26
N LEU A 2193 53.72 -35.76 -62.07
CA LEU A 2193 53.54 -36.18 -63.46
C LEU A 2193 54.20 -37.53 -63.69
N SER A 2194 54.01 -38.05 -64.90
CA SER A 2194 54.55 -39.36 -65.30
C SER A 2194 53.94 -40.49 -64.47
N SER A 2195 52.81 -40.25 -63.83
CA SER A 2195 52.17 -41.24 -62.97
C SER A 2195 53.08 -41.58 -61.79
N LEU A 2196 52.50 -42.19 -60.74
CA LEU A 2196 53.29 -42.56 -59.59
C LEU A 2196 54.31 -43.66 -59.91
N ALA A 2197 54.14 -44.37 -61.02
CA ALA A 2197 54.98 -45.53 -61.30
C ALA A 2197 56.45 -45.14 -61.37
N ARG A 2198 56.78 -44.15 -62.21
CA ARG A 2198 58.19 -43.84 -62.46
C ARG A 2198 58.86 -43.29 -61.21
N ILE A 2199 58.23 -42.29 -60.58
CA ILE A 2199 58.84 -41.68 -59.39
C ILE A 2199 58.97 -42.70 -58.28
N PHE A 2200 57.93 -43.52 -58.07
CA PHE A 2200 57.99 -44.53 -57.03
C PHE A 2200 59.13 -45.51 -57.29
N SER A 2201 59.25 -45.98 -58.54
CA SER A 2201 60.29 -46.95 -58.86
C SER A 2201 61.68 -46.37 -58.66
N ILE A 2202 61.90 -45.13 -59.10
CA ILE A 2202 63.24 -44.56 -58.98
C ILE A 2202 63.57 -44.27 -57.51
N LEU A 2203 62.61 -43.75 -56.76
CA LEU A 2203 62.82 -43.55 -55.32
C LEU A 2203 63.14 -44.88 -54.64
N SER A 2204 62.44 -45.95 -55.01
CA SER A 2204 62.72 -47.25 -54.42
C SER A 2204 64.14 -47.70 -54.73
N GLN A 2205 64.48 -47.77 -56.02
CA GLN A 2205 65.79 -48.27 -56.40
C GLN A 2205 66.92 -47.40 -55.85
N SER A 2206 66.62 -46.15 -55.49
CA SER A 2206 67.65 -45.30 -54.90
C SER A 2206 67.75 -45.50 -53.39
N LYS A 2207 66.62 -45.40 -52.68
CA LYS A 2207 66.67 -45.35 -51.23
C LYS A 2207 66.81 -46.75 -50.61
N LYS A 2208 66.23 -47.79 -51.21
CA LYS A 2208 66.57 -49.14 -50.76
C LYS A 2208 68.06 -49.36 -50.84
N ARG A 2209 68.71 -48.75 -51.84
CA ARG A 2209 70.16 -48.85 -51.94
C ARG A 2209 70.84 -48.03 -50.85
N LEU A 2210 70.33 -46.83 -50.55
CA LEU A 2210 71.12 -45.94 -49.70
C LEU A 2210 70.99 -46.26 -48.21
N HIS A 2211 69.86 -45.93 -47.58
CA HIS A 2211 69.65 -46.36 -46.20
C HIS A 2211 68.19 -46.62 -45.84
N ILE A 2212 67.27 -46.10 -46.64
CA ILE A 2212 65.91 -45.90 -46.14
C ILE A 2212 65.19 -47.23 -45.97
N GLU A 2213 64.19 -47.23 -45.07
CA GLU A 2213 63.46 -48.44 -44.71
C GLU A 2213 61.95 -48.30 -44.79
N ASP A 2214 61.39 -47.10 -44.63
CA ASP A 2214 59.95 -46.92 -44.61
C ASP A 2214 59.58 -45.60 -45.28
N TYR A 2215 58.48 -45.62 -46.04
CA TYR A 2215 58.05 -44.46 -46.79
C TYR A 2215 56.59 -44.62 -47.19
N SER A 2216 55.98 -43.50 -47.58
CA SER A 2216 54.60 -43.52 -48.06
C SER A 2216 54.32 -42.25 -48.84
N VAL A 2217 53.61 -42.39 -49.96
CA VAL A 2217 53.25 -41.30 -50.85
C VAL A 2217 51.73 -41.19 -50.90
N SER A 2218 51.22 -39.99 -50.61
CA SER A 2218 49.79 -39.72 -50.48
C SER A 2218 49.37 -38.64 -51.47
N GLN A 2219 48.10 -38.70 -51.87
CA GLN A 2219 47.51 -37.60 -52.61
C GLN A 2219 47.38 -36.39 -51.69
N THR A 2220 47.38 -35.21 -52.29
CA THR A 2220 47.27 -33.97 -51.51
C THR A 2220 46.12 -34.07 -50.52
N THR A 2221 46.27 -33.39 -49.39
CA THR A 2221 45.24 -33.41 -48.35
C THR A 2221 43.89 -33.08 -48.98
N LEU A 2222 42.90 -33.91 -48.66
CA LEU A 2222 41.62 -33.83 -49.34
C LEU A 2222 40.97 -32.46 -49.20
N ASP A 2223 41.31 -31.72 -48.14
CA ASP A 2223 40.74 -30.40 -47.92
C ASP A 2223 41.58 -29.27 -48.47
N GLN A 2224 42.87 -29.51 -48.75
CA GLN A 2224 43.75 -28.43 -49.18
C GLN A 2224 43.30 -27.80 -50.49
N VAL A 2225 42.58 -28.55 -51.32
CA VAL A 2225 42.15 -28.03 -52.62
C VAL A 2225 41.26 -26.80 -52.43
N PHE A 2226 40.32 -26.87 -51.50
CA PHE A 2226 39.46 -25.72 -51.24
C PHE A 2226 40.22 -24.63 -50.49
N VAL A 2227 41.19 -25.02 -49.66
CA VAL A 2227 42.01 -24.08 -48.92
C VAL A 2227 42.73 -23.16 -49.90
N ASN A 2228 43.25 -23.75 -50.98
CA ASN A 2228 43.91 -22.93 -52.00
C ASN A 2228 42.96 -21.88 -52.55
N PHE A 2229 41.69 -22.22 -52.70
CA PHE A 2229 40.69 -21.28 -53.19
C PHE A 2229 40.17 -20.39 -52.06
#